data_7NF9
#
_entry.id   7NF9
#
loop_
_entity.id
_entity.type
_entity.pdbx_description
1 polymer 'Chromatin-linked adaptor for MSL proteins, isoform A'
2 non-polymer 'ZINC ION'
#
_entity_poly.entity_id   1
_entity_poly.type   'polypeptide(L)'
_entity_poly.pdbx_seq_one_letter_code
;SGSNGMPLNQGAALGIATVDAQGRIQIVNQNKPIAANTISNISFKCDVCSDMFPHLALLNAHKRMHTDGE
;
_entity_poly.pdbx_strand_id   A
#
loop_
_chem_comp.id
_chem_comp.type
_chem_comp.name
_chem_comp.formula
ZN non-polymer 'ZINC ION' 'Zn 2'
#
# COMPACT_ATOMS: atom_id res chain seq x y z
N ASN A 4 -5.14 -19.25 3.25
CA ASN A 4 -5.43 -18.29 4.36
C ASN A 4 -4.26 -18.21 5.33
N GLY A 5 -4.26 -17.16 6.14
CA GLY A 5 -3.20 -16.98 7.12
C GLY A 5 -2.04 -16.17 6.57
N MET A 6 -1.22 -15.65 7.46
CA MET A 6 -0.07 -14.84 7.07
C MET A 6 1.23 -15.65 7.12
N PRO A 7 2.12 -15.48 6.14
CA PRO A 7 3.41 -16.19 6.09
C PRO A 7 4.30 -15.82 7.27
N LEU A 8 5.20 -16.72 7.63
CA LEU A 8 6.11 -16.47 8.75
C LEU A 8 6.89 -15.18 8.53
N ASN A 9 6.95 -14.34 9.56
CA ASN A 9 7.66 -13.07 9.46
C ASN A 9 9.14 -13.26 9.78
N GLN A 10 9.89 -12.16 9.73
CA GLN A 10 11.33 -12.20 10.00
C GLN A 10 12.02 -13.08 8.97
N GLY A 11 11.56 -12.99 7.73
CA GLY A 11 12.14 -13.77 6.65
C GLY A 11 11.86 -13.17 5.30
N ALA A 12 12.03 -13.96 4.24
CA ALA A 12 11.78 -13.48 2.89
C ALA A 12 11.32 -14.61 1.98
N ALA A 13 10.66 -14.24 0.88
CA ALA A 13 10.17 -15.23 -0.08
C ALA A 13 11.28 -15.66 -1.03
N LEU A 14 12.04 -14.68 -1.52
CA LEU A 14 13.13 -14.95 -2.44
C LEU A 14 14.47 -14.56 -1.82
N GLY A 15 15.49 -15.41 -2.03
CA GLY A 15 16.79 -15.13 -1.48
C GLY A 15 17.55 -16.39 -1.09
N ILE A 16 18.50 -16.24 -0.17
CA ILE A 16 19.30 -17.37 0.29
C ILE A 16 18.98 -17.70 1.74
N ALA A 17 18.91 -18.98 2.07
CA ALA A 17 18.60 -19.41 3.43
C ALA A 17 19.87 -19.86 4.17
N THR A 18 19.79 -19.88 5.49
CA THR A 18 20.92 -20.29 6.31
C THR A 18 20.82 -21.77 6.70
N VAL A 19 20.11 -22.54 5.89
CA VAL A 19 19.93 -23.95 6.15
C VAL A 19 20.90 -24.79 5.33
N ASP A 20 21.73 -25.55 6.02
CA ASP A 20 22.72 -26.41 5.37
C ASP A 20 22.22 -27.85 5.33
N ALA A 21 23.15 -28.81 5.25
CA ALA A 21 22.80 -30.22 5.21
C ALA A 21 21.74 -30.57 6.25
N GLN A 22 21.88 -29.99 7.44
CA GLN A 22 20.93 -30.24 8.52
C GLN A 22 20.26 -28.94 8.97
N GLY A 23 18.96 -29.02 9.26
CA GLY A 23 18.23 -27.84 9.69
C GLY A 23 16.72 -28.07 9.72
N ARG A 24 15.98 -27.01 10.01
CA ARG A 24 14.52 -27.09 10.07
C ARG A 24 13.92 -27.15 8.67
N ILE A 25 12.78 -27.83 8.54
CA ILE A 25 12.09 -27.96 7.27
C ILE A 25 11.29 -26.71 6.95
N GLN A 26 11.55 -26.11 5.79
CA GLN A 26 10.85 -24.92 5.36
C GLN A 26 9.48 -25.25 4.78
N ILE A 27 8.60 -24.26 4.74
CA ILE A 27 7.24 -24.43 4.21
C ILE A 27 7.26 -25.11 2.85
N VAL A 28 6.15 -25.79 2.52
CA VAL A 28 6.03 -26.46 1.23
C VAL A 28 5.36 -25.52 0.24
N ASN A 29 6.08 -25.20 -0.85
CA ASN A 29 5.56 -24.27 -1.84
C ASN A 29 5.41 -24.91 -3.22
N GLN A 30 4.27 -24.67 -3.85
CA GLN A 30 3.99 -25.18 -5.18
C GLN A 30 4.17 -24.08 -6.21
N ASN A 31 3.38 -23.03 -6.05
CA ASN A 31 3.42 -21.87 -6.94
C ASN A 31 2.72 -20.69 -6.28
N LYS A 32 3.49 -19.67 -5.91
CA LYS A 32 2.92 -18.50 -5.25
C LYS A 32 2.29 -17.54 -6.25
N PRO A 33 0.95 -17.45 -6.27
CA PRO A 33 0.23 -16.55 -7.19
C PRO A 33 0.59 -15.09 -6.97
N ILE A 34 0.54 -14.31 -8.04
CA ILE A 34 0.85 -12.89 -7.94
C ILE A 34 -0.24 -12.04 -8.61
N ALA A 35 -0.56 -10.91 -7.97
CA ALA A 35 -1.59 -10.00 -8.46
C ALA A 35 -2.91 -10.22 -7.72
N ALA A 36 -2.93 -9.84 -6.44
CA ALA A 36 -4.11 -10.00 -5.61
C ALA A 36 -4.26 -8.82 -4.65
N ASN A 37 -5.39 -8.78 -3.94
CA ASN A 37 -5.66 -7.71 -2.99
C ASN A 37 -4.95 -7.93 -1.66
N THR A 38 -3.69 -7.50 -1.58
CA THR A 38 -2.91 -7.65 -0.35
C THR A 38 -2.44 -6.28 0.15
N ILE A 39 -3.12 -5.23 -0.28
CA ILE A 39 -2.77 -3.86 0.11
C ILE A 39 -1.27 -3.64 0.14
N SER A 40 -0.62 -3.83 -1.00
CA SER A 40 0.83 -3.63 -1.10
C SER A 40 1.14 -2.22 -1.58
N ASN A 41 0.86 -1.24 -0.71
CA ASN A 41 1.10 0.16 -1.04
C ASN A 41 0.36 0.55 -2.31
N ILE A 42 -0.90 0.16 -2.37
CA ILE A 42 -1.75 0.46 -3.51
C ILE A 42 -2.96 1.28 -3.07
N SER A 43 -3.21 2.39 -3.75
CA SER A 43 -4.33 3.26 -3.41
C SER A 43 -5.37 3.29 -4.53
N PHE A 44 -6.64 3.13 -4.15
CA PHE A 44 -7.72 3.15 -5.12
C PHE A 44 -8.18 4.58 -5.37
N LYS A 45 -7.94 5.07 -6.58
CA LYS A 45 -8.29 6.44 -6.94
C LYS A 45 -9.31 6.47 -8.09
N CYS A 46 -10.25 7.40 -8.00
CA CYS A 46 -11.28 7.54 -9.02
C CYS A 46 -10.86 8.58 -10.06
N ASP A 47 -10.67 8.10 -11.29
CA ASP A 47 -10.23 8.95 -12.39
C ASP A 47 -11.31 9.94 -12.84
N VAL A 48 -12.57 9.64 -12.54
CA VAL A 48 -13.67 10.51 -12.97
C VAL A 48 -13.66 11.86 -12.25
N CYS A 49 -13.61 11.84 -10.92
CA CYS A 49 -13.59 13.08 -10.14
C CYS A 49 -12.42 13.13 -9.17
N SER A 50 -11.46 12.23 -9.35
CA SER A 50 -10.28 12.18 -8.48
C SER A 50 -10.67 11.80 -7.05
N ASP A 51 -11.64 10.88 -6.92
CA ASP A 51 -12.08 10.40 -5.62
C ASP A 51 -11.34 9.13 -5.26
N MET A 52 -10.46 9.22 -4.27
CA MET A 52 -9.67 8.08 -3.83
C MET A 52 -9.96 7.74 -2.38
N PHE A 53 -10.01 6.44 -2.07
CA PHE A 53 -10.30 5.98 -0.72
C PHE A 53 -9.45 4.77 -0.37
N PRO A 54 -9.26 4.50 0.93
CA PRO A 54 -8.47 3.38 1.41
C PRO A 54 -9.19 2.04 1.24
N HIS A 55 -10.46 2.09 0.84
CA HIS A 55 -11.25 0.89 0.66
C HIS A 55 -11.73 0.73 -0.78
N LEU A 56 -11.78 -0.51 -1.24
CA LEU A 56 -12.24 -0.81 -2.59
C LEU A 56 -13.74 -0.57 -2.70
N ALA A 57 -14.45 -0.97 -1.65
CA ALA A 57 -15.90 -0.79 -1.62
C ALA A 57 -16.26 0.69 -1.72
N LEU A 58 -15.50 1.52 -1.03
CA LEU A 58 -15.73 2.95 -1.04
C LEU A 58 -15.60 3.49 -2.46
N LEU A 59 -14.50 3.14 -3.13
CA LEU A 59 -14.26 3.58 -4.51
C LEU A 59 -15.24 2.91 -5.47
N ASN A 60 -15.37 1.60 -5.34
CA ASN A 60 -16.26 0.84 -6.21
C ASN A 60 -17.68 1.37 -6.10
N ALA A 61 -18.11 1.63 -4.88
CA ALA A 61 -19.44 2.16 -4.64
C ALA A 61 -19.56 3.55 -5.25
N HIS A 62 -18.48 4.32 -5.10
CA HIS A 62 -18.41 5.68 -5.61
C HIS A 62 -18.60 5.71 -7.13
N LYS A 63 -17.87 4.83 -7.81
CA LYS A 63 -17.94 4.74 -9.26
C LYS A 63 -19.34 4.43 -9.76
N ARG A 64 -20.13 3.73 -8.93
CA ARG A 64 -21.48 3.37 -9.33
C ARG A 64 -22.26 4.61 -9.74
N MET A 65 -22.04 5.69 -9.00
CA MET A 65 -22.71 6.95 -9.29
C MET A 65 -22.23 7.52 -10.62
N HIS A 66 -20.91 7.40 -10.86
CA HIS A 66 -20.32 7.92 -12.08
C HIS A 66 -20.77 7.12 -13.31
N THR A 67 -20.86 5.80 -13.15
CA THR A 67 -21.28 4.93 -14.25
C THR A 67 -21.85 3.62 -13.72
N ASP A 68 -22.80 3.06 -14.46
CA ASP A 68 -23.44 1.79 -14.09
C ASP A 68 -24.58 1.46 -15.04
N GLY A 69 -25.63 2.26 -14.99
CA GLY A 69 -26.78 2.02 -15.86
C GLY A 69 -27.18 3.28 -16.63
N GLU A 70 -26.22 3.86 -17.33
CA GLU A 70 -26.48 5.07 -18.11
C GLU A 70 -26.48 4.74 -19.60
ZN ZN B . -15.31 9.68 -8.52
N ASN A 4 8.08 -16.70 3.73
CA ASN A 4 8.63 -16.90 5.09
C ASN A 4 8.58 -15.61 5.91
N GLY A 5 7.97 -15.70 7.09
CA GLY A 5 7.86 -14.53 7.94
C GLY A 5 8.14 -14.84 9.40
N MET A 6 7.23 -15.56 10.03
CA MET A 6 7.38 -15.94 11.43
C MET A 6 7.44 -14.69 12.32
N PRO A 7 6.50 -14.53 13.26
CA PRO A 7 6.48 -13.37 14.16
C PRO A 7 7.69 -13.33 15.08
N LEU A 8 8.35 -12.17 15.11
CA LEU A 8 9.54 -11.97 15.95
C LEU A 8 10.13 -10.58 15.70
N ASN A 9 9.28 -9.57 15.82
CA ASN A 9 9.70 -8.19 15.62
C ASN A 9 9.52 -7.37 16.89
N GLN A 10 10.56 -6.62 17.24
CA GLN A 10 10.52 -5.79 18.43
C GLN A 10 9.44 -4.72 18.33
N GLY A 11 8.68 -4.57 19.42
CA GLY A 11 7.61 -3.58 19.44
C GLY A 11 8.00 -2.36 20.25
N ALA A 12 8.76 -1.46 19.63
CA ALA A 12 9.21 -0.25 20.30
C ALA A 12 8.03 0.60 20.77
N ALA A 13 8.09 1.02 22.03
CA ALA A 13 7.05 1.85 22.62
C ALA A 13 7.60 3.22 22.96
N LEU A 14 8.35 3.29 24.05
CA LEU A 14 8.96 4.55 24.48
C LEU A 14 10.14 4.90 23.59
N GLY A 15 10.23 6.17 23.21
CA GLY A 15 11.32 6.61 22.35
C GLY A 15 12.67 6.40 22.97
N ILE A 16 13.64 7.26 22.63
CA ILE A 16 14.98 7.15 23.17
C ILE A 16 14.96 7.29 24.68
N ALA A 17 15.47 6.26 25.37
CA ALA A 17 15.50 6.26 26.83
C ALA A 17 16.75 6.94 27.35
N THR A 18 16.62 7.61 28.49
CA THR A 18 17.75 8.31 29.10
C THR A 18 18.65 7.33 29.85
N VAL A 19 19.90 7.74 30.07
CA VAL A 19 20.85 6.90 30.77
C VAL A 19 21.40 7.61 32.01
N ASP A 20 21.37 6.89 33.14
CA ASP A 20 21.87 7.44 34.39
C ASP A 20 23.38 7.24 34.47
N ALA A 21 23.94 7.41 35.66
CA ALA A 21 25.38 7.24 35.85
C ALA A 21 25.81 5.85 35.41
N GLN A 22 24.99 4.86 35.74
CA GLN A 22 25.26 3.49 35.37
C GLN A 22 24.18 2.98 34.43
N GLY A 23 24.56 2.22 33.42
CA GLY A 23 23.57 1.72 32.47
C GLY A 23 23.98 0.42 31.79
N ARG A 24 23.25 0.07 30.74
CA ARG A 24 23.50 -1.15 29.99
C ARG A 24 23.99 -0.82 28.58
N ILE A 25 24.66 -1.77 27.94
CA ILE A 25 25.17 -1.56 26.60
C ILE A 25 24.13 -1.98 25.56
N GLN A 26 23.59 -1.00 24.85
CA GLN A 26 22.58 -1.25 23.84
C GLN A 26 22.85 -0.42 22.59
N ILE A 27 22.28 -0.84 21.47
CA ILE A 27 22.46 -0.13 20.21
C ILE A 27 21.62 1.14 20.23
N VAL A 28 22.29 2.27 20.08
CA VAL A 28 21.62 3.57 20.09
C VAL A 28 21.53 4.15 18.68
N ASN A 29 20.31 4.50 18.27
CA ASN A 29 20.08 5.06 16.96
C ASN A 29 20.39 6.55 16.95
N GLN A 30 21.42 6.94 16.20
CA GLN A 30 21.83 8.33 16.11
C GLN A 30 20.93 9.10 15.14
N ASN A 31 21.04 8.79 13.85
CA ASN A 31 20.25 9.47 12.83
C ASN A 31 19.56 8.47 11.92
N LYS A 32 18.38 8.83 11.44
CA LYS A 32 17.61 7.98 10.55
C LYS A 32 17.58 8.56 9.14
N PRO A 33 18.43 8.03 8.23
CA PRO A 33 18.49 8.52 6.85
C PRO A 33 17.19 8.29 6.09
N ILE A 34 16.86 9.23 5.21
CA ILE A 34 15.63 9.14 4.42
C ILE A 34 15.81 8.23 3.21
N ALA A 35 14.81 7.41 2.94
CA ALA A 35 14.83 6.50 1.80
C ALA A 35 13.58 6.64 0.94
N ALA A 36 13.75 7.15 -0.28
CA ALA A 36 12.63 7.34 -1.19
C ALA A 36 12.70 6.39 -2.37
N ASN A 37 11.99 5.28 -2.29
CA ASN A 37 11.98 4.29 -3.37
C ASN A 37 10.76 3.37 -3.25
N THR A 38 9.58 3.92 -3.52
CA THR A 38 8.35 3.13 -3.44
C THR A 38 7.59 3.19 -4.76
N ILE A 39 7.31 2.02 -5.33
CA ILE A 39 6.58 1.95 -6.59
C ILE A 39 5.23 1.24 -6.42
N SER A 40 5.01 0.66 -5.24
CA SER A 40 3.76 -0.05 -4.97
C SER A 40 2.74 0.88 -4.31
N ASN A 41 1.53 0.89 -4.85
CA ASN A 41 0.46 1.72 -4.32
C ASN A 41 -0.81 0.89 -4.16
N ILE A 42 -1.10 0.49 -2.94
CA ILE A 42 -2.28 -0.31 -2.66
C ILE A 42 -3.48 0.57 -2.32
N SER A 43 -3.79 1.48 -3.22
CA SER A 43 -4.92 2.39 -3.05
C SER A 43 -5.66 2.59 -4.36
N PHE A 44 -6.96 2.84 -4.28
CA PHE A 44 -7.77 3.05 -5.46
C PHE A 44 -8.20 4.51 -5.58
N LYS A 45 -7.87 5.12 -6.71
CA LYS A 45 -8.21 6.52 -6.97
C LYS A 45 -9.23 6.64 -8.09
N CYS A 46 -10.18 7.55 -7.94
CA CYS A 46 -11.21 7.76 -8.95
C CYS A 46 -10.74 8.84 -9.93
N ASP A 47 -10.39 8.43 -11.13
CA ASP A 47 -9.92 9.35 -12.16
C ASP A 47 -11.04 10.27 -12.65
N VAL A 48 -12.28 9.82 -12.52
CA VAL A 48 -13.42 10.60 -12.98
C VAL A 48 -13.55 11.92 -12.23
N CYS A 49 -13.51 11.86 -10.89
CA CYS A 49 -13.63 13.07 -10.08
C CYS A 49 -12.47 13.20 -9.08
N SER A 50 -11.44 12.39 -9.25
CA SER A 50 -10.28 12.42 -8.36
C SER A 50 -10.65 12.02 -6.93
N ASP A 51 -11.54 11.05 -6.82
CA ASP A 51 -11.98 10.54 -5.52
C ASP A 51 -11.25 9.25 -5.19
N MET A 52 -10.35 9.31 -4.21
CA MET A 52 -9.57 8.14 -3.81
C MET A 52 -9.83 7.76 -2.36
N PHE A 53 -9.85 6.47 -2.10
CA PHE A 53 -10.09 5.97 -0.74
C PHE A 53 -9.26 4.73 -0.48
N PRO A 54 -8.94 4.48 0.80
CA PRO A 54 -8.14 3.31 1.20
C PRO A 54 -8.92 2.01 1.04
N HIS A 55 -10.22 2.11 0.78
CA HIS A 55 -11.05 0.93 0.62
C HIS A 55 -11.63 0.83 -0.79
N LEU A 56 -11.73 -0.42 -1.25
CA LEU A 56 -12.29 -0.69 -2.57
C LEU A 56 -13.79 -0.40 -2.59
N ALA A 57 -14.45 -0.78 -1.49
CA ALA A 57 -15.88 -0.56 -1.37
C ALA A 57 -16.22 0.92 -1.47
N LEU A 58 -15.38 1.74 -0.83
CA LEU A 58 -15.57 3.18 -0.85
C LEU A 58 -15.52 3.72 -2.27
N LEU A 59 -14.49 3.34 -3.02
CA LEU A 59 -14.33 3.79 -4.39
C LEU A 59 -15.30 3.11 -5.35
N ASN A 60 -15.32 1.77 -5.33
CA ASN A 60 -16.20 1.03 -6.23
C ASN A 60 -17.64 1.52 -6.12
N ALA A 61 -18.10 1.72 -4.91
CA ALA A 61 -19.44 2.23 -4.69
C ALA A 61 -19.60 3.59 -5.35
N HIS A 62 -18.55 4.39 -5.21
CA HIS A 62 -18.52 5.74 -5.78
C HIS A 62 -18.65 5.70 -7.31
N LYS A 63 -17.89 4.81 -7.94
CA LYS A 63 -17.90 4.68 -9.40
C LYS A 63 -19.24 4.19 -9.92
N ARG A 64 -19.96 3.44 -9.11
CA ARG A 64 -21.26 2.92 -9.53
C ARG A 64 -22.18 4.09 -9.87
N MET A 65 -22.10 5.15 -9.07
CA MET A 65 -22.91 6.34 -9.29
C MET A 65 -22.49 7.05 -10.58
N HIS A 66 -21.20 6.98 -10.90
CA HIS A 66 -20.68 7.63 -12.10
C HIS A 66 -21.20 6.99 -13.39
N THR A 67 -21.29 5.67 -13.40
CA THR A 67 -21.77 4.96 -14.59
C THR A 67 -22.86 3.96 -14.23
N ASP A 68 -23.87 3.88 -15.09
CA ASP A 68 -24.99 2.96 -14.88
C ASP A 68 -25.37 2.24 -16.18
N GLY A 69 -24.54 2.37 -17.22
CA GLY A 69 -24.83 1.71 -18.48
C GLY A 69 -24.38 2.52 -19.68
N GLU A 70 -24.69 2.02 -20.87
CA GLU A 70 -24.31 2.71 -22.11
C GLU A 70 -22.80 2.87 -22.23
ZN ZN B . -15.55 9.90 -8.75
N ASN A 4 -15.87 -4.28 19.79
CA ASN A 4 -15.90 -3.15 18.82
C ASN A 4 -14.98 -2.01 19.25
N GLY A 5 -13.80 -1.97 18.67
CA GLY A 5 -12.84 -0.92 19.01
C GLY A 5 -11.56 -1.01 18.19
N MET A 6 -10.66 -0.08 18.41
CA MET A 6 -9.39 -0.06 17.68
C MET A 6 -8.21 0.12 18.62
N PRO A 7 -7.00 -0.28 18.19
CA PRO A 7 -5.80 -0.16 19.01
C PRO A 7 -5.50 1.29 19.38
N LEU A 8 -4.91 1.49 20.56
CA LEU A 8 -4.56 2.82 21.02
C LEU A 8 -3.17 2.82 21.66
N ASN A 9 -2.34 3.76 21.24
CA ASN A 9 -0.98 3.87 21.78
C ASN A 9 -0.65 5.30 22.22
N GLN A 10 -1.68 6.13 22.36
CA GLN A 10 -1.47 7.52 22.78
C GLN A 10 -2.52 7.96 23.79
N GLY A 11 -2.16 9.00 24.56
CA GLY A 11 -3.07 9.53 25.56
C GLY A 11 -2.60 10.88 26.08
N ALA A 12 -2.65 11.91 25.24
CA ALA A 12 -2.21 13.24 25.61
C ALA A 12 -3.25 14.30 25.24
N ALA A 13 -3.15 15.46 25.89
CA ALA A 13 -4.06 16.57 25.64
C ALA A 13 -3.32 17.89 25.61
N LEU A 14 -4.06 18.99 25.44
CA LEU A 14 -3.47 20.31 25.39
C LEU A 14 -2.94 20.75 26.75
N GLY A 15 -1.62 20.83 26.85
CA GLY A 15 -0.97 21.25 28.08
C GLY A 15 -1.53 20.61 29.34
N ILE A 16 -1.07 19.41 29.65
CA ILE A 16 -1.52 18.70 30.85
C ILE A 16 -0.44 17.73 31.35
N ALA A 17 -0.10 17.85 32.62
CA ALA A 17 0.91 16.99 33.23
C ALA A 17 0.33 16.15 34.36
N THR A 18 -0.45 15.14 33.99
CA THR A 18 -1.08 14.27 34.96
C THR A 18 -1.11 12.82 34.46
N VAL A 19 -1.48 11.90 35.36
CA VAL A 19 -1.55 10.48 35.01
C VAL A 19 -3.01 10.05 34.81
N ASP A 20 -3.26 9.36 33.71
CA ASP A 20 -4.60 8.89 33.39
C ASP A 20 -5.02 7.79 34.35
N ALA A 21 -6.33 7.57 34.47
CA ALA A 21 -6.86 6.55 35.35
C ALA A 21 -6.47 5.15 34.87
N GLN A 22 -6.52 4.95 33.56
CA GLN A 22 -6.18 3.66 32.96
C GLN A 22 -4.90 3.76 32.14
N GLY A 23 -4.25 2.62 31.94
CA GLY A 23 -3.02 2.58 31.17
C GLY A 23 -2.65 1.18 30.76
N ARG A 24 -3.61 0.46 30.18
CA ARG A 24 -3.40 -0.92 29.76
C ARG A 24 -3.95 -1.15 28.35
N ILE A 25 -3.46 -2.20 27.71
CA ILE A 25 -3.90 -2.55 26.36
C ILE A 25 -5.02 -3.58 26.45
N GLN A 26 -6.14 -3.28 25.80
CA GLN A 26 -7.28 -4.19 25.83
C GLN A 26 -6.85 -5.60 25.42
N ILE A 27 -7.38 -6.61 26.12
CA ILE A 27 -7.04 -7.99 25.83
C ILE A 27 -7.39 -8.34 24.40
N VAL A 28 -6.41 -8.87 23.67
CA VAL A 28 -6.57 -9.27 22.28
C VAL A 28 -7.08 -8.11 21.41
N ASN A 29 -6.21 -7.61 20.53
CA ASN A 29 -6.56 -6.49 19.66
C ASN A 29 -7.33 -6.94 18.43
N GLN A 30 -6.82 -7.95 17.73
CA GLN A 30 -7.47 -8.46 16.53
C GLN A 30 -7.22 -9.95 16.35
N ASN A 31 -8.10 -10.62 15.60
CA ASN A 31 -7.96 -12.03 15.32
C ASN A 31 -7.75 -12.27 13.83
N LYS A 32 -6.55 -12.69 13.47
CA LYS A 32 -6.23 -12.94 12.07
C LYS A 32 -6.86 -14.25 11.59
N PRO A 33 -7.67 -14.18 10.51
CA PRO A 33 -8.35 -15.37 9.97
C PRO A 33 -7.35 -16.36 9.37
N ILE A 34 -7.72 -17.64 9.37
CA ILE A 34 -6.86 -18.68 8.84
C ILE A 34 -6.45 -18.37 7.40
N ALA A 35 -5.15 -18.33 7.16
CA ALA A 35 -4.61 -18.04 5.83
C ALA A 35 -3.09 -18.08 5.84
N ALA A 36 -2.52 -18.64 4.77
CA ALA A 36 -1.06 -18.75 4.66
C ALA A 36 -0.51 -17.62 3.81
N ASN A 37 -0.62 -16.39 4.29
CA ASN A 37 -0.11 -15.23 3.56
C ASN A 37 0.08 -14.04 4.50
N THR A 38 0.73 -13.00 3.99
CA THR A 38 0.98 -11.80 4.78
C THR A 38 -0.08 -10.74 4.49
N ILE A 39 -0.08 -9.67 5.28
CA ILE A 39 -1.05 -8.60 5.12
C ILE A 39 -0.51 -7.50 4.20
N SER A 40 -1.20 -7.28 3.08
CA SER A 40 -0.81 -6.26 2.13
C SER A 40 -2.05 -5.55 1.58
N ASN A 41 -2.05 -4.22 1.66
CA ASN A 41 -3.17 -3.42 1.18
C ASN A 41 -2.79 -2.61 -0.05
N ILE A 42 -3.82 -2.13 -0.75
CA ILE A 42 -3.61 -1.33 -1.96
C ILE A 42 -4.42 -0.04 -1.90
N SER A 43 -4.03 0.93 -2.70
CA SER A 43 -4.72 2.22 -2.74
C SER A 43 -5.40 2.43 -4.08
N PHE A 44 -6.67 2.82 -4.05
CA PHE A 44 -7.43 3.05 -5.26
C PHE A 44 -7.91 4.49 -5.38
N LYS A 45 -7.63 5.11 -6.53
CA LYS A 45 -8.03 6.48 -6.79
C LYS A 45 -9.00 6.53 -7.97
N CYS A 46 -10.05 7.32 -7.84
CA CYS A 46 -11.04 7.45 -8.90
C CYS A 46 -10.51 8.38 -9.98
N ASP A 47 -10.84 8.09 -11.23
CA ASP A 47 -10.36 8.90 -12.36
C ASP A 47 -11.42 9.88 -12.85
N VAL A 48 -12.69 9.62 -12.54
CA VAL A 48 -13.77 10.48 -12.98
C VAL A 48 -13.72 11.84 -12.29
N CYS A 49 -13.65 11.83 -10.96
CA CYS A 49 -13.61 13.08 -10.18
C CYS A 49 -12.41 13.12 -9.23
N SER A 50 -11.48 12.18 -9.40
CA SER A 50 -10.29 12.10 -8.55
C SER A 50 -10.67 11.75 -7.11
N ASP A 51 -11.76 10.99 -6.95
CA ASP A 51 -12.21 10.56 -5.63
C ASP A 51 -11.47 9.29 -5.20
N MET A 52 -10.59 9.43 -4.22
CA MET A 52 -9.81 8.30 -3.73
C MET A 52 -10.16 7.97 -2.29
N PHE A 53 -10.11 6.69 -1.95
CA PHE A 53 -10.43 6.25 -0.59
C PHE A 53 -9.54 5.09 -0.16
N PRO A 54 -9.39 4.90 1.16
CA PRO A 54 -8.57 3.83 1.72
C PRO A 54 -9.17 2.45 1.47
N HIS A 55 -10.43 2.42 1.08
CA HIS A 55 -11.11 1.15 0.82
C HIS A 55 -11.48 0.98 -0.64
N LEU A 56 -11.41 -0.26 -1.07
CA LEU A 56 -11.76 -0.61 -2.45
C LEU A 56 -13.26 -0.47 -2.64
N ALA A 57 -14.02 -0.88 -1.63
CA ALA A 57 -15.48 -0.79 -1.68
C ALA A 57 -15.93 0.65 -1.82
N LEU A 58 -15.27 1.55 -1.10
CA LEU A 58 -15.61 2.97 -1.16
C LEU A 58 -15.45 3.51 -2.58
N LEU A 59 -14.35 3.15 -3.23
CA LEU A 59 -14.09 3.60 -4.58
C LEU A 59 -15.04 2.93 -5.58
N ASN A 60 -15.05 1.59 -5.61
CA ASN A 60 -15.91 0.85 -6.53
C ASN A 60 -17.36 1.32 -6.41
N ALA A 61 -17.83 1.47 -5.19
CA ALA A 61 -19.18 1.93 -4.94
C ALA A 61 -19.38 3.31 -5.56
N HIS A 62 -18.34 4.14 -5.41
CA HIS A 62 -18.34 5.50 -5.93
C HIS A 62 -18.51 5.51 -7.44
N LYS A 63 -17.79 4.63 -8.12
CA LYS A 63 -17.86 4.54 -9.58
C LYS A 63 -19.26 4.21 -10.06
N ARG A 64 -20.02 3.49 -9.24
CA ARG A 64 -21.38 3.14 -9.62
C ARG A 64 -22.18 4.42 -9.84
N MET A 65 -21.95 5.40 -8.99
CA MET A 65 -22.63 6.68 -9.08
C MET A 65 -22.25 7.43 -10.36
N HIS A 66 -21.03 7.21 -10.84
CA HIS A 66 -20.56 7.88 -12.05
C HIS A 66 -21.28 7.37 -13.29
N THR A 67 -21.88 6.18 -13.20
CA THR A 67 -22.61 5.59 -14.32
C THR A 67 -24.09 5.41 -13.97
N ASP A 68 -24.96 5.91 -14.83
CA ASP A 68 -26.40 5.80 -14.61
C ASP A 68 -27.08 5.03 -15.74
N GLY A 69 -26.80 5.42 -16.98
CA GLY A 69 -27.40 4.74 -18.11
C GLY A 69 -27.23 5.48 -19.42
N GLU A 70 -27.29 6.80 -19.37
CA GLU A 70 -27.15 7.62 -20.58
C GLU A 70 -25.70 8.05 -20.78
ZN ZN B . -15.18 9.68 -8.68
N ASN A 4 -13.44 -23.29 7.38
CA ASN A 4 -12.48 -22.59 8.25
C ASN A 4 -11.83 -23.56 9.25
N GLY A 5 -11.21 -23.00 10.28
CA GLY A 5 -10.55 -23.82 11.28
C GLY A 5 -9.04 -23.78 11.18
N MET A 6 -8.53 -23.40 10.02
CA MET A 6 -7.09 -23.31 9.80
C MET A 6 -6.68 -21.90 9.38
N PRO A 7 -5.79 -21.23 10.13
CA PRO A 7 -5.32 -19.88 9.82
C PRO A 7 -4.48 -19.86 8.55
N LEU A 8 -4.54 -18.76 7.82
CA LEU A 8 -3.77 -18.62 6.58
C LEU A 8 -2.33 -18.23 6.90
N ASN A 9 -1.41 -18.62 6.01
CA ASN A 9 0.00 -18.31 6.20
C ASN A 9 0.55 -17.48 5.05
N GLN A 10 0.43 -16.16 5.16
CA GLN A 10 0.93 -15.27 4.11
C GLN A 10 2.06 -14.40 4.63
N GLY A 11 3.16 -14.37 3.91
CA GLY A 11 4.30 -13.57 4.32
C GLY A 11 4.40 -12.26 3.55
N ALA A 12 5.51 -11.56 3.72
CA ALA A 12 5.73 -10.29 3.04
C ALA A 12 5.69 -10.47 1.52
N ALA A 13 5.08 -9.52 0.84
CA ALA A 13 4.96 -9.57 -0.62
C ALA A 13 5.13 -8.17 -1.22
N LEU A 14 4.29 -7.83 -2.21
CA LEU A 14 4.37 -6.53 -2.85
C LEU A 14 3.95 -5.41 -1.90
N GLY A 15 4.46 -4.20 -2.13
CA GLY A 15 4.14 -3.08 -1.27
C GLY A 15 5.12 -2.92 -0.14
N ILE A 16 4.64 -2.53 1.03
CA ILE A 16 5.50 -2.35 2.19
C ILE A 16 5.88 -3.70 2.80
N ALA A 17 6.95 -4.29 2.28
CA ALA A 17 7.42 -5.57 2.78
C ALA A 17 8.87 -5.49 3.23
N THR A 18 9.14 -5.95 4.43
CA THR A 18 10.49 -5.94 4.97
C THR A 18 10.98 -7.35 5.23
N VAL A 19 12.27 -7.49 5.53
CA VAL A 19 12.86 -8.79 5.80
C VAL A 19 12.23 -9.43 7.04
N ASP A 20 11.81 -10.68 6.91
CA ASP A 20 11.20 -11.40 8.01
C ASP A 20 11.68 -12.85 8.06
N ALA A 21 11.20 -13.59 9.04
CA ALA A 21 11.58 -14.99 9.21
C ALA A 21 11.01 -15.85 8.08
N GLN A 22 9.77 -15.57 7.69
CA GLN A 22 9.12 -16.33 6.63
C GLN A 22 9.12 -15.56 5.32
N GLY A 23 9.11 -16.29 4.21
CA GLY A 23 9.11 -15.67 2.90
C GLY A 23 9.58 -16.63 1.83
N ARG A 24 9.07 -16.43 0.61
CA ARG A 24 9.44 -17.29 -0.51
C ARG A 24 10.84 -16.96 -1.01
N ILE A 25 11.64 -18.00 -1.23
CA ILE A 25 13.00 -17.82 -1.72
C ILE A 25 12.97 -17.82 -3.24
N GLN A 26 13.20 -16.64 -3.81
CA GLN A 26 13.18 -16.49 -5.27
C GLN A 26 14.43 -15.76 -5.75
N ILE A 27 14.83 -16.03 -6.99
CA ILE A 27 15.99 -15.38 -7.56
C ILE A 27 15.58 -14.13 -8.31
N VAL A 28 15.96 -12.98 -7.77
CA VAL A 28 15.61 -11.71 -8.37
C VAL A 28 16.83 -10.81 -8.52
N ASN A 29 16.71 -9.82 -9.41
CA ASN A 29 17.80 -8.88 -9.65
C ASN A 29 17.75 -7.73 -8.62
N GLN A 30 17.78 -6.48 -9.08
CA GLN A 30 17.73 -5.34 -8.18
C GLN A 30 17.93 -4.03 -8.96
N ASN A 31 16.86 -3.26 -9.09
CA ASN A 31 16.91 -1.99 -9.80
C ASN A 31 15.74 -1.11 -9.39
N LYS A 32 15.89 0.21 -9.58
CA LYS A 32 14.84 1.16 -9.24
C LYS A 32 14.54 2.08 -10.42
N PRO A 33 13.70 1.60 -11.37
CA PRO A 33 13.33 2.36 -12.57
C PRO A 33 12.30 3.44 -12.27
N ILE A 34 12.02 4.27 -13.29
CA ILE A 34 11.07 5.35 -13.17
C ILE A 34 9.64 4.83 -13.00
N ALA A 35 8.91 5.39 -12.05
CA ALA A 35 7.53 4.99 -11.79
C ALA A 35 6.65 6.22 -11.61
N ALA A 36 5.49 6.23 -12.28
CA ALA A 36 4.58 7.37 -12.18
C ALA A 36 3.12 6.93 -12.01
N ASN A 37 2.60 7.05 -10.80
CA ASN A 37 1.21 6.70 -10.51
C ASN A 37 0.83 5.33 -11.06
N THR A 38 1.54 4.30 -10.63
CA THR A 38 1.26 2.94 -11.08
C THR A 38 0.01 2.39 -10.42
N ILE A 39 -0.58 1.35 -11.02
CA ILE A 39 -1.79 0.74 -10.50
C ILE A 39 -1.48 -0.41 -9.54
N SER A 40 -0.77 -0.09 -8.46
CA SER A 40 -0.39 -1.10 -7.46
C SER A 40 -1.55 -1.38 -6.51
N ASN A 41 -1.40 -2.41 -5.69
CA ASN A 41 -2.43 -2.78 -4.73
C ASN A 41 -2.42 -1.84 -3.52
N ILE A 42 -2.73 -0.58 -3.79
CA ILE A 42 -2.76 0.45 -2.76
C ILE A 42 -4.08 1.23 -2.84
N SER A 43 -4.33 2.10 -1.86
CA SER A 43 -5.56 2.90 -1.84
C SER A 43 -5.98 3.28 -3.25
N PHE A 44 -7.19 2.88 -3.63
CA PHE A 44 -7.70 3.14 -4.97
C PHE A 44 -8.11 4.59 -5.18
N LYS A 45 -7.92 5.06 -6.41
CA LYS A 45 -8.25 6.43 -6.80
C LYS A 45 -9.31 6.44 -7.90
N CYS A 46 -10.17 7.46 -7.90
CA CYS A 46 -11.21 7.57 -8.91
C CYS A 46 -10.77 8.53 -10.01
N ASP A 47 -10.58 8.01 -11.22
CA ASP A 47 -10.14 8.80 -12.35
C ASP A 47 -11.23 9.77 -12.83
N VAL A 48 -12.49 9.40 -12.64
CA VAL A 48 -13.60 10.22 -13.08
C VAL A 48 -13.65 11.58 -12.38
N CYS A 49 -13.60 11.59 -11.05
CA CYS A 49 -13.65 12.83 -10.30
C CYS A 49 -12.48 12.97 -9.31
N SER A 50 -11.48 12.11 -9.46
CA SER A 50 -10.30 12.13 -8.58
C SER A 50 -10.67 11.76 -7.14
N ASP A 51 -11.77 11.02 -6.97
CA ASP A 51 -12.20 10.56 -5.65
C ASP A 51 -11.42 9.32 -5.26
N MET A 52 -10.53 9.45 -4.28
CA MET A 52 -9.72 8.33 -3.84
C MET A 52 -10.02 7.93 -2.40
N PHE A 53 -9.96 6.63 -2.14
CA PHE A 53 -10.23 6.08 -0.81
C PHE A 53 -9.32 4.90 -0.51
N PRO A 54 -9.10 4.60 0.78
CA PRO A 54 -8.25 3.49 1.19
C PRO A 54 -8.89 2.12 0.96
N HIS A 55 -10.19 2.14 0.63
CA HIS A 55 -10.92 0.89 0.41
C HIS A 55 -11.37 0.74 -1.04
N LEU A 56 -11.38 -0.50 -1.51
CA LEU A 56 -11.82 -0.83 -2.85
C LEU A 56 -13.33 -0.64 -2.97
N ALA A 57 -14.05 -1.03 -1.92
CA ALA A 57 -15.49 -0.91 -1.89
C ALA A 57 -15.90 0.56 -1.97
N LEU A 58 -15.15 1.41 -1.27
CA LEU A 58 -15.43 2.83 -1.26
C LEU A 58 -15.34 3.40 -2.67
N LEU A 59 -14.25 3.10 -3.36
CA LEU A 59 -14.07 3.58 -4.72
C LEU A 59 -15.08 2.94 -5.67
N ASN A 60 -15.18 1.62 -5.61
CA ASN A 60 -16.09 0.88 -6.48
C ASN A 60 -17.51 1.38 -6.30
N ALA A 61 -17.89 1.58 -5.06
CA ALA A 61 -19.22 2.08 -4.74
C ALA A 61 -19.39 3.49 -5.30
N HIS A 62 -18.33 4.27 -5.18
CA HIS A 62 -18.30 5.64 -5.65
C HIS A 62 -18.55 5.72 -7.16
N LYS A 63 -17.83 4.89 -7.90
CA LYS A 63 -17.94 4.86 -9.36
C LYS A 63 -19.35 4.52 -9.81
N ARG A 64 -20.09 3.79 -8.99
CA ARG A 64 -21.45 3.42 -9.36
C ARG A 64 -22.26 4.67 -9.67
N MET A 65 -22.05 5.72 -8.87
CA MET A 65 -22.76 6.98 -9.08
C MET A 65 -22.37 7.60 -10.41
N HIS A 66 -21.11 7.42 -10.80
CA HIS A 66 -20.61 7.98 -12.06
C HIS A 66 -21.29 7.32 -13.25
N THR A 67 -21.48 6.01 -13.18
CA THR A 67 -22.13 5.27 -14.26
C THR A 67 -23.12 4.24 -13.72
N ASP A 68 -24.38 4.37 -14.13
CA ASP A 68 -25.43 3.45 -13.70
C ASP A 68 -25.88 2.55 -14.85
N GLY A 69 -25.55 2.94 -16.07
CA GLY A 69 -25.94 2.16 -17.23
C GLY A 69 -24.79 1.88 -18.17
N GLU A 70 -24.86 0.75 -18.87
CA GLU A 70 -23.81 0.37 -19.80
C GLU A 70 -24.41 -0.31 -21.04
ZN ZN B . -15.35 9.76 -8.54
N ASN A 4 3.66 1.45 25.86
CA ASN A 4 2.60 1.56 24.81
C ASN A 4 2.66 2.91 24.11
N GLY A 5 2.96 2.89 22.82
CA GLY A 5 3.05 4.12 22.06
C GLY A 5 2.22 4.09 20.79
N MET A 6 1.55 5.19 20.50
CA MET A 6 0.72 5.29 19.30
C MET A 6 1.05 6.56 18.53
N PRO A 7 2.04 6.50 17.63
CA PRO A 7 2.44 7.66 16.82
C PRO A 7 1.29 8.19 15.97
N LEU A 8 1.19 9.51 15.88
CA LEU A 8 0.14 10.15 15.10
C LEU A 8 0.62 11.46 14.51
N ASN A 9 1.77 11.40 13.85
CA ASN A 9 2.36 12.59 13.23
C ASN A 9 3.67 12.24 12.54
N GLN A 10 3.58 11.70 11.33
CA GLN A 10 4.76 11.31 10.55
C GLN A 10 4.36 10.50 9.33
N GLY A 11 5.35 9.89 8.67
CA GLY A 11 5.07 9.09 7.50
C GLY A 11 4.38 7.78 7.84
N ALA A 12 4.10 6.97 6.82
CA ALA A 12 3.43 5.69 7.01
C ALA A 12 4.42 4.59 7.41
N ALA A 13 3.94 3.64 8.20
CA ALA A 13 4.76 2.53 8.64
C ALA A 13 4.63 1.34 7.68
N LEU A 14 3.55 0.58 7.84
CA LEU A 14 3.30 -0.58 6.99
C LEU A 14 2.65 -0.17 5.66
N GLY A 15 2.80 -1.03 4.65
CA GLY A 15 2.22 -0.74 3.35
C GLY A 15 3.12 0.14 2.50
N ILE A 16 2.94 1.45 2.62
CA ILE A 16 3.74 2.40 1.86
C ILE A 16 4.54 3.28 2.80
N ALA A 17 5.85 3.34 2.57
CA ALA A 17 6.73 4.15 3.41
C ALA A 17 7.38 5.27 2.60
N THR A 18 7.08 6.51 2.98
CA THR A 18 7.63 7.68 2.32
C THR A 18 8.93 8.12 2.98
N VAL A 19 9.64 9.05 2.34
CA VAL A 19 10.89 9.54 2.86
C VAL A 19 10.69 10.73 3.79
N ASP A 20 11.14 10.59 5.04
CA ASP A 20 11.02 11.64 6.03
C ASP A 20 12.36 12.36 6.19
N ALA A 21 12.53 13.09 7.29
CA ALA A 21 13.78 13.80 7.54
C ALA A 21 14.93 12.81 7.61
N GLN A 22 14.68 11.68 8.25
CA GLN A 22 15.68 10.63 8.38
C GLN A 22 15.53 9.61 7.25
N GLY A 23 15.99 8.38 7.46
CA GLY A 23 15.87 7.36 6.43
C GLY A 23 16.88 6.23 6.59
N ARG A 24 17.89 6.45 7.43
CA ARG A 24 18.92 5.44 7.66
C ARG A 24 18.30 4.15 8.22
N ILE A 25 18.75 3.01 7.69
CA ILE A 25 18.26 1.72 8.13
C ILE A 25 19.39 0.86 8.70
N GLN A 26 19.26 0.49 9.96
CA GLN A 26 20.25 -0.34 10.63
C GLN A 26 19.84 -1.81 10.60
N ILE A 27 20.77 -2.69 10.99
CA ILE A 27 20.50 -4.12 10.99
C ILE A 27 19.37 -4.47 11.96
N VAL A 28 18.36 -5.14 11.43
CA VAL A 28 17.21 -5.56 12.21
C VAL A 28 16.75 -6.96 11.79
N ASN A 29 16.65 -7.86 12.75
CA ASN A 29 16.22 -9.23 12.47
C ASN A 29 14.70 -9.32 12.29
N GLN A 30 13.99 -8.41 12.93
CA GLN A 30 12.54 -8.39 12.88
C GLN A 30 12.00 -8.22 11.46
N ASN A 31 12.64 -7.38 10.64
CA ASN A 31 12.16 -7.18 9.27
C ASN A 31 13.09 -6.32 8.42
N LYS A 32 13.25 -6.73 7.15
CA LYS A 32 14.09 -6.01 6.19
C LYS A 32 13.21 -5.27 5.18
N PRO A 33 13.63 -4.10 4.67
CA PRO A 33 12.85 -3.34 3.70
C PRO A 33 12.40 -4.16 2.51
N ILE A 34 11.10 -4.20 2.27
CA ILE A 34 10.54 -4.96 1.15
C ILE A 34 9.37 -4.19 0.51
N ALA A 35 9.50 -3.89 -0.78
CA ALA A 35 8.46 -3.18 -1.50
C ALA A 35 8.85 -2.96 -2.96
N ALA A 36 8.32 -3.79 -3.84
CA ALA A 36 8.61 -3.68 -5.28
C ALA A 36 7.49 -2.97 -6.02
N ASN A 37 6.48 -2.51 -5.29
CA ASN A 37 5.34 -1.81 -5.90
C ASN A 37 5.81 -0.55 -6.62
N THR A 38 5.23 -0.30 -7.79
CA THR A 38 5.58 0.87 -8.58
C THR A 38 5.00 2.13 -7.94
N ILE A 39 5.55 3.28 -8.31
CA ILE A 39 5.09 4.55 -7.76
C ILE A 39 4.37 5.37 -8.83
N SER A 40 3.08 5.59 -8.60
CA SER A 40 2.25 6.35 -9.51
C SER A 40 1.01 6.87 -8.80
N ASN A 41 0.20 5.93 -8.31
CA ASN A 41 -1.01 6.28 -7.58
C ASN A 41 -1.18 5.37 -6.37
N ILE A 42 -1.03 5.93 -5.18
CA ILE A 42 -1.15 5.15 -3.95
C ILE A 42 -2.61 5.04 -3.53
N SER A 43 -3.04 3.83 -3.20
CA SER A 43 -4.43 3.58 -2.79
C SER A 43 -5.35 3.61 -4.01
N PHE A 44 -6.62 3.27 -3.81
CA PHE A 44 -7.59 3.25 -4.89
C PHE A 44 -8.11 4.67 -5.17
N LYS A 45 -7.67 5.23 -6.29
CA LYS A 45 -8.07 6.58 -6.69
C LYS A 45 -9.06 6.55 -7.85
N CYS A 46 -10.06 7.43 -7.79
CA CYS A 46 -11.05 7.53 -8.85
C CYS A 46 -10.63 8.56 -9.88
N ASP A 47 -10.13 8.09 -11.00
CA ASP A 47 -9.65 8.95 -12.08
C ASP A 47 -10.79 9.77 -12.69
N VAL A 48 -12.01 9.27 -12.58
CA VAL A 48 -13.17 9.95 -13.14
C VAL A 48 -13.39 11.33 -12.51
N CYS A 49 -13.42 11.38 -11.18
CA CYS A 49 -13.62 12.64 -10.47
C CYS A 49 -12.52 12.92 -9.44
N SER A 50 -11.46 12.13 -9.49
CA SER A 50 -10.35 12.27 -8.55
C SER A 50 -10.77 11.95 -7.10
N ASP A 51 -11.63 10.95 -6.97
CA ASP A 51 -12.10 10.51 -5.65
C ASP A 51 -11.35 9.24 -5.23
N MET A 52 -10.48 9.37 -4.23
CA MET A 52 -9.68 8.24 -3.78
C MET A 52 -10.02 7.81 -2.35
N PHE A 53 -10.02 6.50 -2.13
CA PHE A 53 -10.33 5.94 -0.82
C PHE A 53 -9.48 4.71 -0.54
N PRO A 54 -9.27 4.40 0.75
CA PRO A 54 -8.47 3.24 1.16
C PRO A 54 -9.20 1.92 0.96
N HIS A 55 -10.49 1.98 0.64
CA HIS A 55 -11.29 0.78 0.45
C HIS A 55 -11.74 0.61 -1.00
N LEU A 56 -11.80 -0.64 -1.42
CA LEU A 56 -12.25 -0.97 -2.77
C LEU A 56 -13.74 -0.71 -2.91
N ALA A 57 -14.49 -1.05 -1.87
CA ALA A 57 -15.93 -0.84 -1.86
C ALA A 57 -16.26 0.63 -1.96
N LEU A 58 -15.49 1.46 -1.27
CA LEU A 58 -15.70 2.90 -1.29
C LEU A 58 -15.56 3.43 -2.70
N LEU A 59 -14.48 3.05 -3.37
CA LEU A 59 -14.22 3.48 -4.74
C LEU A 59 -15.23 2.86 -5.71
N ASN A 60 -15.36 1.53 -5.66
CA ASN A 60 -16.30 0.85 -6.54
C ASN A 60 -17.72 1.38 -6.33
N ALA A 61 -18.09 1.56 -5.07
CA ALA A 61 -19.40 2.09 -4.74
C ALA A 61 -19.51 3.52 -5.24
N HIS A 62 -18.41 4.25 -5.12
CA HIS A 62 -18.35 5.63 -5.57
C HIS A 62 -18.62 5.75 -7.06
N LYS A 63 -17.95 4.90 -7.84
CA LYS A 63 -18.12 4.91 -9.28
C LYS A 63 -19.54 4.57 -9.69
N ARG A 64 -20.24 3.80 -8.86
CA ARG A 64 -21.61 3.43 -9.16
C ARG A 64 -22.44 4.68 -9.44
N MET A 65 -22.10 5.77 -8.76
CA MET A 65 -22.79 7.03 -8.97
C MET A 65 -22.46 7.60 -10.34
N HIS A 66 -21.19 7.46 -10.73
CA HIS A 66 -20.71 7.97 -12.01
C HIS A 66 -21.28 7.15 -13.17
N THR A 67 -21.35 5.83 -12.99
CA THR A 67 -21.85 4.93 -14.02
C THR A 67 -22.85 3.93 -13.45
N ASP A 68 -23.09 2.84 -14.16
CA ASP A 68 -24.04 1.82 -13.69
C ASP A 68 -23.31 0.60 -13.13
N GLY A 69 -22.97 -0.35 -13.99
CA GLY A 69 -22.28 -1.54 -13.54
C GLY A 69 -21.52 -2.27 -14.64
N GLU A 70 -21.20 -1.55 -15.71
CA GLU A 70 -20.47 -2.15 -16.82
C GLU A 70 -19.00 -1.72 -16.79
ZN ZN B . -15.38 9.51 -8.70
N ASN A 4 2.27 -0.90 23.10
CA ASN A 4 2.18 -2.09 23.97
C ASN A 4 1.23 -3.14 23.40
N GLY A 5 0.08 -2.69 22.92
CA GLY A 5 -0.91 -3.60 22.36
C GLY A 5 -1.51 -3.09 21.07
N MET A 6 -2.82 -3.27 20.92
CA MET A 6 -3.52 -2.83 19.71
C MET A 6 -4.21 -1.49 19.94
N PRO A 7 -3.88 -0.47 19.12
CA PRO A 7 -4.49 0.86 19.25
C PRO A 7 -5.89 0.92 18.65
N LEU A 8 -6.66 1.92 19.07
CA LEU A 8 -8.02 2.10 18.57
C LEU A 8 -8.03 2.24 17.06
N ASN A 9 -9.22 2.40 16.50
CA ASN A 9 -9.39 2.54 15.05
C ASN A 9 -8.44 3.58 14.47
N GLN A 10 -8.05 4.56 15.29
CA GLN A 10 -7.16 5.62 14.85
C GLN A 10 -5.78 5.50 15.50
N GLY A 11 -4.78 6.11 14.86
CA GLY A 11 -3.42 6.07 15.37
C GLY A 11 -3.27 6.79 16.71
N ALA A 12 -2.22 7.59 16.82
CA ALA A 12 -1.95 8.32 18.07
C ALA A 12 -2.47 9.76 17.98
N ALA A 13 -3.14 10.18 19.05
CA ALA A 13 -3.71 11.53 19.11
C ALA A 13 -2.61 12.60 19.08
N LEU A 14 -1.58 12.41 19.89
CA LEU A 14 -0.49 13.38 19.97
C LEU A 14 0.68 12.93 19.10
N GLY A 15 1.09 13.81 18.19
CA GLY A 15 2.21 13.51 17.31
C GLY A 15 3.06 14.72 17.03
N ILE A 16 3.25 15.54 18.06
CA ILE A 16 4.06 16.74 17.95
C ILE A 16 5.23 16.68 18.92
N ALA A 17 6.43 16.92 18.41
CA ALA A 17 7.63 16.89 19.24
C ALA A 17 7.91 18.27 19.83
N THR A 18 7.48 18.49 21.07
CA THR A 18 7.70 19.75 21.74
C THR A 18 8.81 19.63 22.78
N VAL A 19 9.61 20.68 22.92
CA VAL A 19 10.71 20.67 23.86
C VAL A 19 10.31 21.24 25.22
N ASP A 20 10.90 20.67 26.27
CA ASP A 20 10.63 21.10 27.63
C ASP A 20 11.90 21.63 28.29
N ALA A 21 11.78 22.12 29.52
CA ALA A 21 12.92 22.66 30.24
C ALA A 21 13.99 21.60 30.42
N GLN A 22 13.56 20.37 30.71
CA GLN A 22 14.47 19.26 30.91
C GLN A 22 13.97 18.04 30.14
N GLY A 23 14.78 16.99 30.13
CA GLY A 23 14.40 15.78 29.42
C GLY A 23 13.70 14.77 30.31
N ARG A 24 12.38 14.91 30.46
CA ARG A 24 11.61 14.00 31.27
C ARG A 24 11.44 12.67 30.56
N ILE A 25 11.10 11.62 31.31
CA ILE A 25 10.91 10.31 30.72
C ILE A 25 9.80 10.36 29.67
N GLN A 26 10.18 10.14 28.42
CA GLN A 26 9.23 10.17 27.32
C GLN A 26 8.72 8.77 26.99
N ILE A 27 7.63 8.71 26.22
CA ILE A 27 7.04 7.44 25.83
C ILE A 27 7.76 6.84 24.63
N VAL A 28 8.14 5.58 24.76
CA VAL A 28 8.83 4.86 23.71
C VAL A 28 8.03 4.84 22.42
N ASN A 29 8.16 5.89 21.63
CA ASN A 29 7.44 6.00 20.36
C ASN A 29 8.03 7.12 19.50
N GLN A 30 9.31 6.98 19.15
CA GLN A 30 9.99 7.98 18.33
C GLN A 30 10.39 7.39 16.98
N ASN A 31 10.87 6.15 16.99
CA ASN A 31 11.29 5.48 15.76
C ASN A 31 10.34 4.36 15.39
N LYS A 32 10.56 3.77 14.22
CA LYS A 32 9.71 2.68 13.73
C LYS A 32 9.61 1.56 14.77
N PRO A 33 8.38 1.03 14.97
CA PRO A 33 8.14 -0.05 15.92
C PRO A 33 8.44 -1.42 15.32
N ILE A 34 8.27 -2.47 16.12
CA ILE A 34 8.54 -3.83 15.65
C ILE A 34 7.24 -4.54 15.29
N ALA A 35 7.16 -5.01 14.05
CA ALA A 35 5.96 -5.71 13.56
C ALA A 35 4.78 -4.76 13.42
N ALA A 36 4.94 -3.76 12.56
CA ALA A 36 3.88 -2.78 12.33
C ALA A 36 4.15 -1.97 11.05
N ASN A 37 4.47 -2.68 9.98
CA ASN A 37 4.77 -2.01 8.71
C ASN A 37 3.96 -2.61 7.55
N THR A 38 2.96 -3.42 7.87
CA THR A 38 2.14 -4.04 6.83
C THR A 38 0.68 -4.19 7.28
N ILE A 39 -0.11 -3.13 7.10
CA ILE A 39 -1.51 -3.16 7.47
C ILE A 39 -2.40 -3.33 6.23
N SER A 40 -1.97 -2.73 5.13
CA SER A 40 -2.70 -2.80 3.86
C SER A 40 -2.19 -1.73 2.90
N ASN A 41 -2.55 -0.48 3.17
CA ASN A 41 -2.12 0.64 2.34
C ASN A 41 -2.50 0.45 0.88
N ILE A 42 -3.80 0.31 0.63
CA ILE A 42 -4.30 0.14 -0.72
C ILE A 42 -4.70 1.49 -1.32
N SER A 43 -4.06 1.86 -2.43
CA SER A 43 -4.34 3.14 -3.07
C SER A 43 -5.35 2.97 -4.21
N PHE A 44 -6.58 3.40 -3.97
CA PHE A 44 -7.64 3.32 -4.97
C PHE A 44 -8.16 4.72 -5.28
N LYS A 45 -7.84 5.21 -6.48
CA LYS A 45 -8.25 6.55 -6.91
C LYS A 45 -9.29 6.50 -8.02
N CYS A 46 -10.20 7.46 -7.99
CA CYS A 46 -11.26 7.56 -9.00
C CYS A 46 -10.89 8.61 -10.06
N ASP A 47 -10.73 8.17 -11.29
CA ASP A 47 -10.36 9.05 -12.39
C ASP A 47 -11.50 9.99 -12.80
N VAL A 48 -12.74 9.61 -12.53
CA VAL A 48 -13.89 10.42 -12.90
C VAL A 48 -13.91 11.78 -12.20
N CYS A 49 -13.78 11.77 -10.88
CA CYS A 49 -13.79 13.01 -10.10
C CYS A 49 -12.57 13.14 -9.20
N SER A 50 -11.56 12.31 -9.43
CA SER A 50 -10.33 12.31 -8.63
C SER A 50 -10.63 12.01 -7.15
N ASP A 51 -11.54 11.08 -6.93
CA ASP A 51 -11.89 10.65 -5.58
C ASP A 51 -11.19 9.34 -5.26
N MET A 52 -10.30 9.37 -4.27
CA MET A 52 -9.53 8.19 -3.90
C MET A 52 -9.75 7.79 -2.45
N PHE A 53 -9.78 6.48 -2.21
CA PHE A 53 -9.98 5.95 -0.86
C PHE A 53 -9.21 4.65 -0.67
N PRO A 54 -8.93 4.29 0.59
CA PRO A 54 -8.19 3.07 0.92
C PRO A 54 -9.08 1.83 0.92
N HIS A 55 -10.38 2.01 0.64
CA HIS A 55 -11.31 0.90 0.63
C HIS A 55 -11.87 0.64 -0.76
N LEU A 56 -12.08 -0.63 -1.07
CA LEU A 56 -12.64 -1.03 -2.36
C LEU A 56 -14.11 -0.61 -2.45
N ALA A 57 -14.83 -0.77 -1.34
CA ALA A 57 -16.23 -0.42 -1.30
C ALA A 57 -16.41 1.08 -1.53
N LEU A 58 -15.53 1.88 -0.93
CA LEU A 58 -15.58 3.31 -1.07
C LEU A 58 -15.41 3.71 -2.54
N LEU A 59 -14.37 3.18 -3.18
CA LEU A 59 -14.11 3.49 -4.58
C LEU A 59 -15.08 2.82 -5.53
N ASN A 60 -15.20 1.49 -5.43
CA ASN A 60 -16.08 0.73 -6.31
C ASN A 60 -17.51 1.27 -6.26
N ALA A 61 -17.98 1.51 -5.06
CA ALA A 61 -19.33 2.03 -4.88
C ALA A 61 -19.42 3.45 -5.45
N HIS A 62 -18.36 4.20 -5.26
CA HIS A 62 -18.26 5.58 -5.73
C HIS A 62 -18.41 5.65 -7.24
N LYS A 63 -17.71 4.77 -7.95
CA LYS A 63 -17.76 4.73 -9.41
C LYS A 63 -19.13 4.31 -9.93
N ARG A 64 -19.85 3.53 -9.15
CA ARG A 64 -21.17 3.07 -9.58
C ARG A 64 -22.08 4.27 -9.83
N MET A 65 -21.97 5.27 -8.96
CA MET A 65 -22.76 6.48 -9.09
C MET A 65 -22.33 7.28 -10.32
N HIS A 66 -21.03 7.23 -10.64
CA HIS A 66 -20.50 7.95 -11.79
C HIS A 66 -20.99 7.38 -13.11
N THR A 67 -21.08 6.06 -13.21
CA THR A 67 -21.54 5.41 -14.43
C THR A 67 -22.47 4.25 -14.13
N ASP A 68 -23.43 4.02 -15.02
CA ASP A 68 -24.39 2.93 -14.87
C ASP A 68 -24.80 2.37 -16.23
N GLY A 69 -25.58 3.16 -16.97
CA GLY A 69 -26.04 2.73 -18.28
C GLY A 69 -25.58 3.65 -19.40
N GLU A 70 -26.54 4.23 -20.12
CA GLU A 70 -26.22 5.14 -21.21
C GLU A 70 -26.61 6.58 -20.85
ZN ZN B . -15.27 9.71 -8.51
N ASN A 4 -0.60 0.13 22.61
CA ASN A 4 0.72 0.78 22.85
C ASN A 4 1.66 0.59 21.67
N GLY A 5 2.09 1.69 21.09
CA GLY A 5 2.99 1.62 19.95
C GLY A 5 2.66 2.63 18.87
N MET A 6 3.68 3.07 18.13
CA MET A 6 3.48 4.04 17.07
C MET A 6 3.78 3.42 15.70
N PRO A 7 2.75 3.16 14.88
CA PRO A 7 2.93 2.56 13.56
C PRO A 7 3.80 3.43 12.66
N LEU A 8 4.66 2.79 11.88
CA LEU A 8 5.56 3.50 10.97
C LEU A 8 5.86 2.67 9.74
N ASN A 9 5.66 3.25 8.56
CA ASN A 9 5.92 2.55 7.31
C ASN A 9 6.87 3.32 6.40
N GLN A 10 7.59 4.28 6.97
CA GLN A 10 8.54 5.09 6.20
C GLN A 10 9.85 4.33 6.01
N GLY A 11 10.61 4.74 5.00
CA GLY A 11 11.88 4.10 4.73
C GLY A 11 12.89 5.02 4.08
N ALA A 12 12.77 5.21 2.76
CA ALA A 12 13.67 6.08 2.02
C ALA A 12 13.17 7.52 2.00
N ALA A 13 14.10 8.46 1.99
CA ALA A 13 13.76 9.88 1.97
C ALA A 13 15.02 10.74 1.86
N LEU A 14 15.92 10.56 2.81
CA LEU A 14 17.17 11.32 2.83
C LEU A 14 18.37 10.40 2.60
N GLY A 15 19.53 11.00 2.33
CA GLY A 15 20.73 10.22 2.09
C GLY A 15 21.14 9.40 3.30
N ILE A 16 22.35 8.85 3.28
CA ILE A 16 22.85 8.04 4.38
C ILE A 16 24.06 8.70 5.02
N ALA A 17 23.95 9.01 6.31
CA ALA A 17 25.04 9.64 7.04
C ALA A 17 26.08 8.61 7.46
N THR A 18 27.30 9.07 7.69
CA THR A 18 28.38 8.18 8.09
C THR A 18 28.24 7.77 9.55
N VAL A 19 28.84 6.64 9.91
CA VAL A 19 28.77 6.15 11.28
C VAL A 19 29.99 6.59 12.08
N ASP A 20 29.76 7.05 13.31
CA ASP A 20 30.84 7.50 14.18
C ASP A 20 31.91 6.43 14.33
N ALA A 21 32.90 6.72 15.16
CA ALA A 21 34.00 5.77 15.39
C ALA A 21 33.48 4.45 15.95
N GLN A 22 32.34 4.50 16.63
CA GLN A 22 31.74 3.31 17.22
C GLN A 22 31.45 2.27 16.14
N GLY A 23 31.71 1.00 16.45
CA GLY A 23 31.47 -0.06 15.49
C GLY A 23 30.19 -0.85 15.78
N ARG A 24 29.07 -0.14 15.79
CA ARG A 24 27.78 -0.78 16.04
C ARG A 24 27.35 -1.62 14.85
N ILE A 25 26.53 -2.65 15.12
CA ILE A 25 26.06 -3.55 14.08
C ILE A 25 25.15 -2.84 13.07
N GLN A 26 25.71 -2.59 11.88
CA GLN A 26 24.97 -1.94 10.81
C GLN A 26 25.89 -1.64 9.63
N ILE A 27 25.55 -2.17 8.46
CA ILE A 27 26.35 -1.96 7.27
C ILE A 27 25.98 -0.64 6.59
N VAL A 28 26.95 -0.01 5.95
CA VAL A 28 26.72 1.26 5.28
C VAL A 28 27.01 1.16 3.78
N ASN A 29 26.09 1.68 2.98
CA ASN A 29 26.24 1.66 1.52
C ASN A 29 26.19 3.08 0.96
N GLN A 30 26.56 3.23 -0.30
CA GLN A 30 26.56 4.55 -0.94
C GLN A 30 25.39 4.71 -1.90
N ASN A 31 25.47 4.04 -3.05
CA ASN A 31 24.42 4.14 -4.06
C ASN A 31 23.50 2.92 -4.05
N LYS A 32 22.20 3.17 -3.93
CA LYS A 32 21.20 2.12 -3.92
C LYS A 32 20.51 2.02 -5.28
N PRO A 33 20.34 0.79 -5.82
CA PRO A 33 19.69 0.59 -7.12
C PRO A 33 18.25 1.09 -7.15
N ILE A 34 17.42 0.53 -6.28
CA ILE A 34 16.00 0.91 -6.20
C ILE A 34 15.37 0.40 -4.91
N ALA A 35 15.55 1.14 -3.83
CA ALA A 35 14.99 0.75 -2.54
C ALA A 35 14.23 1.91 -1.89
N ALA A 36 13.18 2.37 -2.57
CA ALA A 36 12.37 3.47 -2.08
C ALA A 36 10.90 3.31 -2.49
N ASN A 37 10.01 3.33 -1.51
CA ASN A 37 8.58 3.20 -1.76
C ASN A 37 7.87 4.53 -1.49
N THR A 38 8.40 5.60 -2.07
CA THR A 38 7.84 6.93 -1.88
C THR A 38 6.91 7.31 -3.04
N ILE A 39 6.05 6.38 -3.43
CA ILE A 39 5.11 6.62 -4.52
C ILE A 39 3.68 6.72 -3.98
N SER A 40 2.90 5.64 -4.08
CA SER A 40 1.54 5.64 -3.57
C SER A 40 1.14 4.24 -3.11
N ASN A 41 0.91 4.09 -1.82
CA ASN A 41 0.52 2.81 -1.26
C ASN A 41 -0.79 2.34 -1.89
N ILE A 42 -0.89 1.04 -2.17
CA ILE A 42 -2.10 0.46 -2.78
C ILE A 42 -3.33 1.30 -2.48
N SER A 43 -3.75 2.07 -3.46
CA SER A 43 -4.91 2.93 -3.31
C SER A 43 -5.71 3.01 -4.61
N PHE A 44 -7.03 2.89 -4.49
CA PHE A 44 -7.90 2.96 -5.64
C PHE A 44 -8.40 4.40 -5.81
N LYS A 45 -8.15 4.98 -6.96
CA LYS A 45 -8.56 6.35 -7.23
C LYS A 45 -9.64 6.45 -8.29
N CYS A 46 -10.52 7.43 -8.14
CA CYS A 46 -11.60 7.67 -9.10
C CYS A 46 -11.12 8.68 -10.14
N ASP A 47 -10.88 8.19 -11.34
CA ASP A 47 -10.39 9.03 -12.44
C ASP A 47 -11.35 10.17 -12.77
N VAL A 48 -12.65 9.90 -12.64
CA VAL A 48 -13.68 10.87 -12.97
C VAL A 48 -13.63 12.14 -12.10
N CYS A 49 -13.58 11.98 -10.79
CA CYS A 49 -13.57 13.14 -9.89
C CYS A 49 -12.39 13.10 -8.91
N SER A 50 -11.43 12.22 -9.17
CA SER A 50 -10.25 12.08 -8.30
C SER A 50 -10.62 11.69 -6.87
N ASP A 51 -11.66 10.88 -6.73
CA ASP A 51 -12.09 10.41 -5.43
C ASP A 51 -11.43 9.07 -5.11
N MET A 52 -10.39 9.12 -4.27
CA MET A 52 -9.65 7.93 -3.89
C MET A 52 -9.81 7.62 -2.41
N PHE A 53 -9.92 6.33 -2.09
CA PHE A 53 -10.11 5.91 -0.70
C PHE A 53 -9.26 4.68 -0.38
N PRO A 54 -9.01 4.44 0.92
CA PRO A 54 -8.23 3.31 1.39
C PRO A 54 -8.95 1.99 1.18
N HIS A 55 -10.24 2.06 0.86
CA HIS A 55 -11.04 0.86 0.66
C HIS A 55 -11.60 0.78 -0.76
N LEU A 56 -11.67 -0.43 -1.28
CA LEU A 56 -12.20 -0.68 -2.61
C LEU A 56 -13.70 -0.44 -2.64
N ALA A 57 -14.37 -0.87 -1.59
CA ALA A 57 -15.82 -0.70 -1.49
C ALA A 57 -16.17 0.78 -1.51
N LEU A 58 -15.36 1.58 -0.83
CA LEU A 58 -15.57 3.02 -0.77
C LEU A 58 -15.53 3.62 -2.16
N LEU A 59 -14.51 3.27 -2.94
CA LEU A 59 -14.36 3.79 -4.29
C LEU A 59 -15.40 3.20 -5.24
N ASN A 60 -15.49 1.87 -5.27
CA ASN A 60 -16.43 1.21 -6.17
C ASN A 60 -17.83 1.76 -5.99
N ALA A 61 -18.24 1.95 -4.75
CA ALA A 61 -19.55 2.50 -4.48
C ALA A 61 -19.63 3.90 -5.10
N HIS A 62 -18.54 4.63 -4.97
CA HIS A 62 -18.45 5.97 -5.51
C HIS A 62 -18.54 5.95 -7.04
N LYS A 63 -17.75 5.06 -7.65
CA LYS A 63 -17.70 4.93 -9.11
C LYS A 63 -19.00 4.39 -9.69
N ARG A 64 -19.74 3.60 -8.92
CA ARG A 64 -20.99 3.04 -9.42
C ARG A 64 -21.91 4.12 -9.95
N MET A 65 -21.95 5.25 -9.25
CA MET A 65 -22.77 6.37 -9.69
C MET A 65 -22.17 7.00 -10.94
N HIS A 66 -20.85 7.02 -11.03
CA HIS A 66 -20.16 7.58 -12.18
C HIS A 66 -20.36 6.71 -13.41
N THR A 67 -20.71 5.45 -13.19
CA THR A 67 -20.92 4.50 -14.29
C THR A 67 -22.40 4.39 -14.66
N ASP A 68 -23.20 5.30 -14.15
CA ASP A 68 -24.64 5.30 -14.44
C ASP A 68 -25.26 6.66 -14.15
N GLY A 69 -24.75 7.69 -14.80
CA GLY A 69 -25.28 9.04 -14.59
C GLY A 69 -24.32 9.94 -13.85
N GLU A 70 -23.36 10.50 -14.57
CA GLU A 70 -22.36 11.38 -13.97
C GLU A 70 -23.04 12.59 -13.33
ZN ZN B . -15.64 10.07 -8.53
N ASN A 4 11.64 -31.01 23.25
CA ASN A 4 12.51 -32.15 22.86
C ASN A 4 12.89 -32.10 21.39
N GLY A 5 13.06 -30.88 20.88
CA GLY A 5 13.43 -30.71 19.48
C GLY A 5 12.29 -31.00 18.53
N MET A 6 11.07 -30.65 18.94
CA MET A 6 9.90 -30.89 18.11
C MET A 6 9.04 -29.63 17.98
N PRO A 7 9.55 -28.61 17.26
CA PRO A 7 8.84 -27.33 17.05
C PRO A 7 7.52 -27.52 16.31
N LEU A 8 6.54 -26.65 16.60
CA LEU A 8 5.24 -26.70 15.95
C LEU A 8 5.05 -25.51 15.02
N ASN A 9 4.18 -25.66 14.02
CA ASN A 9 3.94 -24.60 13.06
C ASN A 9 2.51 -24.06 13.15
N GLN A 10 1.54 -24.97 13.17
CA GLN A 10 0.14 -24.60 13.22
C GLN A 10 -0.22 -24.02 14.59
N GLY A 11 -1.04 -22.97 14.60
CA GLY A 11 -1.43 -22.36 15.85
C GLY A 11 -1.66 -20.86 15.74
N ALA A 12 -0.68 -20.08 16.20
CA ALA A 12 -0.78 -18.63 16.17
C ALA A 12 -0.54 -18.07 14.77
N ALA A 13 -1.00 -16.84 14.54
CA ALA A 13 -0.84 -16.19 13.25
C ALA A 13 0.60 -16.20 12.77
N LEU A 14 1.43 -15.35 13.37
CA LEU A 14 2.84 -15.27 13.01
C LEU A 14 3.67 -16.25 13.84
N GLY A 15 4.54 -16.99 13.17
CA GLY A 15 5.37 -17.97 13.86
C GLY A 15 6.85 -17.76 13.61
N ILE A 16 7.40 -16.66 14.13
CA ILE A 16 8.82 -16.37 13.97
C ILE A 16 9.61 -16.89 15.15
N ALA A 17 10.49 -17.86 14.90
CA ALA A 17 11.32 -18.45 15.95
C ALA A 17 12.50 -17.56 16.28
N THR A 18 13.06 -17.74 17.48
CA THR A 18 14.21 -16.96 17.91
C THR A 18 15.49 -17.49 17.27
N VAL A 19 16.47 -16.61 17.10
CA VAL A 19 17.73 -16.99 16.49
C VAL A 19 18.87 -17.01 17.50
N ASP A 20 19.71 -18.05 17.42
CA ASP A 20 20.85 -18.19 18.31
C ASP A 20 22.14 -18.36 17.52
N ALA A 21 23.26 -18.45 18.23
CA ALA A 21 24.56 -18.62 17.60
C ALA A 21 24.61 -19.89 16.76
N GLN A 22 23.83 -20.89 17.17
CA GLN A 22 23.79 -22.17 16.47
C GLN A 22 23.23 -21.99 15.07
N GLY A 23 23.78 -22.74 14.11
CA GLY A 23 23.31 -22.67 12.74
C GLY A 23 22.51 -23.88 12.35
N ARG A 24 21.33 -23.66 11.77
CA ARG A 24 20.47 -24.77 11.35
C ARG A 24 20.57 -24.98 9.84
N ILE A 25 20.77 -26.24 9.45
CA ILE A 25 20.89 -26.59 8.04
C ILE A 25 19.52 -26.84 7.42
N GLN A 26 19.24 -26.16 6.31
CA GLN A 26 17.96 -26.32 5.63
C GLN A 26 18.16 -26.52 4.12
N ILE A 27 17.32 -27.36 3.53
CA ILE A 27 17.39 -27.64 2.11
C ILE A 27 16.20 -27.02 1.38
N VAL A 28 16.48 -26.32 0.29
CA VAL A 28 15.43 -25.66 -0.47
C VAL A 28 15.54 -25.92 -1.97
N ASN A 29 14.39 -25.94 -2.64
CA ASN A 29 14.34 -26.16 -4.08
C ASN A 29 13.26 -25.27 -4.69
N GLN A 30 13.66 -24.05 -5.08
CA GLN A 30 12.72 -23.09 -5.65
C GLN A 30 13.05 -22.82 -7.12
N ASN A 31 12.01 -22.58 -7.91
CA ASN A 31 12.17 -22.29 -9.33
C ASN A 31 12.44 -20.79 -9.51
N LYS A 32 13.02 -20.42 -10.66
CA LYS A 32 13.32 -19.03 -10.93
C LYS A 32 12.95 -18.61 -12.36
N PRO A 33 11.64 -18.42 -12.62
CA PRO A 33 11.16 -18.00 -13.93
C PRO A 33 11.35 -16.50 -14.13
N ILE A 34 10.86 -15.73 -13.17
CA ILE A 34 10.97 -14.28 -13.19
C ILE A 34 10.92 -13.74 -11.77
N ALA A 35 12.01 -13.12 -11.32
CA ALA A 35 12.08 -12.57 -9.96
C ALA A 35 10.77 -11.90 -9.56
N ALA A 36 10.05 -12.53 -8.65
CA ALA A 36 8.78 -12.01 -8.18
C ALA A 36 8.96 -10.69 -7.42
N ASN A 37 8.04 -9.76 -7.65
CA ASN A 37 8.08 -8.46 -7.00
C ASN A 37 7.23 -8.46 -5.73
N THR A 38 7.61 -7.66 -4.76
CA THR A 38 6.87 -7.59 -3.49
C THR A 38 6.09 -6.29 -3.36
N ILE A 39 4.77 -6.42 -3.20
CA ILE A 39 3.89 -5.27 -3.05
C ILE A 39 2.44 -5.74 -2.91
N SER A 40 1.97 -5.81 -1.66
CA SER A 40 0.61 -6.26 -1.38
C SER A 40 -0.35 -5.08 -1.15
N ASN A 41 0.19 -3.86 -1.14
CA ASN A 41 -0.64 -2.67 -0.92
C ASN A 41 -1.34 -2.25 -2.20
N ILE A 42 -2.65 -2.03 -2.09
CA ILE A 42 -3.44 -1.62 -3.24
C ILE A 42 -4.23 -0.33 -2.94
N SER A 43 -4.19 0.61 -3.88
CA SER A 43 -4.88 1.87 -3.71
C SER A 43 -5.83 2.14 -4.88
N PHE A 44 -7.01 2.66 -4.57
CA PHE A 44 -8.00 2.94 -5.61
C PHE A 44 -8.39 4.43 -5.65
N LYS A 45 -8.12 5.06 -6.79
CA LYS A 45 -8.43 6.47 -6.99
C LYS A 45 -9.40 6.66 -8.14
N CYS A 46 -10.35 7.57 -7.96
CA CYS A 46 -11.32 7.85 -9.02
C CYS A 46 -10.81 8.98 -9.91
N ASP A 47 -10.34 8.63 -11.10
CA ASP A 47 -9.80 9.60 -12.02
C ASP A 47 -10.89 10.50 -12.60
N VAL A 48 -12.14 10.05 -12.54
CA VAL A 48 -13.25 10.83 -13.07
C VAL A 48 -13.44 12.13 -12.28
N CYS A 49 -13.49 12.04 -10.95
CA CYS A 49 -13.66 13.22 -10.11
C CYS A 49 -12.57 13.31 -9.03
N SER A 50 -11.53 12.51 -9.16
CA SER A 50 -10.42 12.50 -8.20
C SER A 50 -10.86 12.06 -6.81
N ASP A 51 -11.77 11.09 -6.76
CA ASP A 51 -12.24 10.56 -5.49
C ASP A 51 -11.49 9.27 -5.16
N MET A 52 -10.59 9.35 -4.18
CA MET A 52 -9.78 8.21 -3.79
C MET A 52 -9.99 7.83 -2.33
N PHE A 53 -10.02 6.54 -2.06
CA PHE A 53 -10.23 6.04 -0.72
C PHE A 53 -9.35 4.83 -0.44
N PRO A 54 -9.02 4.60 0.84
CA PRO A 54 -8.17 3.47 1.25
C PRO A 54 -8.86 2.13 1.03
N HIS A 55 -10.17 2.16 0.80
CA HIS A 55 -10.94 0.94 0.60
C HIS A 55 -11.48 0.85 -0.82
N LEU A 56 -11.52 -0.37 -1.34
CA LEU A 56 -12.04 -0.62 -2.67
C LEU A 56 -13.55 -0.43 -2.67
N ALA A 57 -14.19 -0.88 -1.59
CA ALA A 57 -15.64 -0.75 -1.45
C ALA A 57 -16.04 0.72 -1.48
N LEU A 58 -15.24 1.56 -0.83
CA LEU A 58 -15.50 2.99 -0.80
C LEU A 58 -15.52 3.56 -2.20
N LEU A 59 -14.48 3.26 -2.98
CA LEU A 59 -14.39 3.75 -4.35
C LEU A 59 -15.42 3.07 -5.25
N ASN A 60 -15.49 1.75 -5.15
CA ASN A 60 -16.40 0.97 -5.98
C ASN A 60 -17.82 1.51 -5.87
N ALA A 61 -18.24 1.81 -4.66
CA ALA A 61 -19.57 2.36 -4.44
C ALA A 61 -19.68 3.73 -5.10
N HIS A 62 -18.59 4.51 -4.98
CA HIS A 62 -18.53 5.84 -5.56
C HIS A 62 -18.70 5.79 -7.08
N LYS A 63 -17.98 4.86 -7.70
CA LYS A 63 -18.03 4.68 -9.15
C LYS A 63 -19.43 4.36 -9.64
N ARG A 64 -20.23 3.76 -8.77
CA ARG A 64 -21.59 3.38 -9.14
C ARG A 64 -22.31 4.57 -9.78
N MET A 65 -22.08 5.75 -9.24
CA MET A 65 -22.68 6.97 -9.76
C MET A 65 -22.15 7.28 -11.16
N HIS A 66 -20.86 7.06 -11.36
CA HIS A 66 -20.22 7.34 -12.66
C HIS A 66 -20.73 6.39 -13.74
N THR A 67 -20.91 5.12 -13.39
CA THR A 67 -21.38 4.12 -14.35
C THR A 67 -21.50 2.76 -13.70
N ASP A 68 -22.72 2.29 -13.49
CA ASP A 68 -22.94 0.98 -12.87
C ASP A 68 -24.27 0.38 -13.31
N GLY A 69 -25.36 0.90 -12.77
CA GLY A 69 -26.68 0.39 -13.09
C GLY A 69 -27.16 -0.61 -12.06
N GLU A 70 -27.40 -1.85 -12.49
CA GLU A 70 -27.86 -2.89 -11.58
C GLU A 70 -26.70 -3.81 -11.20
ZN ZN B . -15.61 9.91 -8.70
N ASN A 4 10.52 -1.02 13.14
CA ASN A 4 10.03 -2.43 13.13
C ASN A 4 8.51 -2.49 13.24
N GLY A 5 7.85 -1.46 12.71
CA GLY A 5 6.39 -1.41 12.75
C GLY A 5 5.85 -0.72 13.98
N MET A 6 6.72 -0.44 14.96
CA MET A 6 6.29 0.23 16.19
C MET A 6 7.19 1.42 16.51
N PRO A 7 6.96 2.57 15.85
CA PRO A 7 7.76 3.78 16.08
C PRO A 7 7.49 4.40 17.45
N LEU A 8 8.51 5.06 18.01
CA LEU A 8 8.37 5.69 19.32
C LEU A 8 8.07 7.18 19.17
N ASN A 9 7.08 7.67 19.93
CA ASN A 9 6.70 9.07 19.88
C ASN A 9 6.94 9.78 21.22
N GLN A 10 7.69 9.13 22.11
CA GLN A 10 7.99 9.71 23.41
C GLN A 10 9.12 10.72 23.32
N GLY A 11 9.10 11.72 24.20
CA GLY A 11 10.13 12.74 24.19
C GLY A 11 9.86 13.83 23.19
N ALA A 12 10.73 14.84 23.15
CA ALA A 12 10.57 15.95 22.21
C ALA A 12 10.67 15.46 20.77
N ALA A 13 9.75 15.93 19.93
CA ALA A 13 9.73 15.53 18.54
C ALA A 13 10.24 16.66 17.63
N LEU A 14 9.87 17.89 17.96
CA LEU A 14 10.28 19.04 17.17
C LEU A 14 10.80 20.18 18.05
N GLY A 15 11.96 20.70 17.69
CA GLY A 15 12.55 21.80 18.43
C GLY A 15 13.14 21.38 19.77
N ILE A 16 14.03 22.23 20.29
CA ILE A 16 14.67 21.97 21.58
C ILE A 16 14.56 23.19 22.49
N ALA A 17 14.32 22.96 23.77
CA ALA A 17 14.19 24.03 24.75
C ALA A 17 15.33 25.03 24.62
N THR A 18 15.09 26.26 25.08
CA THR A 18 16.11 27.31 25.01
C THR A 18 17.35 26.92 25.80
N VAL A 19 18.51 27.26 25.25
CA VAL A 19 19.77 26.93 25.89
C VAL A 19 20.21 28.05 26.85
N ASP A 20 21.10 27.70 27.77
CA ASP A 20 21.62 28.65 28.75
C ASP A 20 23.00 29.13 28.32
N ALA A 21 23.89 29.36 29.29
CA ALA A 21 25.24 29.81 28.98
C ALA A 21 25.94 28.78 28.11
N GLN A 22 25.69 27.50 28.38
CA GLN A 22 26.28 26.42 27.61
C GLN A 22 25.31 25.97 26.52
N GLY A 23 25.75 26.08 25.26
CA GLY A 23 24.91 25.70 24.14
C GLY A 23 25.42 24.48 23.41
N ARG A 24 24.54 23.85 22.65
CA ARG A 24 24.90 22.66 21.88
C ARG A 24 25.18 23.01 20.42
N ILE A 25 26.31 22.54 19.91
CA ILE A 25 26.69 22.79 18.54
C ILE A 25 26.59 21.53 17.70
N GLN A 26 25.92 21.62 16.57
CA GLN A 26 25.76 20.47 15.69
C GLN A 26 26.98 20.31 14.78
N ILE A 27 27.83 19.35 15.13
CA ILE A 27 29.04 19.09 14.35
C ILE A 27 28.75 18.08 13.24
N VAL A 28 29.37 18.30 12.09
CA VAL A 28 29.18 17.42 10.95
C VAL A 28 29.32 15.96 11.37
N ASN A 29 28.22 15.22 11.27
CA ASN A 29 28.22 13.82 11.68
C ASN A 29 27.44 12.96 10.68
N GLN A 30 27.39 11.66 10.95
CA GLN A 30 26.69 10.72 10.11
C GLN A 30 25.19 10.71 10.43
N ASN A 31 24.38 10.43 9.42
CA ASN A 31 22.92 10.39 9.60
C ASN A 31 22.45 8.97 9.87
N LYS A 32 21.19 8.83 10.25
CA LYS A 32 20.61 7.52 10.52
C LYS A 32 19.80 7.03 9.32
N PRO A 33 20.28 5.98 8.63
CA PRO A 33 19.59 5.44 7.46
C PRO A 33 18.27 4.76 7.83
N ILE A 34 17.23 5.04 7.04
CA ILE A 34 15.91 4.47 7.26
C ILE A 34 15.17 4.31 5.94
N ALA A 35 14.97 3.07 5.51
CA ALA A 35 14.28 2.81 4.26
C ALA A 35 13.03 1.96 4.48
N ALA A 36 11.96 2.30 3.75
CA ALA A 36 10.70 1.57 3.86
C ALA A 36 10.16 1.21 2.47
N ASN A 37 9.28 0.23 2.42
CA ASN A 37 8.69 -0.20 1.16
C ASN A 37 7.17 -0.27 1.25
N THR A 38 6.51 -0.30 0.10
CA THR A 38 5.05 -0.36 0.04
C THR A 38 4.56 -1.74 -0.36
N ILE A 39 3.61 -2.27 0.42
CA ILE A 39 3.04 -3.59 0.14
C ILE A 39 2.05 -4.00 1.24
N SER A 40 1.43 -3.01 1.87
CA SER A 40 0.46 -3.26 2.93
C SER A 40 -0.80 -2.41 2.75
N ASN A 41 -0.65 -1.10 2.85
CA ASN A 41 -1.78 -0.17 2.69
C ASN A 41 -1.78 0.48 1.32
N ILE A 42 -2.85 0.25 0.56
CA ILE A 42 -2.99 0.81 -0.77
C ILE A 42 -4.38 1.40 -0.98
N SER A 43 -4.45 2.54 -1.65
CA SER A 43 -5.73 3.20 -1.91
C SER A 43 -5.99 3.33 -3.40
N PHE A 44 -7.25 3.14 -3.79
CA PHE A 44 -7.65 3.25 -5.19
C PHE A 44 -8.21 4.64 -5.47
N LYS A 45 -7.77 5.24 -6.58
CA LYS A 45 -8.21 6.59 -6.94
C LYS A 45 -9.14 6.59 -8.14
N CYS A 46 -10.10 7.51 -8.10
CA CYS A 46 -11.06 7.67 -9.19
C CYS A 46 -10.61 8.83 -10.07
N ASP A 47 -10.13 8.51 -11.27
CA ASP A 47 -9.64 9.53 -12.20
C ASP A 47 -10.75 10.41 -12.76
N VAL A 48 -11.99 9.93 -12.69
CA VAL A 48 -13.12 10.69 -13.22
C VAL A 48 -13.32 12.00 -12.46
N CYS A 49 -13.35 11.93 -11.14
CA CYS A 49 -13.53 13.13 -10.31
C CYS A 49 -12.43 13.26 -9.25
N SER A 50 -11.38 12.45 -9.36
CA SER A 50 -10.28 12.47 -8.40
C SER A 50 -10.73 12.03 -7.00
N ASP A 51 -11.58 11.02 -6.94
CA ASP A 51 -12.06 10.48 -5.66
C ASP A 51 -11.32 9.19 -5.34
N MET A 52 -10.45 9.24 -4.34
CA MET A 52 -9.66 8.08 -3.95
C MET A 52 -9.92 7.68 -2.51
N PHE A 53 -9.93 6.37 -2.26
CA PHE A 53 -10.19 5.85 -0.93
C PHE A 53 -9.32 4.64 -0.63
N PRO A 54 -9.08 4.36 0.67
CA PRO A 54 -8.26 3.23 1.11
C PRO A 54 -8.92 1.89 0.83
N HIS A 55 -10.24 1.92 0.64
CA HIS A 55 -11.00 0.71 0.38
C HIS A 55 -11.43 0.59 -1.07
N LEU A 56 -11.40 -0.64 -1.57
CA LEU A 56 -11.82 -0.92 -2.93
C LEU A 56 -13.32 -0.74 -3.03
N ALA A 57 -14.01 -1.19 -1.98
CA ALA A 57 -15.47 -1.08 -1.91
C ALA A 57 -15.90 0.38 -1.92
N LEU A 58 -15.16 1.23 -1.21
CA LEU A 58 -15.49 2.65 -1.15
C LEU A 58 -15.45 3.24 -2.55
N LEU A 59 -14.36 2.98 -3.27
CA LEU A 59 -14.23 3.47 -4.63
C LEU A 59 -15.34 2.91 -5.52
N ASN A 60 -15.51 1.58 -5.45
CA ASN A 60 -16.54 0.93 -6.25
C ASN A 60 -17.90 1.54 -5.98
N ALA A 61 -18.18 1.81 -4.71
CA ALA A 61 -19.45 2.43 -4.35
C ALA A 61 -19.54 3.78 -5.02
N HIS A 62 -18.42 4.50 -5.01
CA HIS A 62 -18.32 5.80 -5.64
C HIS A 62 -18.60 5.70 -7.14
N LYS A 63 -18.08 4.65 -7.74
CA LYS A 63 -18.24 4.40 -9.17
C LYS A 63 -19.71 4.28 -9.54
N ARG A 64 -20.54 3.87 -8.59
CA ARG A 64 -21.96 3.72 -8.84
C ARG A 64 -22.52 4.99 -9.48
N MET A 65 -22.07 6.14 -9.00
CA MET A 65 -22.53 7.41 -9.53
C MET A 65 -22.10 7.57 -10.98
N HIS A 66 -20.89 7.14 -11.29
CA HIS A 66 -20.36 7.24 -12.65
C HIS A 66 -21.02 6.22 -13.58
N THR A 67 -21.51 5.11 -13.01
CA THR A 67 -22.16 4.08 -13.80
C THR A 67 -23.49 3.65 -13.18
N ASP A 68 -24.58 3.82 -13.93
CA ASP A 68 -25.91 3.44 -13.45
C ASP A 68 -26.63 2.57 -14.48
N GLY A 69 -26.85 3.13 -15.67
CA GLY A 69 -27.54 2.40 -16.71
C GLY A 69 -29.03 2.68 -16.73
N GLU A 70 -29.44 3.68 -17.49
CA GLU A 70 -30.85 4.06 -17.58
C GLU A 70 -31.50 3.49 -18.85
ZN ZN B . -15.36 9.63 -9.11
N ASN A 4 -0.54 -29.83 11.80
CA ASN A 4 -0.04 -30.44 10.53
C ASN A 4 0.62 -29.39 9.64
N GLY A 5 1.56 -28.63 10.20
CA GLY A 5 2.25 -27.62 9.44
C GLY A 5 1.45 -26.34 9.29
N MET A 6 2.00 -25.23 9.76
CA MET A 6 1.34 -23.93 9.66
C MET A 6 1.55 -23.33 8.28
N PRO A 7 0.54 -22.61 7.75
CA PRO A 7 0.63 -21.99 6.42
C PRO A 7 1.66 -20.87 6.36
N LEU A 8 2.47 -20.87 5.32
CA LEU A 8 3.50 -19.85 5.11
C LEU A 8 3.74 -19.66 3.63
N ASN A 9 3.40 -18.48 3.11
CA ASN A 9 3.56 -18.20 1.68
C ASN A 9 4.17 -16.84 1.42
N GLN A 10 4.17 -16.45 0.15
CA GLN A 10 4.73 -15.17 -0.29
C GLN A 10 4.11 -14.00 0.45
N GLY A 11 4.86 -12.91 0.56
CA GLY A 11 4.38 -11.72 1.24
C GLY A 11 4.42 -10.47 0.37
N ALA A 12 5.33 -9.56 0.71
CA ALA A 12 5.48 -8.30 -0.03
C ALA A 12 6.26 -8.50 -1.33
N ALA A 13 6.24 -7.48 -2.19
CA ALA A 13 6.94 -7.53 -3.46
C ALA A 13 8.46 -7.46 -3.27
N LEU A 14 9.06 -6.31 -3.56
CA LEU A 14 10.50 -6.14 -3.41
C LEU A 14 10.88 -5.93 -1.95
N GLY A 15 12.08 -6.36 -1.59
CA GLY A 15 12.54 -6.23 -0.21
C GLY A 15 13.24 -7.48 0.28
N ILE A 16 12.47 -8.54 0.48
CA ILE A 16 13.03 -9.79 0.96
C ILE A 16 12.40 -10.99 0.24
N ALA A 17 13.24 -11.94 -0.14
CA ALA A 17 12.77 -13.13 -0.83
C ALA A 17 13.35 -14.39 -0.18
N THR A 18 12.54 -15.43 -0.06
CA THR A 18 12.97 -16.67 0.55
C THR A 18 13.05 -17.79 -0.49
N VAL A 19 13.90 -18.78 -0.23
CA VAL A 19 14.07 -19.90 -1.14
C VAL A 19 13.59 -21.20 -0.49
N ASP A 20 12.75 -21.93 -1.23
CA ASP A 20 12.21 -23.19 -0.76
C ASP A 20 13.04 -24.36 -1.26
N ALA A 21 12.51 -25.57 -1.14
CA ALA A 21 13.21 -26.76 -1.59
C ALA A 21 13.52 -26.68 -3.09
N GLN A 22 12.58 -26.17 -3.86
CA GLN A 22 12.76 -26.02 -5.30
C GLN A 22 13.51 -24.74 -5.61
N GLY A 23 14.27 -24.76 -6.70
CA GLY A 23 15.03 -23.58 -7.09
C GLY A 23 14.22 -22.64 -7.96
N ARG A 24 14.90 -21.65 -8.54
CA ARG A 24 14.24 -20.69 -9.41
C ARG A 24 14.11 -21.22 -10.83
N ILE A 25 12.90 -21.64 -11.19
CA ILE A 25 12.65 -22.18 -12.51
C ILE A 25 11.89 -21.18 -13.37
N GLN A 26 12.53 -20.70 -14.43
CA GLN A 26 11.92 -19.74 -15.32
C GLN A 26 12.25 -20.05 -16.78
N ILE A 27 11.34 -19.69 -17.68
CA ILE A 27 11.54 -19.92 -19.09
C ILE A 27 11.75 -18.59 -19.81
N VAL A 28 12.91 -18.46 -20.44
CA VAL A 28 13.28 -17.26 -21.18
C VAL A 28 12.78 -15.97 -20.51
N ASN A 29 13.68 -15.33 -19.77
CA ASN A 29 13.36 -14.09 -19.06
C ASN A 29 14.50 -13.08 -19.19
N GLN A 30 14.31 -12.08 -20.06
CA GLN A 30 15.33 -11.07 -20.27
C GLN A 30 14.79 -9.65 -20.07
N ASN A 31 13.48 -9.50 -19.95
CA ASN A 31 12.88 -8.18 -19.78
C ASN A 31 12.08 -8.08 -18.50
N LYS A 32 12.31 -7.01 -17.76
CA LYS A 32 11.63 -6.75 -16.49
C LYS A 32 11.30 -5.27 -16.36
N PRO A 33 10.03 -4.87 -16.63
CA PRO A 33 9.63 -3.45 -16.54
C PRO A 33 9.68 -2.95 -15.10
N ILE A 34 10.03 -1.67 -14.94
CA ILE A 34 10.11 -1.06 -13.62
C ILE A 34 9.53 0.36 -13.63
N ALA A 35 9.42 0.95 -12.45
CA ALA A 35 8.87 2.30 -12.31
C ALA A 35 9.50 3.26 -13.33
N ALA A 36 8.65 3.83 -14.18
CA ALA A 36 9.09 4.76 -15.21
C ALA A 36 7.92 5.21 -16.07
N ASN A 37 7.49 4.32 -16.96
CA ASN A 37 6.36 4.60 -17.84
C ASN A 37 5.36 3.45 -17.82
N THR A 38 4.72 3.26 -16.68
CA THR A 38 3.74 2.20 -16.52
C THR A 38 2.52 2.70 -15.77
N ILE A 39 1.37 2.10 -16.05
CA ILE A 39 0.12 2.49 -15.40
C ILE A 39 -0.22 1.54 -14.25
N SER A 40 0.54 0.44 -14.14
CA SER A 40 0.31 -0.52 -13.08
C SER A 40 0.75 0.04 -11.73
N ASN A 41 -0.22 0.56 -10.98
CA ASN A 41 0.05 1.12 -9.66
C ASN A 41 -0.99 0.64 -8.65
N ILE A 42 -0.58 0.54 -7.39
CA ILE A 42 -1.49 0.08 -6.35
C ILE A 42 -2.08 1.26 -5.57
N SER A 43 -3.38 1.46 -5.74
CA SER A 43 -4.10 2.55 -5.08
C SER A 43 -5.49 2.73 -5.67
N PHE A 44 -6.49 2.93 -4.82
CA PHE A 44 -7.86 3.11 -5.28
C PHE A 44 -8.21 4.60 -5.42
N LYS A 45 -7.99 5.12 -6.63
CA LYS A 45 -8.27 6.51 -6.93
C LYS A 45 -9.25 6.61 -8.09
N CYS A 46 -10.19 7.55 -8.01
CA CYS A 46 -11.16 7.73 -9.08
C CYS A 46 -10.74 8.84 -10.02
N ASP A 47 -10.45 8.46 -11.26
CA ASP A 47 -10.02 9.41 -12.28
C ASP A 47 -11.13 10.35 -12.72
N VAL A 48 -12.38 9.94 -12.53
CA VAL A 48 -13.52 10.75 -12.95
C VAL A 48 -13.57 12.08 -12.22
N CYS A 49 -13.51 12.04 -10.89
CA CYS A 49 -13.55 13.27 -10.09
C CYS A 49 -12.38 13.36 -9.11
N SER A 50 -11.39 12.48 -9.28
CA SER A 50 -10.22 12.47 -8.39
C SER A 50 -10.62 12.10 -6.97
N ASP A 51 -11.56 11.17 -6.85
CA ASP A 51 -12.02 10.70 -5.54
C ASP A 51 -11.35 9.39 -5.19
N MET A 52 -10.50 9.41 -4.16
CA MET A 52 -9.78 8.23 -3.73
C MET A 52 -10.08 7.88 -2.28
N PHE A 53 -10.17 6.58 -1.99
CA PHE A 53 -10.48 6.13 -0.64
C PHE A 53 -9.69 4.88 -0.28
N PRO A 54 -9.53 4.61 1.02
CA PRO A 54 -8.79 3.45 1.50
C PRO A 54 -9.64 2.17 1.47
N HIS A 55 -10.94 2.32 1.23
CA HIS A 55 -11.83 1.18 1.18
C HIS A 55 -12.20 0.83 -0.26
N LEU A 56 -12.34 -0.46 -0.51
CA LEU A 56 -12.73 -0.93 -1.83
C LEU A 56 -14.17 -0.58 -2.10
N ALA A 57 -15.01 -0.72 -1.07
CA ALA A 57 -16.42 -0.40 -1.18
C ALA A 57 -16.62 1.07 -1.55
N LEU A 58 -15.82 1.93 -0.93
CA LEU A 58 -15.91 3.36 -1.19
C LEU A 58 -15.60 3.67 -2.64
N LEU A 59 -14.48 3.14 -3.14
CA LEU A 59 -14.10 3.37 -4.53
C LEU A 59 -15.04 2.64 -5.49
N ASN A 60 -15.21 1.35 -5.27
CA ASN A 60 -16.06 0.54 -6.14
C ASN A 60 -17.48 1.12 -6.18
N ALA A 61 -17.99 1.48 -5.02
CA ALA A 61 -19.31 2.07 -4.93
C ALA A 61 -19.32 3.44 -5.58
N HIS A 62 -18.23 4.18 -5.36
CA HIS A 62 -18.10 5.51 -5.92
C HIS A 62 -18.15 5.46 -7.44
N LYS A 63 -17.40 4.52 -8.01
CA LYS A 63 -17.38 4.34 -9.46
C LYS A 63 -18.77 4.01 -9.98
N ARG A 64 -19.51 3.22 -9.22
CA ARG A 64 -20.86 2.84 -9.61
C ARG A 64 -21.70 4.10 -9.76
N MET A 65 -21.48 5.03 -8.83
CA MET A 65 -22.18 6.30 -8.85
C MET A 65 -21.90 7.04 -10.15
N HIS A 66 -20.64 6.98 -10.61
CA HIS A 66 -20.25 7.64 -11.84
C HIS A 66 -20.86 6.96 -13.06
N THR A 67 -21.23 5.69 -12.90
CA THR A 67 -21.82 4.93 -13.99
C THR A 67 -23.33 4.77 -13.82
N ASP A 68 -23.90 5.51 -12.86
CA ASP A 68 -25.33 5.45 -12.59
C ASP A 68 -26.02 6.76 -12.94
N GLY A 69 -25.28 7.69 -13.55
CA GLY A 69 -25.86 8.97 -13.91
C GLY A 69 -26.70 8.88 -15.17
N GLU A 70 -27.78 9.66 -15.21
CA GLU A 70 -28.67 9.67 -16.36
C GLU A 70 -28.98 11.10 -16.79
ZN ZN B . -14.95 9.86 -8.68
N ASN A 4 16.46 -25.77 13.49
CA ASN A 4 16.49 -24.49 12.74
C ASN A 4 15.59 -24.55 11.51
N GLY A 5 14.49 -23.80 11.54
CA GLY A 5 13.57 -23.81 10.42
C GLY A 5 13.80 -22.65 9.46
N MET A 6 13.14 -21.53 9.72
CA MET A 6 13.27 -20.36 8.86
C MET A 6 14.48 -19.51 9.29
N PRO A 7 15.26 -19.00 8.31
CA PRO A 7 16.42 -18.16 8.61
C PRO A 7 15.99 -16.76 9.02
N LEU A 8 15.27 -16.68 10.14
CA LEU A 8 14.77 -15.41 10.65
C LEU A 8 15.84 -14.31 10.60
N ASN A 9 15.77 -13.51 9.54
CA ASN A 9 16.72 -12.41 9.36
C ASN A 9 16.08 -11.06 9.73
N GLN A 10 14.81 -11.10 10.14
CA GLN A 10 14.09 -9.88 10.52
C GLN A 10 13.43 -10.06 11.88
N GLY A 11 13.21 -8.95 12.58
CA GLY A 11 12.58 -9.02 13.90
C GLY A 11 12.30 -7.66 14.51
N ALA A 12 13.10 -7.29 15.50
CA ALA A 12 12.92 -6.02 16.20
C ALA A 12 13.06 -4.84 15.25
N ALA A 13 12.26 -3.80 15.49
CA ALA A 13 12.27 -2.60 14.66
C ALA A 13 13.64 -1.94 14.67
N LEU A 14 14.21 -1.75 15.86
CA LEU A 14 15.51 -1.13 16.00
C LEU A 14 16.63 -2.15 15.84
N GLY A 15 17.77 -1.71 15.33
CA GLY A 15 18.90 -2.59 15.15
C GLY A 15 20.21 -1.84 15.06
N ILE A 16 21.03 -1.97 16.10
CA ILE A 16 22.33 -1.30 16.14
C ILE A 16 23.45 -2.30 15.88
N ALA A 17 24.22 -2.06 14.84
CA ALA A 17 25.32 -2.95 14.49
C ALA A 17 26.67 -2.24 14.57
N THR A 18 27.67 -2.95 15.08
CA THR A 18 29.01 -2.39 15.20
C THR A 18 29.87 -2.85 14.03
N VAL A 19 30.54 -1.90 13.39
CA VAL A 19 31.38 -2.20 12.24
C VAL A 19 32.57 -3.08 12.64
N ASP A 20 32.71 -4.21 11.97
CA ASP A 20 33.79 -5.15 12.24
C ASP A 20 34.47 -5.60 10.95
N ALA A 21 35.60 -6.27 11.10
CA ALA A 21 36.34 -6.76 9.94
C ALA A 21 35.49 -7.72 9.10
N GLN A 22 34.73 -8.58 9.78
CA GLN A 22 33.88 -9.54 9.10
C GLN A 22 32.62 -8.87 8.53
N GLY A 23 32.00 -9.51 7.56
CA GLY A 23 30.80 -8.93 6.95
C GLY A 23 29.55 -9.74 7.21
N ARG A 24 28.42 -9.22 6.76
CA ARG A 24 27.12 -9.87 6.92
C ARG A 24 26.82 -10.78 5.73
N ILE A 25 25.73 -11.54 5.82
CA ILE A 25 25.33 -12.44 4.75
C ILE A 25 25.10 -11.66 3.45
N GLN A 26 26.15 -11.51 2.67
CA GLN A 26 26.07 -10.77 1.41
C GLN A 26 25.86 -11.70 0.22
N ILE A 27 24.78 -11.43 -0.52
CA ILE A 27 24.44 -12.20 -1.71
C ILE A 27 24.40 -11.29 -2.94
N VAL A 28 25.09 -11.69 -3.98
CA VAL A 28 25.14 -10.90 -5.21
C VAL A 28 24.40 -11.60 -6.35
N ASN A 29 23.36 -10.94 -6.83
CA ASN A 29 22.55 -11.47 -7.94
C ASN A 29 21.97 -10.31 -8.75
N GLN A 30 22.37 -10.21 -10.01
CA GLN A 30 21.88 -9.13 -10.87
C GLN A 30 22.22 -7.77 -10.24
N ASN A 31 21.93 -6.70 -10.95
CA ASN A 31 22.21 -5.37 -10.43
C ASN A 31 21.28 -5.06 -9.26
N LYS A 32 21.86 -4.78 -8.10
CA LYS A 32 21.08 -4.49 -6.91
C LYS A 32 20.39 -3.14 -7.05
N PRO A 33 19.05 -3.10 -6.92
CA PRO A 33 18.30 -1.84 -7.02
C PRO A 33 18.52 -0.97 -5.79
N ILE A 34 19.14 0.18 -5.99
CA ILE A 34 19.41 1.09 -4.88
C ILE A 34 18.36 2.19 -4.83
N ALA A 35 17.50 2.14 -3.81
CA ALA A 35 16.44 3.12 -3.65
C ALA A 35 16.71 4.02 -2.44
N ALA A 36 16.26 5.27 -2.54
CA ALA A 36 16.43 6.23 -1.46
C ALA A 36 15.78 5.72 -0.18
N ASN A 37 14.52 5.28 -0.30
CA ASN A 37 13.78 4.76 0.84
C ASN A 37 12.56 3.99 0.38
N THR A 38 12.10 3.05 1.19
CA THR A 38 10.92 2.25 0.85
C THR A 38 9.82 2.46 1.88
N ILE A 39 8.71 3.05 1.42
CA ILE A 39 7.57 3.32 2.29
C ILE A 39 6.28 2.82 1.65
N SER A 40 5.50 2.06 2.43
CA SER A 40 4.23 1.50 1.94
C SER A 40 3.19 2.59 1.70
N ASN A 41 2.50 2.47 0.57
CA ASN A 41 1.45 3.41 0.19
C ASN A 41 0.52 2.78 -0.85
N ILE A 42 -0.63 2.29 -0.39
CA ILE A 42 -1.60 1.66 -1.28
C ILE A 42 -2.98 2.28 -1.15
N SER A 43 -3.58 2.64 -2.28
CA SER A 43 -4.91 3.24 -2.29
C SER A 43 -5.48 3.29 -3.70
N PHE A 44 -6.81 3.21 -3.80
CA PHE A 44 -7.49 3.26 -5.09
C PHE A 44 -8.03 4.66 -5.35
N LYS A 45 -7.67 5.21 -6.51
CA LYS A 45 -8.10 6.56 -6.89
C LYS A 45 -9.11 6.55 -8.04
N CYS A 46 -10.01 7.53 -8.01
CA CYS A 46 -11.02 7.66 -9.05
C CYS A 46 -10.58 8.73 -10.07
N ASP A 47 -10.39 8.31 -11.31
CA ASP A 47 -9.96 9.21 -12.38
C ASP A 47 -11.09 10.13 -12.85
N VAL A 48 -12.33 9.75 -12.60
CA VAL A 48 -13.47 10.54 -13.03
C VAL A 48 -13.55 11.88 -12.31
N CYS A 49 -13.49 11.85 -10.99
CA CYS A 49 -13.56 13.09 -10.19
C CYS A 49 -12.40 13.21 -9.21
N SER A 50 -11.39 12.36 -9.35
CA SER A 50 -10.23 12.38 -8.47
C SER A 50 -10.58 12.01 -7.03
N ASP A 51 -11.48 11.03 -6.87
CA ASP A 51 -11.88 10.56 -5.55
C ASP A 51 -11.17 9.25 -5.24
N MET A 52 -10.28 9.29 -4.25
CA MET A 52 -9.51 8.11 -3.87
C MET A 52 -9.76 7.68 -2.43
N PHE A 53 -9.81 6.37 -2.21
CA PHE A 53 -10.06 5.84 -0.87
C PHE A 53 -9.28 4.54 -0.64
N PRO A 54 -9.00 4.21 0.63
CA PRO A 54 -8.27 3.00 1.00
C PRO A 54 -9.09 1.73 0.82
N HIS A 55 -10.41 1.90 0.69
CA HIS A 55 -11.31 0.75 0.54
C HIS A 55 -11.82 0.62 -0.89
N LEU A 56 -11.99 -0.62 -1.31
CA LEU A 56 -12.52 -0.91 -2.64
C LEU A 56 -13.99 -0.53 -2.70
N ALA A 57 -14.70 -0.82 -1.63
CA ALA A 57 -16.11 -0.50 -1.54
C ALA A 57 -16.34 1.00 -1.68
N LEU A 58 -15.46 1.77 -1.04
CA LEU A 58 -15.56 3.22 -1.09
C LEU A 58 -15.45 3.72 -2.53
N LEU A 59 -14.42 3.25 -3.22
CA LEU A 59 -14.19 3.64 -4.62
C LEU A 59 -15.20 2.96 -5.55
N ASN A 60 -15.28 1.64 -5.46
CA ASN A 60 -16.18 0.87 -6.31
C ASN A 60 -17.59 1.42 -6.21
N ALA A 61 -18.03 1.69 -5.00
CA ALA A 61 -19.35 2.24 -4.77
C ALA A 61 -19.46 3.60 -5.44
N HIS A 62 -18.38 4.37 -5.34
CA HIS A 62 -18.33 5.69 -5.93
C HIS A 62 -18.52 5.62 -7.44
N LYS A 63 -17.77 4.71 -8.09
CA LYS A 63 -17.85 4.55 -9.53
C LYS A 63 -19.25 4.12 -9.96
N ARG A 64 -19.95 3.40 -9.10
CA ARG A 64 -21.30 2.96 -9.40
C ARG A 64 -22.18 4.18 -9.62
N MET A 65 -21.96 5.20 -8.81
CA MET A 65 -22.72 6.44 -8.91
C MET A 65 -22.39 7.17 -10.22
N HIS A 66 -21.16 6.99 -10.71
CA HIS A 66 -20.75 7.65 -11.95
C HIS A 66 -21.51 7.10 -13.15
N THR A 67 -21.74 5.80 -13.19
CA THR A 67 -22.46 5.18 -14.30
C THR A 67 -23.41 4.10 -13.82
N ASP A 68 -24.71 4.41 -13.80
CA ASP A 68 -25.73 3.47 -13.37
C ASP A 68 -27.09 4.16 -13.21
N GLY A 69 -27.10 5.23 -12.43
CA GLY A 69 -28.34 5.96 -12.20
C GLY A 69 -28.14 7.47 -12.20
N GLU A 70 -29.24 8.20 -12.16
CA GLU A 70 -29.18 9.67 -12.16
C GLU A 70 -30.02 10.24 -11.02
ZN ZN B . -15.24 9.85 -9.01
N ASN A 4 13.91 -6.01 4.83
CA ASN A 4 13.93 -5.04 5.96
C ASN A 4 13.68 -3.63 5.47
N GLY A 5 13.65 -2.68 6.41
CA GLY A 5 13.43 -1.29 6.07
C GLY A 5 14.18 -0.34 6.98
N MET A 6 14.37 0.89 6.52
CA MET A 6 15.08 1.89 7.31
C MET A 6 14.30 2.25 8.58
N PRO A 7 14.79 1.80 9.75
CA PRO A 7 14.13 2.08 11.04
C PRO A 7 14.22 3.55 11.44
N LEU A 8 13.14 4.09 11.97
CA LEU A 8 13.11 5.48 12.41
C LEU A 8 12.34 5.62 13.72
N ASN A 9 13.05 5.95 14.79
CA ASN A 9 12.42 6.11 16.10
C ASN A 9 12.05 7.56 16.34
N GLN A 10 10.85 7.94 15.91
CA GLN A 10 10.36 9.31 16.08
C GLN A 10 8.88 9.32 16.46
N GLY A 11 8.47 10.34 17.20
CA GLY A 11 7.08 10.45 17.61
C GLY A 11 6.56 11.88 17.53
N ALA A 12 7.18 12.76 18.31
CA ALA A 12 6.77 14.17 18.33
C ALA A 12 7.12 14.88 17.03
N ALA A 13 6.23 15.76 16.58
CA ALA A 13 6.44 16.50 15.35
C ALA A 13 6.32 18.01 15.58
N LEU A 14 5.24 18.41 16.24
CA LEU A 14 4.99 19.82 16.53
C LEU A 14 5.71 20.27 17.80
N GLY A 15 5.75 21.58 18.02
CA GLY A 15 6.40 22.12 19.20
C GLY A 15 7.77 22.69 18.90
N ILE A 16 8.33 23.42 19.86
CA ILE A 16 9.66 24.01 19.70
C ILE A 16 10.63 23.39 20.69
N ALA A 17 11.75 22.90 20.16
CA ALA A 17 12.77 22.28 21.00
C ALA A 17 13.92 23.24 21.29
N THR A 18 14.76 22.88 22.27
CA THR A 18 15.89 23.71 22.65
C THR A 18 17.15 23.26 21.93
N VAL A 19 16.98 22.41 20.92
CA VAL A 19 18.10 21.89 20.15
C VAL A 19 18.09 22.44 18.73
N ASP A 20 19.20 23.07 18.33
CA ASP A 20 19.32 23.63 17.00
C ASP A 20 19.67 22.53 16.00
N ALA A 21 19.62 22.86 14.71
CA ALA A 21 19.93 21.89 13.67
C ALA A 21 21.34 21.34 13.85
N GLN A 22 22.30 22.24 14.03
CA GLN A 22 23.68 21.86 14.22
C GLN A 22 23.93 21.40 15.65
N GLY A 23 23.68 22.32 16.59
CA GLY A 23 23.90 22.02 17.99
C GLY A 23 25.31 22.34 18.44
N ARG A 24 26.28 22.00 17.59
CA ARG A 24 27.67 22.25 17.87
C ARG A 24 28.38 22.79 16.62
N ILE A 25 29.52 23.43 16.80
CA ILE A 25 30.27 23.99 15.68
C ILE A 25 30.39 22.98 14.54
N GLN A 26 29.70 23.27 13.44
CA GLN A 26 29.71 22.42 12.27
C GLN A 26 29.92 23.27 11.01
N ILE A 27 30.56 22.68 10.00
CA ILE A 27 30.83 23.39 8.76
C ILE A 27 29.78 23.06 7.70
N VAL A 28 29.08 24.09 7.22
CA VAL A 28 28.04 23.95 6.22
C VAL A 28 27.01 22.90 6.61
N ASN A 29 25.92 22.81 5.85
CA ASN A 29 24.87 21.85 6.13
C ASN A 29 24.44 21.12 4.85
N GLN A 30 25.40 20.47 4.20
CA GLN A 30 25.13 19.74 2.98
C GLN A 30 24.51 18.37 3.28
N ASN A 31 25.31 17.48 3.84
CA ASN A 31 24.85 16.14 4.18
C ASN A 31 23.75 16.21 5.24
N LYS A 32 22.70 15.43 5.04
CA LYS A 32 21.58 15.39 5.97
C LYS A 32 20.63 14.24 5.65
N PRO A 33 20.54 13.23 6.52
CA PRO A 33 19.66 12.08 6.29
C PRO A 33 18.22 12.50 5.99
N ILE A 34 17.67 11.95 4.92
CA ILE A 34 16.30 12.28 4.53
C ILE A 34 15.43 11.03 4.45
N ALA A 35 14.27 11.08 5.09
CA ALA A 35 13.34 9.96 5.07
C ALA A 35 12.27 10.19 4.00
N ALA A 36 12.71 10.24 2.74
CA ALA A 36 11.81 10.47 1.63
C ALA A 36 11.63 9.20 0.80
N ASN A 37 10.41 8.98 0.33
CA ASN A 37 10.11 7.81 -0.49
C ASN A 37 9.76 8.21 -1.92
N THR A 38 9.86 7.26 -2.84
CA THR A 38 9.56 7.51 -4.24
C THR A 38 8.08 7.27 -4.54
N ILE A 39 7.74 7.14 -5.82
CA ILE A 39 6.35 6.90 -6.21
C ILE A 39 5.84 5.60 -5.60
N SER A 40 4.82 5.72 -4.76
CA SER A 40 4.22 4.55 -4.11
C SER A 40 2.73 4.75 -3.93
N ASN A 41 1.96 4.30 -4.91
CA ASN A 41 0.50 4.42 -4.85
C ASN A 41 -0.10 3.14 -4.26
N ILE A 42 -0.54 3.23 -3.01
CA ILE A 42 -1.14 2.10 -2.33
C ILE A 42 -2.57 2.41 -1.90
N SER A 43 -3.48 2.39 -2.87
CA SER A 43 -4.89 2.67 -2.61
C SER A 43 -5.67 2.73 -3.91
N PHE A 44 -6.96 2.97 -3.79
CA PHE A 44 -7.85 3.07 -4.94
C PHE A 44 -8.20 4.53 -5.26
N LYS A 45 -7.99 4.94 -6.52
CA LYS A 45 -8.27 6.30 -6.93
C LYS A 45 -9.28 6.36 -8.09
N CYS A 46 -10.09 7.42 -8.09
CA CYS A 46 -11.09 7.62 -9.14
C CYS A 46 -10.59 8.65 -10.16
N ASP A 47 -10.59 8.28 -11.44
CA ASP A 47 -10.12 9.17 -12.49
C ASP A 47 -11.15 10.22 -12.89
N VAL A 48 -12.43 9.90 -12.75
CA VAL A 48 -13.50 10.81 -13.13
C VAL A 48 -13.49 12.10 -12.31
N CYS A 49 -13.43 11.98 -10.98
CA CYS A 49 -13.43 13.15 -10.11
C CYS A 49 -12.26 13.16 -9.14
N SER A 50 -11.29 12.25 -9.34
CA SER A 50 -10.12 12.17 -8.48
C SER A 50 -10.49 11.76 -7.05
N ASP A 51 -11.55 10.99 -6.92
CA ASP A 51 -12.00 10.51 -5.61
C ASP A 51 -11.29 9.21 -5.26
N MET A 52 -10.41 9.29 -4.27
CA MET A 52 -9.65 8.12 -3.83
C MET A 52 -9.93 7.78 -2.37
N PHE A 53 -9.99 6.49 -2.06
CA PHE A 53 -10.27 6.04 -0.71
C PHE A 53 -9.46 4.81 -0.34
N PRO A 54 -9.28 4.57 0.96
CA PRO A 54 -8.53 3.41 1.46
C PRO A 54 -9.26 2.10 1.23
N HIS A 55 -10.55 2.18 0.91
CA HIS A 55 -11.36 0.99 0.70
C HIS A 55 -11.77 0.85 -0.77
N LEU A 56 -11.81 -0.40 -1.21
CA LEU A 56 -12.23 -0.73 -2.57
C LEU A 56 -13.72 -0.48 -2.72
N ALA A 57 -14.47 -0.83 -1.70
CA ALA A 57 -15.91 -0.64 -1.71
C ALA A 57 -16.23 0.85 -1.82
N LEU A 58 -15.46 1.68 -1.13
CA LEU A 58 -15.66 3.11 -1.18
C LEU A 58 -15.50 3.64 -2.60
N LEU A 59 -14.41 3.25 -3.26
CA LEU A 59 -14.17 3.69 -4.63
C LEU A 59 -15.09 2.99 -5.61
N ASN A 60 -15.10 1.66 -5.56
CA ASN A 60 -15.92 0.88 -6.48
C ASN A 60 -17.36 1.36 -6.41
N ALA A 61 -17.85 1.57 -5.21
CA ALA A 61 -19.20 2.05 -5.00
C ALA A 61 -19.35 3.45 -5.59
N HIS A 62 -18.31 4.25 -5.42
CA HIS A 62 -18.28 5.61 -5.93
C HIS A 62 -18.43 5.63 -7.45
N LYS A 63 -17.65 4.79 -8.11
CA LYS A 63 -17.68 4.69 -9.56
C LYS A 63 -19.06 4.27 -10.03
N ARG A 64 -19.73 3.44 -9.26
CA ARG A 64 -21.06 2.99 -9.60
C ARG A 64 -21.99 4.20 -9.70
N MET A 65 -21.83 5.14 -8.79
CA MET A 65 -22.63 6.36 -8.80
C MET A 65 -22.40 7.13 -10.10
N HIS A 66 -21.17 7.14 -10.59
CA HIS A 66 -20.87 7.86 -11.83
C HIS A 66 -21.55 7.18 -13.03
N THR A 67 -21.79 5.88 -12.90
CA THR A 67 -22.44 5.10 -13.95
C THR A 67 -23.58 4.27 -13.37
N ASP A 68 -24.38 4.91 -12.51
CA ASP A 68 -25.50 4.21 -11.85
C ASP A 68 -26.50 3.68 -12.87
N GLY A 69 -26.90 4.51 -13.83
CA GLY A 69 -27.86 4.07 -14.82
C GLY A 69 -27.81 4.90 -16.08
N GLU A 70 -26.86 4.61 -16.95
CA GLU A 70 -26.72 5.32 -18.21
C GLU A 70 -26.54 4.34 -19.37
ZN ZN B . -15.39 9.74 -8.87
N ASN A 4 -7.30 -13.45 10.46
CA ASN A 4 -8.66 -12.88 10.25
C ASN A 4 -8.62 -11.38 10.00
N GLY A 5 -7.42 -10.79 10.04
CA GLY A 5 -7.30 -9.36 9.81
C GLY A 5 -7.25 -8.56 11.10
N MET A 6 -6.31 -8.90 11.97
CA MET A 6 -6.16 -8.20 13.25
C MET A 6 -4.69 -7.87 13.51
N PRO A 7 -4.26 -6.64 13.16
CA PRO A 7 -2.88 -6.20 13.36
C PRO A 7 -2.44 -6.24 14.81
N LEU A 8 -1.20 -6.67 15.04
CA LEU A 8 -0.65 -6.74 16.39
C LEU A 8 0.75 -6.15 16.43
N ASN A 9 0.94 -5.11 17.23
CA ASN A 9 2.24 -4.46 17.35
C ASN A 9 2.78 -4.06 15.98
N GLN A 10 2.09 -3.13 15.33
CA GLN A 10 2.50 -2.68 14.00
C GLN A 10 3.93 -2.14 14.03
N GLY A 11 4.73 -2.56 13.05
CA GLY A 11 6.11 -2.11 12.99
C GLY A 11 6.43 -1.37 11.70
N ALA A 12 6.45 -2.10 10.59
CA ALA A 12 6.74 -1.50 9.30
C ALA A 12 5.71 -1.92 8.25
N ALA A 13 5.48 -1.04 7.28
CA ALA A 13 4.53 -1.31 6.22
C ALA A 13 4.96 -0.63 4.92
N LEU A 14 4.95 0.70 4.91
CA LEU A 14 5.34 1.46 3.74
C LEU A 14 6.80 1.15 3.36
N GLY A 15 7.06 1.04 2.07
CA GLY A 15 8.40 0.74 1.61
C GLY A 15 9.41 1.76 2.12
N ILE A 16 10.29 1.34 3.01
CA ILE A 16 11.31 2.22 3.56
C ILE A 16 12.56 2.22 2.68
N ALA A 17 12.84 3.36 2.07
CA ALA A 17 14.00 3.49 1.19
C ALA A 17 15.09 4.33 1.83
N THR A 18 15.56 3.87 2.98
CA THR A 18 16.62 4.57 3.69
C THR A 18 17.84 3.68 3.84
N VAL A 19 18.96 4.11 3.27
CA VAL A 19 20.19 3.33 3.31
C VAL A 19 21.33 4.11 3.97
N ASP A 20 22.09 3.42 4.81
CA ASP A 20 23.22 4.04 5.50
C ASP A 20 24.48 3.95 4.66
N ALA A 21 25.45 4.80 4.96
CA ALA A 21 26.72 4.81 4.24
C ALA A 21 27.43 3.46 4.34
N GLN A 22 27.38 2.86 5.52
CA GLN A 22 28.03 1.57 5.75
C GLN A 22 27.06 0.40 5.55
N GLY A 23 27.58 -0.68 4.98
CA GLY A 23 26.78 -1.87 4.74
C GLY A 23 27.63 -3.02 4.25
N ARG A 24 27.29 -4.24 4.66
CA ARG A 24 28.05 -5.42 4.25
C ARG A 24 27.24 -6.30 3.30
N ILE A 25 27.96 -7.13 2.56
CA ILE A 25 27.36 -8.04 1.60
C ILE A 25 26.71 -9.23 2.28
N GLN A 26 25.55 -9.64 1.76
CA GLN A 26 24.83 -10.78 2.31
C GLN A 26 24.51 -11.79 1.22
N ILE A 27 24.23 -13.02 1.64
CA ILE A 27 23.92 -14.08 0.68
C ILE A 27 22.41 -14.22 0.48
N VAL A 28 22.01 -14.15 -0.78
CA VAL A 28 20.60 -14.26 -1.15
C VAL A 28 20.45 -15.27 -2.29
N ASN A 29 19.49 -16.18 -2.15
CA ASN A 29 19.27 -17.22 -3.16
C ASN A 29 17.79 -17.51 -3.34
N GLN A 30 17.47 -18.23 -4.42
CA GLN A 30 16.09 -18.62 -4.74
C GLN A 30 15.08 -17.51 -4.45
N ASN A 31 14.65 -16.82 -5.49
CA ASN A 31 13.69 -15.74 -5.36
C ASN A 31 12.38 -16.26 -4.77
N LYS A 32 11.89 -15.57 -3.74
CA LYS A 32 10.65 -15.95 -3.10
C LYS A 32 9.45 -15.37 -3.85
N PRO A 33 8.27 -16.00 -3.73
CA PRO A 33 7.05 -15.53 -4.41
C PRO A 33 6.66 -14.12 -3.99
N ILE A 34 7.12 -13.70 -2.81
CA ILE A 34 6.81 -12.37 -2.30
C ILE A 34 7.31 -11.29 -3.26
N ALA A 35 6.43 -10.37 -3.60
CA ALA A 35 6.77 -9.27 -4.51
C ALA A 35 6.55 -7.92 -3.85
N ALA A 36 7.53 -7.03 -4.01
CA ALA A 36 7.43 -5.69 -3.43
C ALA A 36 8.55 -4.79 -3.96
N ASN A 37 8.28 -4.12 -5.08
CA ASN A 37 9.26 -3.22 -5.67
C ASN A 37 9.60 -2.11 -4.69
N THR A 38 8.57 -1.51 -4.12
CA THR A 38 8.73 -0.44 -3.14
C THR A 38 7.39 -0.04 -2.52
N ILE A 39 6.40 -0.93 -2.60
CA ILE A 39 5.09 -0.66 -2.03
C ILE A 39 4.44 -1.96 -1.57
N SER A 40 3.86 -1.95 -0.37
CA SER A 40 3.21 -3.13 0.18
C SER A 40 1.69 -3.10 -0.01
N ASN A 41 1.16 -2.00 -0.53
CA ASN A 41 -0.28 -1.87 -0.73
C ASN A 41 -0.61 -0.97 -1.91
N ILE A 42 -1.86 -1.05 -2.35
CA ILE A 42 -2.33 -0.24 -3.47
C ILE A 42 -3.65 0.44 -3.13
N SER A 43 -3.75 1.73 -3.41
CA SER A 43 -4.96 2.49 -3.12
C SER A 43 -5.78 2.69 -4.39
N PHE A 44 -7.10 2.78 -4.23
CA PHE A 44 -7.98 2.97 -5.36
C PHE A 44 -8.41 4.43 -5.50
N LYS A 45 -8.06 5.03 -6.63
CA LYS A 45 -8.37 6.43 -6.90
C LYS A 45 -9.36 6.57 -8.04
N CYS A 46 -10.25 7.55 -7.93
CA CYS A 46 -11.24 7.81 -8.97
C CYS A 46 -10.74 8.90 -9.90
N ASP A 47 -10.39 8.51 -11.12
CA ASP A 47 -9.87 9.46 -12.10
C ASP A 47 -10.95 10.41 -12.60
N VAL A 48 -12.20 9.98 -12.55
CA VAL A 48 -13.30 10.79 -13.02
C VAL A 48 -13.45 12.09 -12.22
N CYS A 49 -13.46 11.98 -10.89
CA CYS A 49 -13.60 13.15 -10.03
C CYS A 49 -12.49 13.25 -8.99
N SER A 50 -11.45 12.43 -9.15
CA SER A 50 -10.29 12.43 -8.24
C SER A 50 -10.66 11.99 -6.82
N ASP A 51 -11.70 11.17 -6.69
CA ASP A 51 -12.10 10.65 -5.38
C ASP A 51 -11.35 9.35 -5.10
N MET A 52 -10.40 9.41 -4.18
CA MET A 52 -9.60 8.23 -3.85
C MET A 52 -9.81 7.80 -2.40
N PHE A 53 -9.79 6.49 -2.18
CA PHE A 53 -9.97 5.94 -0.85
C PHE A 53 -9.11 4.69 -0.66
N PRO A 54 -8.83 4.33 0.60
CA PRO A 54 -8.03 3.16 0.92
C PRO A 54 -8.82 1.86 0.79
N HIS A 55 -10.12 1.98 0.52
CA HIS A 55 -10.99 0.83 0.40
C HIS A 55 -11.60 0.73 -0.99
N LEU A 56 -11.74 -0.50 -1.47
CA LEU A 56 -12.35 -0.74 -2.77
C LEU A 56 -13.83 -0.43 -2.72
N ALA A 57 -14.47 -0.82 -1.62
CA ALA A 57 -15.89 -0.58 -1.43
C ALA A 57 -16.18 0.91 -1.48
N LEU A 58 -15.30 1.70 -0.88
CA LEU A 58 -15.45 3.14 -0.88
C LEU A 58 -15.48 3.69 -2.30
N LEU A 59 -14.49 3.29 -3.09
CA LEU A 59 -14.40 3.75 -4.47
C LEU A 59 -15.45 3.08 -5.37
N ASN A 60 -15.51 1.75 -5.33
CA ASN A 60 -16.45 1.01 -6.17
C ASN A 60 -17.86 1.53 -5.97
N ALA A 61 -18.23 1.80 -4.72
CA ALA A 61 -19.55 2.35 -4.42
C ALA A 61 -19.67 3.72 -5.06
N HIS A 62 -18.59 4.49 -4.97
CA HIS A 62 -18.52 5.83 -5.54
C HIS A 62 -18.70 5.79 -7.06
N LYS A 63 -17.96 4.90 -7.70
CA LYS A 63 -17.99 4.75 -9.15
C LYS A 63 -19.39 4.36 -9.64
N ARG A 64 -20.16 3.70 -8.80
CA ARG A 64 -21.50 3.29 -9.18
C ARG A 64 -22.28 4.45 -9.80
N MET A 65 -22.12 5.64 -9.24
CA MET A 65 -22.80 6.81 -9.77
C MET A 65 -22.27 7.13 -11.17
N HIS A 66 -20.96 6.98 -11.35
CA HIS A 66 -20.33 7.25 -12.64
C HIS A 66 -20.76 6.20 -13.65
N THR A 67 -20.85 4.95 -13.20
CA THR A 67 -21.23 3.83 -14.05
C THR A 67 -22.72 3.53 -13.89
N ASP A 68 -23.19 2.51 -14.61
CA ASP A 68 -24.61 2.12 -14.54
C ASP A 68 -24.73 0.61 -14.49
N GLY A 69 -24.20 0.01 -13.42
CA GLY A 69 -24.28 -1.42 -13.27
C GLY A 69 -23.60 -2.16 -14.40
N GLU A 70 -24.38 -2.92 -15.16
CA GLU A 70 -23.83 -3.66 -16.30
C GLU A 70 -23.90 -2.82 -17.56
ZN ZN B . -15.74 9.79 -8.74
N ASN A 4 10.20 3.35 22.20
CA ASN A 4 10.44 2.45 23.36
C ASN A 4 10.77 1.03 22.92
N GLY A 5 11.97 0.86 22.37
CA GLY A 5 12.39 -0.46 21.93
C GLY A 5 13.13 -1.22 23.00
N MET A 6 14.18 -0.62 23.53
CA MET A 6 14.99 -1.23 24.58
C MET A 6 16.10 -0.27 25.00
N PRO A 7 16.98 -0.65 25.95
CA PRO A 7 18.07 0.22 26.41
C PRO A 7 19.18 0.36 25.37
N LEU A 8 19.00 -0.31 24.24
CA LEU A 8 19.95 -0.26 23.15
C LEU A 8 19.34 0.46 21.95
N ASN A 9 20.04 1.47 21.44
CA ASN A 9 19.55 2.23 20.30
C ASN A 9 20.44 2.09 19.08
N GLN A 10 19.82 1.74 17.95
CA GLN A 10 20.52 1.56 16.68
C GLN A 10 19.63 0.84 15.67
N GLY A 11 18.34 1.17 15.67
CA GLY A 11 17.42 0.54 14.76
C GLY A 11 16.08 1.24 14.71
N ALA A 12 16.06 2.44 14.12
CA ALA A 12 14.84 3.21 14.01
C ALA A 12 13.97 2.70 12.85
N ALA A 13 12.66 2.92 12.95
CA ALA A 13 11.75 2.48 11.91
C ALA A 13 11.78 3.42 10.70
N LEU A 14 10.90 4.42 10.69
CA LEU A 14 10.85 5.38 9.59
C LEU A 14 11.07 6.79 10.12
N GLY A 15 12.10 7.46 9.60
CA GLY A 15 12.39 8.82 10.02
C GLY A 15 13.15 9.59 8.97
N ILE A 16 12.46 10.52 8.32
CA ILE A 16 13.07 11.33 7.27
C ILE A 16 13.01 12.82 7.62
N ALA A 17 14.18 13.45 7.73
CA ALA A 17 14.27 14.86 8.05
C ALA A 17 15.38 15.53 7.25
N THR A 18 15.17 16.80 6.91
CA THR A 18 16.16 17.55 6.15
C THR A 18 17.48 17.62 6.90
N VAL A 19 18.59 17.49 6.17
CA VAL A 19 19.91 17.53 6.79
C VAL A 19 20.28 18.94 7.22
N ASP A 20 20.52 19.11 8.52
CA ASP A 20 20.88 20.41 9.06
C ASP A 20 22.39 20.59 9.10
N ALA A 21 22.84 21.79 9.46
CA ALA A 21 24.26 22.09 9.54
C ALA A 21 24.96 21.17 10.53
N GLN A 22 24.30 20.91 11.65
CA GLN A 22 24.85 20.05 12.69
C GLN A 22 25.06 18.63 12.17
N GLY A 23 26.16 18.02 12.56
CA GLY A 23 26.46 16.67 12.13
C GLY A 23 26.91 15.79 13.29
N ARG A 24 27.60 14.70 12.98
CA ARG A 24 28.07 13.79 14.02
C ARG A 24 29.58 13.87 14.15
N ILE A 25 30.07 13.57 15.36
CA ILE A 25 31.48 13.60 15.65
C ILE A 25 32.21 12.42 15.02
N GLN A 26 33.46 12.63 14.63
CA GLN A 26 34.25 11.58 13.99
C GLN A 26 34.55 10.43 14.95
N ILE A 27 33.55 9.60 15.21
CA ILE A 27 33.68 8.45 16.09
C ILE A 27 33.19 7.18 15.41
N VAL A 28 33.99 6.12 15.48
CA VAL A 28 33.63 4.84 14.87
C VAL A 28 33.55 3.74 15.92
N ASN A 29 32.45 3.00 15.91
CA ASN A 29 32.24 1.91 16.86
C ASN A 29 32.02 0.58 16.15
N GLN A 30 30.80 0.37 15.66
CA GLN A 30 30.44 -0.87 14.97
C GLN A 30 29.55 -0.59 13.76
N ASN A 31 29.32 -1.64 12.96
CA ASN A 31 28.50 -1.53 11.77
C ASN A 31 27.03 -1.84 12.10
N LYS A 32 26.13 -1.12 11.45
CA LYS A 32 24.69 -1.30 11.67
C LYS A 32 24.17 -2.53 10.92
N PRO A 33 23.12 -3.18 11.46
CA PRO A 33 22.52 -4.38 10.85
C PRO A 33 21.57 -4.04 9.69
N ILE A 34 21.16 -5.07 8.97
CA ILE A 34 20.25 -4.91 7.84
C ILE A 34 18.89 -5.56 8.12
N ALA A 35 17.82 -4.85 7.81
CA ALA A 35 16.46 -5.35 8.02
C ALA A 35 15.62 -5.17 6.76
N ALA A 36 14.57 -5.99 6.64
CA ALA A 36 13.68 -5.93 5.48
C ALA A 36 12.39 -5.18 5.81
N ASN A 37 12.01 -4.26 4.94
CA ASN A 37 10.80 -3.47 5.14
C ASN A 37 9.72 -3.86 4.12
N THR A 38 8.53 -3.27 4.29
CA THR A 38 7.40 -3.55 3.40
C THR A 38 7.63 -2.95 2.02
N ILE A 39 6.61 -3.03 1.17
CA ILE A 39 6.70 -2.50 -0.19
C ILE A 39 5.75 -1.34 -0.39
N SER A 40 5.79 -0.74 -1.58
CA SER A 40 4.95 0.40 -1.90
C SER A 40 3.46 0.04 -1.78
N ASN A 41 2.68 0.97 -1.24
CA ASN A 41 1.24 0.76 -1.09
C ASN A 41 0.48 1.67 -2.04
N ILE A 42 -0.22 1.06 -3.00
CA ILE A 42 -0.98 1.83 -3.96
C ILE A 42 -2.47 1.80 -3.63
N SER A 43 -3.02 2.98 -3.37
CA SER A 43 -4.43 3.11 -3.03
C SER A 43 -5.29 3.17 -4.28
N PHE A 44 -6.58 2.91 -4.12
CA PHE A 44 -7.51 2.94 -5.24
C PHE A 44 -8.02 4.36 -5.46
N LYS A 45 -7.80 4.89 -6.66
CA LYS A 45 -8.19 6.27 -6.99
C LYS A 45 -9.19 6.34 -8.14
N CYS A 46 -10.07 7.34 -8.09
CA CYS A 46 -11.07 7.54 -9.13
C CYS A 46 -10.62 8.64 -10.09
N ASP A 47 -10.35 8.25 -11.33
CA ASP A 47 -9.88 9.19 -12.35
C ASP A 47 -10.97 10.16 -12.81
N VAL A 48 -12.24 9.78 -12.64
CA VAL A 48 -13.34 10.62 -13.08
C VAL A 48 -13.39 11.95 -12.31
N CYS A 49 -13.37 11.86 -10.98
CA CYS A 49 -13.43 13.07 -10.15
C CYS A 49 -12.28 13.12 -9.14
N SER A 50 -11.30 12.23 -9.31
CA SER A 50 -10.15 12.18 -8.41
C SER A 50 -10.57 11.79 -7.00
N ASP A 51 -11.64 11.01 -6.90
CA ASP A 51 -12.13 10.55 -5.60
C ASP A 51 -11.44 9.24 -5.22
N MET A 52 -10.53 9.32 -4.26
CA MET A 52 -9.77 8.16 -3.82
C MET A 52 -10.08 7.81 -2.37
N PHE A 53 -10.09 6.51 -2.07
CA PHE A 53 -10.39 6.04 -0.73
C PHE A 53 -9.56 4.79 -0.40
N PRO A 54 -9.28 4.57 0.89
CA PRO A 54 -8.50 3.42 1.35
C PRO A 54 -9.27 2.11 1.21
N HIS A 55 -10.56 2.18 0.90
CA HIS A 55 -11.38 0.98 0.76
C HIS A 55 -11.86 0.78 -0.67
N LEU A 56 -11.98 -0.49 -1.05
CA LEU A 56 -12.45 -0.86 -2.37
C LEU A 56 -13.93 -0.54 -2.51
N ALA A 57 -14.68 -0.80 -1.45
CA ALA A 57 -16.11 -0.53 -1.44
C ALA A 57 -16.38 0.95 -1.66
N LEU A 58 -15.59 1.79 -1.00
CA LEU A 58 -15.73 3.22 -1.13
C LEU A 58 -15.55 3.67 -2.58
N LEU A 59 -14.46 3.22 -3.20
CA LEU A 59 -14.18 3.58 -4.58
C LEU A 59 -15.10 2.87 -5.56
N ASN A 60 -15.17 1.55 -5.47
CA ASN A 60 -16.00 0.78 -6.38
C ASN A 60 -17.44 1.27 -6.34
N ALA A 61 -17.95 1.48 -5.13
CA ALA A 61 -19.30 1.99 -4.96
C ALA A 61 -19.42 3.38 -5.52
N HIS A 62 -18.37 4.16 -5.33
CA HIS A 62 -18.30 5.53 -5.81
C HIS A 62 -18.46 5.60 -7.33
N LYS A 63 -17.71 4.76 -8.02
CA LYS A 63 -17.77 4.74 -9.49
C LYS A 63 -19.13 4.25 -9.96
N ARG A 64 -19.78 3.41 -9.15
CA ARG A 64 -21.09 2.89 -9.50
C ARG A 64 -22.07 4.05 -9.66
N MET A 65 -21.94 5.03 -8.77
CA MET A 65 -22.77 6.22 -8.82
C MET A 65 -22.49 7.02 -10.09
N HIS A 66 -21.22 7.00 -10.52
CA HIS A 66 -20.79 7.72 -11.71
C HIS A 66 -21.35 7.08 -12.99
N THR A 67 -21.81 5.84 -12.89
CA THR A 67 -22.34 5.12 -14.05
C THR A 67 -23.53 5.87 -14.65
N ASP A 68 -23.57 5.88 -15.99
CA ASP A 68 -24.65 6.57 -16.71
C ASP A 68 -25.59 5.56 -17.37
N GLY A 69 -25.02 4.68 -18.20
CA GLY A 69 -25.83 3.69 -18.88
C GLY A 69 -25.12 3.07 -20.07
N GLU A 70 -25.08 3.81 -21.19
CA GLU A 70 -24.43 3.32 -22.40
C GLU A 70 -22.95 3.06 -22.15
ZN ZN B . -15.41 9.47 -8.71
N ASN A 4 9.02 -0.39 4.31
CA ASN A 4 8.95 -1.87 4.30
C ASN A 4 10.34 -2.49 4.27
N GLY A 5 10.72 -3.14 5.38
CA GLY A 5 12.02 -3.76 5.47
C GLY A 5 12.06 -5.12 4.80
N MET A 6 10.94 -5.53 4.20
CA MET A 6 10.84 -6.81 3.54
C MET A 6 11.68 -6.82 2.26
N PRO A 7 12.54 -7.84 2.06
CA PRO A 7 13.39 -7.95 0.88
C PRO A 7 12.60 -8.01 -0.42
N LEU A 8 12.43 -6.87 -1.07
CA LEU A 8 11.70 -6.79 -2.32
C LEU A 8 12.20 -5.61 -3.16
N ASN A 9 12.29 -5.81 -4.47
CA ASN A 9 12.76 -4.77 -5.36
C ASN A 9 11.59 -3.91 -5.89
N GLN A 10 11.54 -2.67 -5.42
CA GLN A 10 10.50 -1.74 -5.83
C GLN A 10 11.10 -0.42 -6.27
N GLY A 11 10.70 0.06 -7.45
CA GLY A 11 11.21 1.31 -7.96
C GLY A 11 12.62 1.16 -8.53
N ALA A 12 12.78 0.17 -9.38
CA ALA A 12 14.07 -0.12 -10.00
C ALA A 12 14.52 1.03 -10.91
N ALA A 13 15.81 1.34 -10.89
CA ALA A 13 16.36 2.40 -11.72
C ALA A 13 17.40 1.86 -12.69
N LEU A 14 18.35 1.09 -12.16
CA LEU A 14 19.41 0.51 -12.97
C LEU A 14 19.35 -1.02 -12.92
N GLY A 15 19.79 -1.68 -13.99
CA GLY A 15 19.78 -3.13 -14.01
C GLY A 15 20.01 -3.72 -15.39
N ILE A 16 20.79 -4.80 -15.42
CA ILE A 16 21.08 -5.51 -16.66
C ILE A 16 20.60 -6.95 -16.56
N ALA A 17 19.85 -7.40 -17.56
CA ALA A 17 19.32 -8.75 -17.57
C ALA A 17 19.96 -9.63 -18.63
N THR A 18 20.52 -10.75 -18.18
CA THR A 18 21.16 -11.71 -19.06
C THR A 18 21.09 -13.10 -18.45
N VAL A 19 21.15 -14.13 -19.28
CA VAL A 19 21.08 -15.50 -18.80
C VAL A 19 22.42 -16.21 -18.93
N ASP A 20 22.94 -16.66 -17.80
CA ASP A 20 24.22 -17.37 -17.77
C ASP A 20 24.01 -18.87 -17.60
N ALA A 21 25.09 -19.61 -17.48
CA ALA A 21 25.01 -21.06 -17.33
C ALA A 21 24.23 -21.44 -16.07
N GLN A 22 24.45 -20.69 -14.99
CA GLN A 22 23.76 -20.95 -13.73
C GLN A 22 22.41 -20.22 -13.69
N GLY A 23 21.41 -20.88 -13.12
CA GLY A 23 20.09 -20.28 -13.03
C GLY A 23 19.70 -19.92 -11.62
N ARG A 24 19.19 -18.70 -11.44
CA ARG A 24 18.76 -18.24 -10.13
C ARG A 24 17.29 -17.82 -10.14
N ILE A 25 16.72 -17.65 -8.95
CA ILE A 25 15.32 -17.27 -8.82
C ILE A 25 15.11 -15.83 -9.27
N GLN A 26 14.62 -15.67 -10.50
CA GLN A 26 14.36 -14.35 -11.05
C GLN A 26 13.81 -14.46 -12.47
N ILE A 27 13.39 -13.33 -13.03
CA ILE A 27 12.84 -13.30 -14.37
C ILE A 27 13.91 -12.96 -15.41
N VAL A 28 13.83 -13.60 -16.56
CA VAL A 28 14.79 -13.37 -17.64
C VAL A 28 14.08 -12.84 -18.89
N ASN A 29 14.61 -11.76 -19.44
CA ASN A 29 14.02 -11.16 -20.63
C ASN A 29 15.10 -10.70 -21.62
N GLN A 30 14.85 -10.93 -22.90
CA GLN A 30 15.80 -10.54 -23.94
C GLN A 30 15.67 -9.05 -24.25
N ASN A 31 14.56 -8.67 -24.88
CA ASN A 31 14.32 -7.28 -25.24
C ASN A 31 13.04 -6.77 -24.59
N LYS A 32 13.07 -5.51 -24.14
CA LYS A 32 11.91 -4.91 -23.49
C LYS A 32 11.24 -3.87 -24.40
N PRO A 33 9.98 -4.10 -24.78
CA PRO A 33 9.23 -3.18 -25.64
C PRO A 33 8.75 -1.94 -24.90
N ILE A 34 8.39 -0.91 -25.65
CA ILE A 34 7.91 0.34 -25.05
C ILE A 34 6.48 0.19 -24.53
N ALA A 35 6.27 0.58 -23.28
CA ALA A 35 4.95 0.48 -22.67
C ALA A 35 4.90 1.24 -21.34
N ALA A 36 3.69 1.56 -20.90
CA ALA A 36 3.50 2.27 -19.64
C ALA A 36 3.22 1.29 -18.51
N ASN A 37 3.86 1.51 -17.37
CA ASN A 37 3.66 0.63 -16.22
C ASN A 37 2.26 0.78 -15.63
N THR A 38 1.57 -0.34 -15.49
CA THR A 38 0.24 -0.34 -14.92
C THR A 38 0.34 -0.43 -13.40
N ILE A 39 0.26 0.71 -12.73
CA ILE A 39 0.36 0.75 -11.29
C ILE A 39 -0.95 1.14 -10.62
N SER A 40 -1.33 0.33 -9.63
CA SER A 40 -2.55 0.55 -8.87
C SER A 40 -2.58 -0.39 -7.67
N ASN A 41 -1.67 -0.16 -6.73
CA ASN A 41 -1.56 -1.00 -5.54
C ASN A 41 -1.63 -0.17 -4.27
N ILE A 42 -2.26 -0.74 -3.24
CA ILE A 42 -2.40 -0.07 -1.95
C ILE A 42 -2.93 1.34 -2.11
N SER A 43 -4.21 1.44 -2.49
CA SER A 43 -4.91 2.73 -2.68
C SER A 43 -5.78 2.69 -3.93
N PHE A 44 -6.99 3.21 -3.82
CA PHE A 44 -7.91 3.25 -4.93
C PHE A 44 -8.31 4.69 -5.26
N LYS A 45 -7.98 5.13 -6.47
CA LYS A 45 -8.28 6.50 -6.90
C LYS A 45 -9.32 6.53 -8.02
N CYS A 46 -10.22 7.52 -7.94
CA CYS A 46 -11.25 7.69 -8.95
C CYS A 46 -10.84 8.72 -9.99
N ASP A 47 -10.62 8.28 -11.21
CA ASP A 47 -10.21 9.16 -12.30
C ASP A 47 -11.32 10.12 -12.73
N VAL A 48 -12.57 9.73 -12.48
CA VAL A 48 -13.71 10.56 -12.89
C VAL A 48 -13.72 11.91 -12.16
N CYS A 49 -13.60 11.88 -10.85
CA CYS A 49 -13.62 13.12 -10.06
C CYS A 49 -12.40 13.23 -9.13
N SER A 50 -11.42 12.35 -9.32
CA SER A 50 -10.21 12.35 -8.50
C SER A 50 -10.49 12.01 -7.04
N ASP A 51 -11.51 11.18 -6.81
CA ASP A 51 -11.84 10.74 -5.44
C ASP A 51 -11.18 9.41 -5.15
N MET A 52 -10.20 9.42 -4.24
CA MET A 52 -9.47 8.21 -3.90
C MET A 52 -9.68 7.79 -2.45
N PHE A 53 -9.73 6.48 -2.24
CA PHE A 53 -9.92 5.91 -0.91
C PHE A 53 -9.18 4.59 -0.75
N PRO A 54 -8.77 4.25 0.47
CA PRO A 54 -8.05 3.01 0.76
C PRO A 54 -8.92 1.77 0.65
N HIS A 55 -10.23 1.98 0.55
CA HIS A 55 -11.16 0.86 0.46
C HIS A 55 -11.75 0.74 -0.94
N LEU A 56 -11.94 -0.51 -1.36
CA LEU A 56 -12.53 -0.78 -2.67
C LEU A 56 -14.01 -0.41 -2.67
N ALA A 57 -14.67 -0.71 -1.56
CA ALA A 57 -16.08 -0.39 -1.43
C ALA A 57 -16.30 1.11 -1.54
N LEU A 58 -15.40 1.88 -0.95
CA LEU A 58 -15.49 3.32 -0.99
C LEU A 58 -15.40 3.83 -2.42
N LEU A 59 -14.39 3.37 -3.15
CA LEU A 59 -14.21 3.78 -4.54
C LEU A 59 -15.21 3.12 -5.47
N ASN A 60 -15.26 1.78 -5.41
CA ASN A 60 -16.15 1.04 -6.30
C ASN A 60 -17.58 1.55 -6.18
N ALA A 61 -18.04 1.75 -4.96
CA ALA A 61 -19.38 2.26 -4.75
C ALA A 61 -19.49 3.64 -5.38
N HIS A 62 -18.43 4.43 -5.21
CA HIS A 62 -18.37 5.77 -5.75
C HIS A 62 -18.48 5.74 -7.28
N LYS A 63 -17.71 4.86 -7.90
CA LYS A 63 -17.69 4.73 -9.35
C LYS A 63 -19.01 4.18 -9.89
N ARG A 64 -19.68 3.37 -9.08
CA ARG A 64 -20.95 2.78 -9.50
C ARG A 64 -21.96 3.87 -9.80
N MET A 65 -21.96 4.92 -8.98
CA MET A 65 -22.88 6.04 -9.18
C MET A 65 -22.50 6.84 -10.42
N HIS A 66 -21.20 6.85 -10.75
CA HIS A 66 -20.72 7.59 -11.91
C HIS A 66 -21.21 6.97 -13.21
N THR A 67 -21.21 5.64 -13.27
CA THR A 67 -21.66 4.93 -14.46
C THR A 67 -23.16 4.70 -14.44
N ASP A 68 -23.81 4.87 -15.59
CA ASP A 68 -25.24 4.67 -15.72
C ASP A 68 -25.56 3.64 -16.79
N GLY A 69 -24.59 2.78 -17.11
CA GLY A 69 -24.79 1.77 -18.13
C GLY A 69 -24.19 2.16 -19.47
N GLU A 70 -23.93 3.46 -19.65
CA GLU A 70 -23.36 3.96 -20.88
C GLU A 70 -22.02 4.65 -20.62
ZN ZN B . -15.56 9.88 -8.77
N ASN A 4 -18.63 -11.02 4.47
CA ASN A 4 -17.59 -10.00 4.71
C ASN A 4 -16.71 -9.80 3.48
N GLY A 5 -16.22 -10.90 2.94
CA GLY A 5 -15.36 -10.84 1.77
C GLY A 5 -14.76 -12.18 1.43
N MET A 6 -13.80 -12.19 0.50
CA MET A 6 -13.14 -13.42 0.09
C MET A 6 -11.64 -13.33 0.32
N PRO A 7 -11.21 -12.95 1.53
CA PRO A 7 -9.79 -12.85 1.86
C PRO A 7 -9.13 -14.22 2.00
N LEU A 8 -7.88 -14.32 1.56
CA LEU A 8 -7.14 -15.58 1.65
C LEU A 8 -5.95 -15.45 2.58
N ASN A 9 -5.93 -16.27 3.62
CA ASN A 9 -4.84 -16.26 4.59
C ASN A 9 -3.57 -16.82 3.97
N GLN A 10 -3.71 -17.87 3.18
CA GLN A 10 -2.56 -18.50 2.53
C GLN A 10 -2.40 -18.01 1.10
N GLY A 11 -1.15 -17.79 0.70
CA GLY A 11 -0.86 -17.32 -0.64
C GLY A 11 0.60 -16.99 -0.84
N ALA A 12 1.43 -18.02 -0.85
CA ALA A 12 2.87 -17.85 -1.04
C ALA A 12 3.56 -19.20 -1.24
N ALA A 13 4.59 -19.21 -2.08
CA ALA A 13 5.33 -20.43 -2.35
C ALA A 13 6.46 -20.18 -3.34
N LEU A 14 6.10 -19.72 -4.54
CA LEU A 14 7.08 -19.45 -5.58
C LEU A 14 7.61 -18.02 -5.45
N GLY A 15 8.94 -17.89 -5.47
CA GLY A 15 9.56 -16.58 -5.35
C GLY A 15 11.06 -16.65 -5.55
N ILE A 16 11.79 -16.86 -4.46
CA ILE A 16 13.25 -16.95 -4.51
C ILE A 16 13.68 -18.36 -4.89
N ALA A 17 14.71 -18.45 -5.73
CA ALA A 17 15.21 -19.75 -6.20
C ALA A 17 15.91 -20.52 -5.08
N THR A 18 15.12 -21.15 -4.23
CA THR A 18 15.63 -21.95 -3.11
C THR A 18 14.46 -22.58 -2.35
N VAL A 19 14.22 -23.86 -2.60
CA VAL A 19 13.12 -24.56 -1.95
C VAL A 19 13.62 -25.63 -0.98
N ASP A 20 13.07 -25.60 0.23
CA ASP A 20 13.43 -26.55 1.27
C ASP A 20 12.52 -27.78 1.20
N ALA A 21 12.68 -28.69 2.15
CA ALA A 21 11.87 -29.91 2.19
C ALA A 21 10.38 -29.58 2.30
N GLN A 22 10.06 -28.59 3.11
CA GLN A 22 8.67 -28.18 3.31
C GLN A 22 8.09 -27.52 2.07
N GLY A 23 8.96 -27.01 1.21
CA GLY A 23 8.50 -26.35 0.00
C GLY A 23 7.63 -27.23 -0.89
N ARG A 24 6.88 -26.59 -1.79
CA ARG A 24 5.99 -27.30 -2.70
C ARG A 24 6.77 -27.87 -3.89
N ILE A 25 6.07 -28.63 -4.72
CA ILE A 25 6.68 -29.24 -5.89
C ILE A 25 6.17 -28.60 -7.17
N GLN A 26 7.09 -28.19 -8.04
CA GLN A 26 6.72 -27.55 -9.30
C GLN A 26 6.82 -28.53 -10.47
N ILE A 27 5.80 -28.53 -11.31
CA ILE A 27 5.75 -29.42 -12.45
C ILE A 27 5.73 -28.63 -13.76
N VAL A 28 6.16 -29.28 -14.84
CA VAL A 28 6.19 -28.65 -16.15
C VAL A 28 5.70 -29.62 -17.22
N ASN A 29 4.44 -29.46 -17.61
CA ASN A 29 3.85 -30.32 -18.63
C ASN A 29 3.33 -29.51 -19.81
N GLN A 30 2.54 -28.48 -19.51
CA GLN A 30 1.97 -27.63 -20.55
C GLN A 30 2.89 -26.44 -20.87
N ASN A 31 2.61 -25.29 -20.27
CA ASN A 31 3.40 -24.09 -20.50
C ASN A 31 3.21 -23.08 -19.38
N LYS A 32 4.00 -22.00 -19.40
CA LYS A 32 3.91 -20.97 -18.38
C LYS A 32 2.97 -19.84 -18.81
N PRO A 33 1.83 -19.67 -18.13
CA PRO A 33 0.85 -18.64 -18.44
C PRO A 33 1.11 -17.34 -17.68
N ILE A 34 0.70 -16.22 -18.26
CA ILE A 34 0.88 -14.92 -17.61
C ILE A 34 -0.46 -14.21 -17.45
N ALA A 35 -0.73 -13.73 -16.23
CA ALA A 35 -1.98 -13.04 -15.96
C ALA A 35 -1.87 -12.14 -14.74
N ALA A 36 -2.06 -10.84 -14.93
CA ALA A 36 -1.99 -9.87 -13.84
C ALA A 36 -0.74 -10.08 -12.99
N ASN A 37 0.42 -10.11 -13.65
CA ASN A 37 1.68 -10.30 -12.95
C ASN A 37 1.92 -9.21 -11.92
N THR A 38 1.58 -7.98 -12.29
CA THR A 38 1.75 -6.84 -11.39
C THR A 38 0.89 -7.01 -10.14
N ILE A 39 1.50 -6.84 -8.97
CA ILE A 39 0.77 -6.97 -7.71
C ILE A 39 1.27 -5.97 -6.68
N SER A 40 1.12 -4.68 -6.99
CA SER A 40 1.54 -3.61 -6.08
C SER A 40 0.51 -3.39 -4.99
N ASN A 41 -0.76 -3.63 -5.31
CA ASN A 41 -1.85 -3.45 -4.35
C ASN A 41 -1.88 -2.02 -3.82
N ILE A 42 -1.99 -1.07 -4.74
CA ILE A 42 -2.04 0.34 -4.37
C ILE A 42 -3.48 0.81 -4.15
N SER A 43 -3.64 1.92 -3.44
CA SER A 43 -4.97 2.46 -3.16
C SER A 43 -5.70 2.80 -4.44
N PHE A 44 -7.00 2.52 -4.46
CA PHE A 44 -7.83 2.78 -5.63
C PHE A 44 -8.28 4.24 -5.69
N LYS A 45 -8.09 4.85 -6.86
CA LYS A 45 -8.45 6.25 -7.08
C LYS A 45 -9.56 6.37 -8.13
N CYS A 46 -10.41 7.39 -7.97
CA CYS A 46 -11.49 7.62 -8.91
C CYS A 46 -11.05 8.63 -9.97
N ASP A 47 -10.87 8.13 -11.19
CA ASP A 47 -10.43 8.97 -12.31
C ASP A 47 -11.51 9.95 -12.75
N VAL A 48 -12.76 9.66 -12.44
CA VAL A 48 -13.87 10.53 -12.83
C VAL A 48 -13.86 11.87 -12.09
N CYS A 49 -13.78 11.84 -10.77
CA CYS A 49 -13.77 13.06 -9.97
C CYS A 49 -12.58 13.14 -9.02
N SER A 50 -11.60 12.25 -9.21
CA SER A 50 -10.41 12.21 -8.38
C SER A 50 -10.71 11.84 -6.93
N ASP A 51 -11.78 11.08 -6.72
CA ASP A 51 -12.15 10.64 -5.37
C ASP A 51 -11.48 9.31 -5.07
N MET A 52 -10.46 9.35 -4.21
CA MET A 52 -9.72 8.14 -3.85
C MET A 52 -9.90 7.79 -2.38
N PHE A 53 -9.94 6.49 -2.10
CA PHE A 53 -10.11 6.01 -0.73
C PHE A 53 -9.25 4.77 -0.49
N PRO A 54 -8.89 4.52 0.78
CA PRO A 54 -8.07 3.36 1.14
C PRO A 54 -8.80 2.03 0.96
N HIS A 55 -10.10 2.10 0.71
CA HIS A 55 -10.91 0.90 0.53
C HIS A 55 -11.51 0.81 -0.85
N LEU A 56 -11.62 -0.44 -1.34
CA LEU A 56 -12.20 -0.70 -2.65
C LEU A 56 -13.70 -0.41 -2.63
N ALA A 57 -14.35 -0.80 -1.53
CA ALA A 57 -15.78 -0.60 -1.38
C ALA A 57 -16.12 0.89 -1.43
N LEU A 58 -15.27 1.69 -0.79
CA LEU A 58 -15.46 3.13 -0.76
C LEU A 58 -15.45 3.70 -2.18
N LEU A 59 -14.45 3.31 -2.95
CA LEU A 59 -14.30 3.77 -4.32
C LEU A 59 -15.34 3.13 -5.26
N ASN A 60 -15.38 1.81 -5.28
CA ASN A 60 -16.30 1.09 -6.16
C ASN A 60 -17.72 1.61 -5.98
N ALA A 61 -18.14 1.80 -4.75
CA ALA A 61 -19.47 2.33 -4.47
C ALA A 61 -19.60 3.72 -5.07
N HIS A 62 -18.53 4.49 -4.94
CA HIS A 62 -18.48 5.85 -5.46
C HIS A 62 -18.62 5.88 -6.99
N LYS A 63 -17.89 5.00 -7.66
CA LYS A 63 -17.90 4.94 -9.11
C LYS A 63 -19.23 4.45 -9.67
N ARG A 64 -19.96 3.66 -8.89
CA ARG A 64 -21.25 3.13 -9.34
C ARG A 64 -22.10 4.25 -9.94
N MET A 65 -22.10 5.40 -9.28
CA MET A 65 -22.85 6.56 -9.74
C MET A 65 -22.22 7.15 -11.00
N HIS A 66 -20.89 7.10 -11.07
CA HIS A 66 -20.15 7.67 -12.20
C HIS A 66 -20.36 6.89 -13.51
N THR A 67 -20.40 5.56 -13.43
CA THR A 67 -20.56 4.75 -14.63
C THR A 67 -22.03 4.62 -15.04
N ASP A 68 -22.42 5.38 -16.05
CA ASP A 68 -23.80 5.34 -16.55
C ASP A 68 -24.05 4.15 -17.48
N GLY A 69 -23.15 3.96 -18.45
CA GLY A 69 -23.33 2.86 -19.39
C GLY A 69 -22.26 1.78 -19.26
N GLU A 70 -22.67 0.53 -19.48
CA GLU A 70 -21.75 -0.60 -19.39
C GLU A 70 -22.33 -1.81 -20.12
ZN ZN B . -15.65 10.03 -8.39
N ASN A 4 1.54 -4.76 1.07
CA ASN A 4 2.60 -4.82 2.13
C ASN A 4 2.01 -4.61 3.52
N GLY A 5 1.16 -3.60 3.64
CA GLY A 5 0.54 -3.30 4.93
C GLY A 5 -0.39 -2.11 4.86
N MET A 6 -0.94 -1.74 6.01
CA MET A 6 -1.86 -0.60 6.08
C MET A 6 -1.10 0.71 5.86
N PRO A 7 -1.81 1.77 5.45
CA PRO A 7 -1.18 3.07 5.22
C PRO A 7 -0.40 3.57 6.43
N LEU A 8 0.92 3.54 6.32
CA LEU A 8 1.79 3.98 7.41
C LEU A 8 2.94 4.83 6.88
N ASN A 9 2.63 6.09 6.58
CA ASN A 9 3.63 7.02 6.06
C ASN A 9 4.37 7.74 7.20
N GLN A 10 3.74 7.80 8.37
CA GLN A 10 4.36 8.46 9.52
C GLN A 10 5.00 7.45 10.48
N GLY A 11 5.07 6.20 10.04
CA GLY A 11 5.67 5.16 10.86
C GLY A 11 4.91 4.94 12.16
N ALA A 12 5.47 4.10 13.02
CA ALA A 12 4.86 3.80 14.31
C ALA A 12 5.45 4.68 15.41
N ALA A 13 4.88 4.56 16.61
CA ALA A 13 5.35 5.34 17.75
C ALA A 13 6.81 5.06 18.05
N LEU A 14 7.14 3.77 18.14
CA LEU A 14 8.51 3.36 18.42
C LEU A 14 9.37 3.42 17.16
N GLY A 15 10.67 3.59 17.35
CA GLY A 15 11.59 3.67 16.22
C GLY A 15 12.43 2.42 16.06
N ILE A 16 13.74 2.56 16.29
CA ILE A 16 14.65 1.44 16.17
C ILE A 16 15.54 1.31 17.42
N ALA A 17 16.00 0.10 17.68
CA ALA A 17 16.86 -0.15 18.83
C ALA A 17 18.24 0.47 18.64
N THR A 18 19.03 0.50 19.69
CA THR A 18 20.37 1.07 19.63
C THR A 18 21.35 0.08 19.02
N VAL A 19 21.74 0.33 17.77
CA VAL A 19 22.66 -0.54 17.06
C VAL A 19 23.99 0.18 16.79
N ASP A 20 25.10 -0.46 17.15
CA ASP A 20 26.41 0.12 16.95
C ASP A 20 26.85 0.00 15.50
N ALA A 21 27.75 0.88 15.09
CA ALA A 21 28.27 0.88 13.73
C ALA A 21 29.16 -0.32 13.47
N GLN A 22 29.86 -0.75 14.52
CA GLN A 22 30.77 -1.89 14.41
C GLN A 22 30.00 -3.20 14.25
N GLY A 23 30.62 -4.15 13.55
CA GLY A 23 30.00 -5.45 13.35
C GLY A 23 29.15 -5.54 12.10
N ARG A 24 28.22 -4.59 11.93
CA ARG A 24 27.34 -4.60 10.77
C ARG A 24 27.67 -3.45 9.83
N ILE A 25 27.34 -3.62 8.56
CA ILE A 25 27.60 -2.58 7.56
C ILE A 25 26.66 -1.39 7.80
N GLN A 26 27.23 -0.19 7.84
CA GLN A 26 26.46 1.01 8.09
C GLN A 26 25.65 1.42 6.85
N ILE A 27 24.60 2.18 7.08
CA ILE A 27 23.73 2.64 6.00
C ILE A 27 24.33 3.83 5.26
N VAL A 28 24.35 3.75 3.94
CA VAL A 28 24.89 4.81 3.10
C VAL A 28 23.90 5.20 2.01
N ASN A 29 23.75 6.50 1.78
CA ASN A 29 22.82 7.00 0.76
C ASN A 29 23.53 7.90 -0.24
N GLN A 30 24.58 7.39 -0.86
CA GLN A 30 25.33 8.16 -1.84
C GLN A 30 25.49 7.40 -3.15
N ASN A 31 24.60 6.43 -3.39
CA ASN A 31 24.66 5.63 -4.61
C ASN A 31 23.25 5.30 -5.10
N LYS A 32 23.14 4.98 -6.39
CA LYS A 32 21.85 4.64 -6.98
C LYS A 32 21.61 3.13 -6.91
N PRO A 33 20.60 2.70 -6.13
CA PRO A 33 20.27 1.29 -5.99
C PRO A 33 19.46 0.77 -7.18
N ILE A 34 18.26 0.22 -6.93
CA ILE A 34 17.43 -0.29 -8.01
C ILE A 34 16.01 0.26 -7.92
N ALA A 35 15.29 0.23 -9.05
CA ALA A 35 13.93 0.73 -9.09
C ALA A 35 12.98 -0.17 -8.30
N ALA A 36 12.05 0.44 -7.58
CA ALA A 36 11.10 -0.30 -6.77
C ALA A 36 9.74 -0.37 -7.46
N ASN A 37 9.50 -1.48 -8.15
CA ASN A 37 8.24 -1.69 -8.86
C ASN A 37 7.36 -2.67 -8.10
N THR A 38 6.15 -2.23 -7.75
CA THR A 38 5.21 -3.07 -7.02
C THR A 38 3.88 -3.18 -7.76
N ILE A 39 3.81 -4.13 -8.69
CA ILE A 39 2.59 -4.34 -9.46
C ILE A 39 1.42 -4.78 -8.58
N SER A 40 1.71 -5.64 -7.62
CA SER A 40 0.69 -6.17 -6.71
C SER A 40 0.01 -5.07 -5.89
N ASN A 41 0.80 -4.09 -5.43
CA ASN A 41 0.26 -3.00 -4.62
C ASN A 41 -0.24 -1.85 -5.50
N ILE A 42 -1.56 -1.68 -5.54
CA ILE A 42 -2.16 -0.61 -6.33
C ILE A 42 -3.15 0.19 -5.49
N SER A 43 -3.02 1.52 -5.52
CA SER A 43 -3.92 2.39 -4.76
C SER A 43 -5.24 2.55 -5.51
N PHE A 44 -6.32 2.80 -4.77
CA PHE A 44 -7.63 2.96 -5.37
C PHE A 44 -8.06 4.43 -5.41
N LYS A 45 -7.79 5.08 -6.54
CA LYS A 45 -8.15 6.49 -6.73
C LYS A 45 -9.09 6.64 -7.92
N CYS A 46 -10.08 7.52 -7.77
CA CYS A 46 -11.03 7.75 -8.85
C CYS A 46 -10.54 8.90 -9.72
N ASP A 47 -9.98 8.55 -10.88
CA ASP A 47 -9.44 9.55 -11.80
C ASP A 47 -10.56 10.38 -12.44
N VAL A 48 -11.78 9.85 -12.43
CA VAL A 48 -12.90 10.56 -13.03
C VAL A 48 -13.17 11.88 -12.31
N CYS A 49 -13.26 11.83 -10.99
CA CYS A 49 -13.50 13.04 -10.19
C CYS A 49 -12.45 13.21 -9.09
N SER A 50 -11.39 12.42 -9.16
CA SER A 50 -10.30 12.48 -8.18
C SER A 50 -10.77 12.07 -6.78
N ASP A 51 -11.76 11.19 -6.74
CA ASP A 51 -12.27 10.70 -5.46
C ASP A 51 -11.51 9.43 -5.06
N MET A 52 -10.64 9.56 -4.07
CA MET A 52 -9.83 8.43 -3.64
C MET A 52 -10.18 8.01 -2.20
N PHE A 53 -10.13 6.71 -1.96
CA PHE A 53 -10.44 6.18 -0.64
C PHE A 53 -9.57 4.96 -0.34
N PRO A 54 -9.34 4.70 0.96
CA PRO A 54 -8.53 3.57 1.40
C PRO A 54 -9.30 2.25 1.33
N HIS A 55 -10.58 2.33 0.97
CA HIS A 55 -11.42 1.14 0.89
C HIS A 55 -11.86 0.85 -0.54
N LEU A 56 -11.93 -0.43 -0.86
CA LEU A 56 -12.36 -0.87 -2.19
C LEU A 56 -13.85 -0.59 -2.37
N ALA A 57 -14.61 -0.82 -1.32
CA ALA A 57 -16.05 -0.61 -1.35
C ALA A 57 -16.36 0.87 -1.57
N LEU A 58 -15.59 1.74 -0.93
CA LEU A 58 -15.77 3.16 -1.07
C LEU A 58 -15.59 3.60 -2.53
N LEU A 59 -14.50 3.17 -3.14
CA LEU A 59 -14.23 3.50 -4.53
C LEU A 59 -15.23 2.80 -5.45
N ASN A 60 -15.34 1.48 -5.31
CA ASN A 60 -16.24 0.71 -6.14
C ASN A 60 -17.66 1.27 -6.04
N ALA A 61 -18.07 1.56 -4.81
CA ALA A 61 -19.40 2.10 -4.57
C ALA A 61 -19.51 3.47 -5.23
N HIS A 62 -18.43 4.24 -5.13
CA HIS A 62 -18.38 5.58 -5.71
C HIS A 62 -18.58 5.51 -7.23
N LYS A 63 -17.92 4.56 -7.86
CA LYS A 63 -18.01 4.36 -9.29
C LYS A 63 -19.43 4.08 -9.74
N ARG A 64 -20.23 3.50 -8.85
CA ARG A 64 -21.62 3.18 -9.18
C ARG A 64 -22.35 4.41 -9.71
N MET A 65 -22.09 5.55 -9.10
CA MET A 65 -22.71 6.81 -9.51
C MET A 65 -22.23 7.23 -10.90
N HIS A 66 -20.97 6.94 -11.21
CA HIS A 66 -20.40 7.31 -12.50
C HIS A 66 -21.00 6.48 -13.64
N THR A 67 -21.58 5.33 -13.31
CA THR A 67 -22.19 4.47 -14.32
C THR A 67 -23.70 4.39 -14.15
N ASP A 68 -24.39 5.48 -14.46
CA ASP A 68 -25.84 5.53 -14.34
C ASP A 68 -26.49 5.80 -15.70
N GLY A 69 -25.70 5.64 -16.77
CA GLY A 69 -26.22 5.89 -18.11
C GLY A 69 -25.12 6.21 -19.09
N GLU A 70 -25.16 5.59 -20.26
CA GLU A 70 -24.16 5.83 -21.30
C GLU A 70 -24.76 6.56 -22.49
ZN ZN B . -15.45 9.70 -8.89
N ASN A 4 4.52 -14.48 10.92
CA ASN A 4 5.04 -13.54 9.89
C ASN A 4 5.86 -12.42 10.55
N GLY A 5 5.68 -11.17 10.10
CA GLY A 5 6.43 -10.07 10.69
C GLY A 5 7.53 -9.59 9.76
N MET A 6 7.72 -8.28 9.71
CA MET A 6 8.74 -7.69 8.86
C MET A 6 9.85 -7.06 9.70
N PRO A 7 11.11 -7.49 9.49
CA PRO A 7 12.25 -6.95 10.24
C PRO A 7 12.40 -5.44 10.07
N LEU A 8 12.78 -4.77 11.14
CA LEU A 8 12.98 -3.32 11.11
C LEU A 8 14.46 -2.97 11.27
N ASN A 9 14.81 -1.76 10.88
CA ASN A 9 16.20 -1.29 10.95
C ASN A 9 17.08 -2.03 9.95
N GLN A 10 16.45 -2.66 8.96
CA GLN A 10 17.18 -3.38 7.92
C GLN A 10 17.27 -2.52 6.65
N GLY A 11 16.88 -1.26 6.78
CA GLY A 11 16.93 -0.33 5.68
C GLY A 11 16.74 1.09 6.14
N ALA A 12 17.57 1.49 7.09
CA ALA A 12 17.52 2.85 7.64
C ALA A 12 18.48 3.77 6.91
N ALA A 13 18.05 5.01 6.69
CA ALA A 13 18.88 5.99 6.00
C ALA A 13 19.75 6.78 7.00
N LEU A 14 19.16 7.77 7.64
CA LEU A 14 19.88 8.59 8.61
C LEU A 14 19.94 7.91 9.99
N GLY A 15 20.91 8.34 10.80
CA GLY A 15 21.05 7.79 12.13
C GLY A 15 21.82 6.48 12.14
N ILE A 16 21.82 5.81 13.29
CA ILE A 16 22.52 4.54 13.43
C ILE A 16 21.71 3.41 12.81
N ALA A 17 22.37 2.54 12.05
CA ALA A 17 21.71 1.43 11.39
C ALA A 17 22.22 0.08 11.89
N THR A 18 21.34 -0.66 12.57
CA THR A 18 21.67 -1.97 13.08
C THR A 18 20.40 -2.77 13.35
N VAL A 19 20.43 -4.06 13.00
CA VAL A 19 19.27 -4.92 13.20
C VAL A 19 19.35 -5.62 14.55
N ASP A 20 18.21 -5.70 15.23
CA ASP A 20 18.16 -6.35 16.55
C ASP A 20 18.56 -7.82 16.44
N ALA A 21 18.78 -8.44 17.60
CA ALA A 21 19.18 -9.84 17.65
C ALA A 21 18.13 -10.74 17.00
N GLN A 22 16.87 -10.45 17.27
CA GLN A 22 15.78 -11.24 16.71
C GLN A 22 15.65 -11.03 15.21
N GLY A 23 15.38 -12.12 14.49
CA GLY A 23 15.23 -12.03 13.05
C GLY A 23 15.71 -13.30 12.36
N ARG A 24 15.36 -13.44 11.08
CA ARG A 24 15.77 -14.62 10.32
C ARG A 24 16.79 -14.24 9.25
N ILE A 25 17.67 -15.18 8.92
CA ILE A 25 18.71 -14.96 7.92
C ILE A 25 18.25 -15.40 6.54
N GLN A 26 18.22 -14.46 5.60
CA GLN A 26 17.81 -14.75 4.24
C GLN A 26 18.88 -15.58 3.54
N ILE A 27 18.44 -16.64 2.85
CA ILE A 27 19.35 -17.52 2.13
C ILE A 27 19.02 -17.54 0.65
N VAL A 28 20.03 -17.33 -0.19
CA VAL A 28 19.82 -17.33 -1.64
C VAL A 28 19.83 -18.76 -2.17
N ASN A 29 18.90 -19.04 -3.09
CA ASN A 29 18.80 -20.38 -3.67
C ASN A 29 18.40 -20.31 -5.14
N GLN A 30 17.50 -19.40 -5.48
CA GLN A 30 17.02 -19.26 -6.85
C GLN A 30 17.57 -17.98 -7.49
N ASN A 31 16.95 -16.84 -7.18
CA ASN A 31 17.37 -15.57 -7.74
C ASN A 31 17.40 -14.49 -6.67
N LYS A 32 17.85 -13.29 -7.06
CA LYS A 32 17.94 -12.16 -6.13
C LYS A 32 16.60 -11.93 -5.42
N PRO A 33 16.64 -11.58 -4.12
CA PRO A 33 15.42 -11.34 -3.35
C PRO A 33 14.62 -10.17 -3.89
N ILE A 34 13.30 -10.38 -4.04
CA ILE A 34 12.43 -9.35 -4.55
C ILE A 34 11.22 -9.17 -3.64
N ALA A 35 10.99 -7.94 -3.19
CA ALA A 35 9.87 -7.64 -2.30
C ALA A 35 8.57 -7.55 -3.09
N ALA A 36 7.52 -8.19 -2.57
CA ALA A 36 6.22 -8.18 -3.21
C ALA A 36 5.35 -7.05 -2.67
N ASN A 37 4.47 -6.52 -3.51
CA ASN A 37 3.58 -5.44 -3.11
C ASN A 37 2.40 -5.98 -2.31
N THR A 38 2.29 -5.56 -1.07
CA THR A 38 1.20 -6.01 -0.20
C THR A 38 -0.07 -5.23 -0.48
N ILE A 39 -1.20 -5.90 -0.40
CA ILE A 39 -2.49 -5.27 -0.64
C ILE A 39 -3.19 -4.94 0.68
N SER A 40 -2.69 -3.91 1.36
CA SER A 40 -3.26 -3.47 2.62
C SER A 40 -3.29 -1.96 2.69
N ASN A 41 -2.15 -1.33 2.38
CA ASN A 41 -2.05 0.12 2.40
C ASN A 41 -1.92 0.67 0.98
N ILE A 42 -2.90 0.32 0.15
CA ILE A 42 -2.91 0.77 -1.24
C ILE A 42 -4.02 1.79 -1.45
N SER A 43 -3.77 2.75 -2.33
CA SER A 43 -4.73 3.80 -2.61
C SER A 43 -5.54 3.56 -3.87
N PHE A 44 -6.86 3.56 -3.74
CA PHE A 44 -7.76 3.38 -4.86
C PHE A 44 -8.25 4.76 -5.31
N LYS A 45 -7.80 5.21 -6.47
CA LYS A 45 -8.16 6.53 -6.97
C LYS A 45 -9.15 6.48 -8.13
N CYS A 46 -10.08 7.42 -8.12
CA CYS A 46 -11.07 7.54 -9.18
C CYS A 46 -10.66 8.64 -10.16
N ASP A 47 -10.46 8.26 -11.42
CA ASP A 47 -10.03 9.21 -12.45
C ASP A 47 -11.16 10.15 -12.88
N VAL A 48 -12.40 9.77 -12.61
CA VAL A 48 -13.55 10.59 -13.02
C VAL A 48 -13.59 11.93 -12.28
N CYS A 49 -13.50 11.89 -10.96
CA CYS A 49 -13.54 13.12 -10.16
C CYS A 49 -12.35 13.21 -9.20
N SER A 50 -11.37 12.34 -9.39
CA SER A 50 -10.19 12.32 -8.52
C SER A 50 -10.54 11.93 -7.09
N ASP A 51 -11.55 11.07 -6.94
CA ASP A 51 -11.96 10.60 -5.62
C ASP A 51 -11.25 9.29 -5.31
N MET A 52 -10.38 9.33 -4.31
CA MET A 52 -9.59 8.16 -3.94
C MET A 52 -9.86 7.71 -2.50
N PHE A 53 -9.88 6.39 -2.30
CA PHE A 53 -10.13 5.81 -0.97
C PHE A 53 -9.33 4.52 -0.77
N PRO A 54 -9.05 4.18 0.50
CA PRO A 54 -8.29 2.97 0.84
C PRO A 54 -9.12 1.69 0.72
N HIS A 55 -10.42 1.84 0.53
CA HIS A 55 -11.32 0.69 0.42
C HIS A 55 -11.87 0.51 -0.97
N LEU A 56 -12.10 -0.74 -1.34
CA LEU A 56 -12.66 -1.08 -2.64
C LEU A 56 -14.12 -0.65 -2.67
N ALA A 57 -14.81 -0.87 -1.56
CA ALA A 57 -16.22 -0.51 -1.46
C ALA A 57 -16.40 0.99 -1.67
N LEU A 58 -15.55 1.78 -1.05
CA LEU A 58 -15.62 3.23 -1.20
C LEU A 58 -15.45 3.63 -2.66
N LEU A 59 -14.41 3.11 -3.30
CA LEU A 59 -14.15 3.40 -4.70
C LEU A 59 -15.19 2.75 -5.60
N ASN A 60 -15.40 1.46 -5.42
CA ASN A 60 -16.35 0.71 -6.22
C ASN A 60 -17.74 1.32 -6.10
N ALA A 61 -18.13 1.62 -4.87
CA ALA A 61 -19.42 2.23 -4.63
C ALA A 61 -19.46 3.61 -5.27
N HIS A 62 -18.34 4.30 -5.17
CA HIS A 62 -18.20 5.63 -5.73
C HIS A 62 -18.41 5.59 -7.24
N LYS A 63 -17.71 4.65 -7.89
CA LYS A 63 -17.80 4.49 -9.34
C LYS A 63 -19.23 4.16 -9.77
N ARG A 64 -19.97 3.46 -8.91
CA ARG A 64 -21.34 3.09 -9.24
C ARG A 64 -22.17 4.34 -9.49
N MET A 65 -21.88 5.39 -8.72
CA MET A 65 -22.56 6.66 -8.88
C MET A 65 -22.17 7.34 -10.19
N HIS A 66 -20.93 7.11 -10.63
CA HIS A 66 -20.44 7.72 -11.86
C HIS A 66 -21.15 7.15 -13.10
N THR A 67 -21.39 5.84 -13.10
CA THR A 67 -22.05 5.20 -14.23
C THR A 67 -22.42 3.75 -13.91
N ASP A 68 -23.55 3.31 -14.45
CA ASP A 68 -24.02 1.95 -14.23
C ASP A 68 -24.19 1.21 -15.57
N GLY A 69 -23.41 1.62 -16.56
CA GLY A 69 -23.50 1.00 -17.88
C GLY A 69 -22.56 -0.18 -18.05
N GLU A 70 -22.33 -0.92 -16.96
CA GLU A 70 -21.45 -2.09 -17.01
C GLU A 70 -22.23 -3.34 -17.35
ZN ZN B . -14.95 9.66 -8.78
N ASN A 4 0.07 -6.18 3.24
CA ASN A 4 -0.43 -7.25 4.14
C ASN A 4 0.14 -8.61 3.75
N GLY A 5 0.74 -9.28 4.74
CA GLY A 5 1.32 -10.59 4.48
C GLY A 5 2.83 -10.56 4.52
N MET A 6 3.39 -10.50 5.74
CA MET A 6 4.84 -10.46 5.91
C MET A 6 5.47 -11.80 5.53
N PRO A 7 6.45 -11.79 4.61
CA PRO A 7 7.14 -13.01 4.18
C PRO A 7 8.37 -13.32 5.03
N LEU A 8 8.95 -14.49 4.80
CA LEU A 8 10.14 -14.91 5.54
C LEU A 8 11.14 -15.61 4.62
N ASN A 9 11.80 -14.83 3.77
CA ASN A 9 12.78 -15.38 2.85
C ASN A 9 14.15 -14.77 3.11
N GLN A 10 14.19 -13.44 3.20
CA GLN A 10 15.43 -12.72 3.46
C GLN A 10 15.18 -11.57 4.43
N GLY A 11 15.99 -11.48 5.47
CA GLY A 11 15.85 -10.44 6.48
C GLY A 11 15.34 -9.11 5.94
N ALA A 12 14.02 -8.94 5.97
CA ALA A 12 13.39 -7.72 5.48
C ALA A 12 12.24 -7.31 6.39
N ALA A 13 12.18 -6.04 6.75
CA ALA A 13 11.12 -5.55 7.62
C ALA A 13 11.16 -4.04 7.82
N LEU A 14 12.18 -3.56 8.53
CA LEU A 14 12.30 -2.13 8.80
C LEU A 14 13.49 -1.50 8.06
N GLY A 15 13.96 -2.15 7.00
CA GLY A 15 15.07 -1.60 6.25
C GLY A 15 16.00 -2.65 5.68
N ILE A 16 17.27 -2.28 5.57
CA ILE A 16 18.30 -3.16 5.03
C ILE A 16 18.84 -4.13 6.08
N ALA A 17 19.12 -5.36 5.65
CA ALA A 17 19.67 -6.38 6.54
C ALA A 17 21.18 -6.47 6.37
N THR A 18 21.85 -7.10 7.34
CA THR A 18 23.30 -7.24 7.28
C THR A 18 23.75 -8.67 7.51
N VAL A 19 24.76 -9.09 6.74
CA VAL A 19 25.31 -10.43 6.86
C VAL A 19 26.79 -10.36 7.22
N ASP A 20 27.16 -11.01 8.31
CA ASP A 20 28.55 -11.00 8.77
C ASP A 20 29.02 -12.40 9.11
N ALA A 21 30.27 -12.51 9.54
CA ALA A 21 30.86 -13.80 9.90
C ALA A 21 30.07 -14.44 11.04
N GLN A 22 29.65 -13.63 12.00
CA GLN A 22 28.88 -14.12 13.13
C GLN A 22 27.45 -14.43 12.70
N GLY A 23 27.16 -15.72 12.51
CA GLY A 23 25.84 -16.13 12.08
C GLY A 23 25.90 -17.29 11.09
N ARG A 24 24.81 -18.04 11.02
CA ARG A 24 24.72 -19.18 10.13
C ARG A 24 23.70 -18.93 9.03
N ILE A 25 24.02 -19.35 7.81
CA ILE A 25 23.11 -19.18 6.69
C ILE A 25 22.20 -20.40 6.58
N GLN A 26 20.90 -20.18 6.76
CA GLN A 26 19.92 -21.26 6.71
C GLN A 26 19.49 -21.54 5.27
N ILE A 27 19.29 -22.83 4.97
CA ILE A 27 18.87 -23.24 3.64
C ILE A 27 17.39 -22.94 3.44
N VAL A 28 17.03 -22.49 2.24
CA VAL A 28 15.64 -22.16 1.93
C VAL A 28 14.96 -23.30 1.19
N ASN A 29 13.70 -23.55 1.54
CA ASN A 29 12.92 -24.62 0.91
C ASN A 29 12.45 -24.19 -0.47
N GLN A 30 11.74 -25.08 -1.16
CA GLN A 30 11.24 -24.78 -2.51
C GLN A 30 9.74 -24.55 -2.51
N ASN A 31 9.25 -23.77 -1.55
CA ASN A 31 7.84 -23.45 -1.45
C ASN A 31 7.45 -22.37 -2.44
N LYS A 32 6.29 -22.54 -3.09
CA LYS A 32 5.81 -21.57 -4.09
C LYS A 32 5.60 -20.19 -3.48
N PRO A 33 5.78 -19.12 -4.28
CA PRO A 33 5.62 -17.73 -3.84
C PRO A 33 4.16 -17.33 -3.56
N ILE A 34 3.98 -16.42 -2.60
CA ILE A 34 2.67 -15.92 -2.23
C ILE A 34 2.77 -14.99 -1.01
N ALA A 35 1.77 -14.11 -0.86
CA ALA A 35 1.75 -13.17 0.26
C ALA A 35 2.89 -12.17 0.16
N ALA A 36 2.98 -11.50 -0.97
CA ALA A 36 4.01 -10.50 -1.22
C ALA A 36 3.89 -9.92 -2.62
N ASN A 37 2.77 -9.24 -2.89
CA ASN A 37 2.53 -8.64 -4.19
C ASN A 37 2.23 -7.15 -4.08
N THR A 38 2.85 -6.37 -4.95
CA THR A 38 2.64 -4.93 -4.97
C THR A 38 2.45 -4.40 -6.39
N ILE A 39 2.24 -5.33 -7.32
CA ILE A 39 2.03 -4.97 -8.72
C ILE A 39 0.54 -4.88 -9.06
N SER A 40 -0.22 -5.89 -8.67
CA SER A 40 -1.65 -5.93 -8.94
C SER A 40 -2.47 -5.22 -7.86
N ASN A 41 -1.94 -5.18 -6.64
CA ASN A 41 -2.65 -4.54 -5.54
C ASN A 41 -2.14 -3.12 -5.32
N ILE A 42 -2.89 -2.14 -5.81
CA ILE A 42 -2.52 -0.74 -5.69
C ILE A 42 -3.70 0.10 -5.17
N SER A 43 -3.38 1.29 -4.65
CA SER A 43 -4.40 2.18 -4.11
C SER A 43 -5.50 2.42 -5.15
N PHE A 44 -6.71 2.67 -4.67
CA PHE A 44 -7.84 2.89 -5.55
C PHE A 44 -8.22 4.37 -5.64
N LYS A 45 -8.16 4.91 -6.86
CA LYS A 45 -8.48 6.30 -7.13
C LYS A 45 -9.53 6.43 -8.23
N CYS A 46 -10.39 7.44 -8.13
CA CYS A 46 -11.43 7.66 -9.13
C CYS A 46 -11.02 8.74 -10.11
N ASP A 47 -10.88 8.35 -11.38
CA ASP A 47 -10.46 9.29 -12.43
C ASP A 47 -11.55 10.30 -12.77
N VAL A 48 -12.81 9.96 -12.51
CA VAL A 48 -13.92 10.85 -12.83
C VAL A 48 -13.88 12.15 -12.03
N CYS A 49 -13.75 12.06 -10.72
CA CYS A 49 -13.71 13.26 -9.88
C CYS A 49 -12.49 13.27 -8.95
N SER A 50 -11.54 12.36 -9.21
CA SER A 50 -10.33 12.27 -8.39
C SER A 50 -10.66 11.87 -6.95
N ASP A 51 -11.73 11.12 -6.78
CA ASP A 51 -12.13 10.64 -5.47
C ASP A 51 -11.44 9.31 -5.17
N MET A 52 -10.50 9.34 -4.24
CA MET A 52 -9.75 8.15 -3.87
C MET A 52 -9.95 7.81 -2.40
N PHE A 53 -10.03 6.52 -2.11
CA PHE A 53 -10.22 6.06 -0.74
C PHE A 53 -9.42 4.80 -0.46
N PRO A 54 -9.03 4.59 0.79
CA PRO A 54 -8.25 3.41 1.20
C PRO A 54 -9.07 2.13 1.14
N HIS A 55 -10.38 2.25 0.94
CA HIS A 55 -11.24 1.09 0.89
C HIS A 55 -11.79 0.86 -0.52
N LEU A 56 -11.91 -0.40 -0.88
CA LEU A 56 -12.45 -0.79 -2.19
C LEU A 56 -13.94 -0.50 -2.26
N ALA A 57 -14.63 -0.76 -1.15
CA ALA A 57 -16.05 -0.52 -1.08
C ALA A 57 -16.35 0.97 -1.27
N LEU A 58 -15.50 1.80 -0.67
CA LEU A 58 -15.66 3.24 -0.78
C LEU A 58 -15.58 3.70 -2.24
N LEU A 59 -14.54 3.25 -2.94
CA LEU A 59 -14.36 3.62 -4.33
C LEU A 59 -15.35 2.93 -5.26
N ASN A 60 -15.42 1.61 -5.18
CA ASN A 60 -16.30 0.83 -6.05
C ASN A 60 -17.73 1.37 -6.00
N ALA A 61 -18.20 1.63 -4.79
CA ALA A 61 -19.54 2.17 -4.62
C ALA A 61 -19.62 3.57 -5.21
N HIS A 62 -18.56 4.34 -5.00
CA HIS A 62 -18.46 5.70 -5.48
C HIS A 62 -18.55 5.76 -7.00
N LYS A 63 -17.77 4.93 -7.67
CA LYS A 63 -17.74 4.90 -9.14
C LYS A 63 -19.03 4.39 -9.73
N ARG A 64 -19.76 3.55 -9.00
CA ARG A 64 -21.02 3.00 -9.50
C ARG A 64 -21.90 4.14 -10.02
N MET A 65 -21.94 5.24 -9.28
CA MET A 65 -22.72 6.39 -9.67
C MET A 65 -22.09 7.07 -10.89
N HIS A 66 -20.76 7.09 -10.92
CA HIS A 66 -20.02 7.71 -12.01
C HIS A 66 -20.18 6.95 -13.33
N THR A 67 -20.18 5.62 -13.25
CA THR A 67 -20.31 4.80 -14.45
C THR A 67 -21.73 4.30 -14.66
N ASP A 68 -22.29 4.62 -15.83
CA ASP A 68 -23.65 4.19 -16.16
C ASP A 68 -23.64 3.20 -17.32
N GLY A 69 -22.71 3.38 -18.26
CA GLY A 69 -22.63 2.47 -19.39
C GLY A 69 -22.81 3.16 -20.74
N GLU A 70 -21.88 4.05 -21.09
CA GLU A 70 -21.95 4.77 -22.37
C GLU A 70 -20.63 4.69 -23.13
ZN ZN B . -15.45 9.62 -8.29
N ASN A 4 -0.07 -10.48 6.37
CA ASN A 4 -0.52 -10.48 7.79
C ASN A 4 0.46 -11.25 8.68
N GLY A 5 1.13 -12.24 8.12
CA GLY A 5 2.07 -13.03 8.88
C GLY A 5 3.50 -12.49 8.77
N MET A 6 3.74 -11.67 7.77
CA MET A 6 5.06 -11.08 7.55
C MET A 6 5.09 -9.64 8.05
N PRO A 7 6.10 -9.27 8.85
CA PRO A 7 6.22 -7.92 9.39
C PRO A 7 6.11 -6.85 8.29
N LEU A 8 5.02 -6.09 8.32
CA LEU A 8 4.79 -5.04 7.35
C LEU A 8 3.91 -3.95 7.93
N ASN A 9 4.39 -2.71 7.92
CA ASN A 9 3.63 -1.58 8.47
C ASN A 9 3.94 -0.28 7.72
N GLN A 10 2.89 0.33 7.19
CA GLN A 10 3.03 1.60 6.46
C GLN A 10 4.13 1.51 5.40
N GLY A 11 4.21 0.37 4.72
CA GLY A 11 5.22 0.20 3.70
C GLY A 11 6.62 0.37 4.25
N ALA A 12 7.56 0.73 3.38
CA ALA A 12 8.94 0.94 3.79
C ALA A 12 9.72 1.74 2.76
N ALA A 13 10.83 2.33 3.20
CA ALA A 13 11.67 3.12 2.32
C ALA A 13 12.96 3.54 3.02
N LEU A 14 12.82 4.40 4.03
CA LEU A 14 13.96 4.87 4.80
C LEU A 14 14.51 3.77 5.70
N GLY A 15 15.84 3.68 5.80
CA GLY A 15 16.45 2.67 6.63
C GLY A 15 17.89 2.36 6.22
N ILE A 16 18.47 1.34 6.82
CA ILE A 16 19.82 0.94 6.51
C ILE A 16 19.88 -0.53 6.10
N ALA A 17 20.68 -0.84 5.07
CA ALA A 17 20.80 -2.20 4.59
C ALA A 17 22.25 -2.68 4.59
N THR A 18 22.79 -2.91 5.78
CA THR A 18 24.17 -3.39 5.92
C THR A 18 24.21 -4.63 6.81
N VAL A 19 24.81 -5.70 6.30
CA VAL A 19 24.91 -6.95 7.05
C VAL A 19 26.35 -7.25 7.47
N ASP A 20 26.50 -7.75 8.68
CA ASP A 20 27.81 -8.09 9.22
C ASP A 20 28.06 -9.60 9.08
N ALA A 21 29.04 -10.11 9.82
CA ALA A 21 29.36 -11.54 9.78
C ALA A 21 28.14 -12.35 10.19
N GLN A 22 27.32 -11.78 11.06
CA GLN A 22 26.12 -12.45 11.55
C GLN A 22 24.89 -11.92 10.80
N GLY A 23 24.05 -12.83 10.31
CA GLY A 23 22.87 -12.41 9.58
C GLY A 23 21.82 -13.51 9.48
N ARG A 24 20.80 -13.25 8.66
CA ARG A 24 19.71 -14.21 8.45
C ARG A 24 20.11 -15.31 7.47
N ILE A 25 19.39 -16.42 7.52
CA ILE A 25 19.65 -17.55 6.62
C ILE A 25 18.83 -17.41 5.34
N GLN A 26 19.53 -17.34 4.21
CA GLN A 26 18.85 -17.20 2.93
C GLN A 26 19.49 -18.12 1.88
N ILE A 27 18.63 -18.87 1.19
CA ILE A 27 19.09 -19.78 0.15
C ILE A 27 18.54 -19.35 -1.20
N VAL A 28 19.42 -19.24 -2.19
CA VAL A 28 19.00 -18.81 -3.52
C VAL A 28 19.99 -19.23 -4.61
N ASN A 29 19.70 -20.35 -5.27
CA ASN A 29 20.53 -20.83 -6.36
C ASN A 29 19.95 -20.34 -7.69
N GLN A 30 18.88 -21.00 -8.12
CA GLN A 30 18.18 -20.62 -9.33
C GLN A 30 16.89 -19.92 -8.95
N ASN A 31 17.00 -18.66 -8.54
CA ASN A 31 15.85 -17.89 -8.11
C ASN A 31 14.69 -17.99 -9.10
N LYS A 32 13.49 -18.18 -8.56
CA LYS A 32 12.29 -18.30 -9.37
C LYS A 32 11.95 -16.94 -9.99
N PRO A 33 11.64 -16.91 -11.29
CA PRO A 33 11.30 -15.66 -11.97
C PRO A 33 10.08 -14.99 -11.36
N ILE A 34 10.31 -14.24 -10.29
CA ILE A 34 9.23 -13.53 -9.61
C ILE A 34 9.38 -12.03 -9.85
N ALA A 35 8.45 -11.46 -10.60
CA ALA A 35 8.50 -10.04 -10.90
C ALA A 35 7.17 -9.35 -10.65
N ALA A 36 7.23 -8.05 -10.37
CA ALA A 36 6.04 -7.26 -10.10
C ALA A 36 5.94 -6.09 -11.09
N ASN A 37 5.15 -5.09 -10.74
CA ASN A 37 4.97 -3.92 -11.60
C ASN A 37 5.31 -2.64 -10.83
N THR A 38 4.74 -1.51 -11.26
CA THR A 38 5.00 -0.24 -10.61
C THR A 38 4.25 -0.15 -9.27
N ILE A 39 5.01 -0.10 -8.18
CA ILE A 39 4.41 -0.02 -6.86
C ILE A 39 4.70 1.32 -6.21
N SER A 40 3.69 2.18 -6.15
CA SER A 40 3.82 3.50 -5.54
C SER A 40 2.84 3.66 -4.38
N ASN A 41 1.70 4.30 -4.64
CA ASN A 41 0.68 4.49 -3.62
C ASN A 41 -0.21 3.25 -3.53
N ILE A 42 -0.39 2.74 -2.32
CA ILE A 42 -1.21 1.55 -2.12
C ILE A 42 -2.66 1.92 -1.80
N SER A 43 -3.29 2.63 -2.73
CA SER A 43 -4.68 3.04 -2.57
C SER A 43 -5.36 3.19 -3.92
N PHE A 44 -6.66 2.92 -3.96
CA PHE A 44 -7.43 3.02 -5.19
C PHE A 44 -8.00 4.44 -5.36
N LYS A 45 -7.75 5.05 -6.52
CA LYS A 45 -8.20 6.41 -6.79
C LYS A 45 -9.14 6.45 -8.00
N CYS A 46 -10.17 7.29 -7.90
CA CYS A 46 -11.15 7.44 -8.99
C CYS A 46 -10.64 8.47 -10.00
N ASP A 47 -10.33 8.02 -11.21
CA ASP A 47 -9.81 8.88 -12.25
C ASP A 47 -10.87 9.86 -12.78
N VAL A 48 -12.14 9.52 -12.64
CA VAL A 48 -13.21 10.37 -13.15
C VAL A 48 -13.26 11.73 -12.45
N CYS A 49 -13.27 11.72 -11.12
CA CYS A 49 -13.33 12.96 -10.35
C CYS A 49 -12.21 13.03 -9.31
N SER A 50 -11.22 12.14 -9.44
CA SER A 50 -10.10 12.08 -8.51
C SER A 50 -10.57 11.73 -7.10
N ASP A 51 -11.60 10.88 -7.02
CA ASP A 51 -12.14 10.44 -5.73
C ASP A 51 -11.47 9.14 -5.29
N MET A 52 -10.56 9.25 -4.33
CA MET A 52 -9.83 8.09 -3.83
C MET A 52 -10.19 7.82 -2.38
N PHE A 53 -10.23 6.54 -2.02
CA PHE A 53 -10.57 6.14 -0.67
C PHE A 53 -9.71 4.98 -0.18
N PRO A 54 -9.55 4.87 1.13
CA PRO A 54 -8.76 3.80 1.76
C PRO A 54 -9.33 2.41 1.47
N HIS A 55 -10.61 2.37 1.10
CA HIS A 55 -11.27 1.10 0.82
C HIS A 55 -11.59 0.94 -0.65
N LEU A 56 -11.51 -0.30 -1.10
CA LEU A 56 -11.83 -0.64 -2.49
C LEU A 56 -13.33 -0.52 -2.71
N ALA A 57 -14.10 -0.94 -1.72
CA ALA A 57 -15.55 -0.87 -1.79
C ALA A 57 -16.01 0.57 -1.95
N LEU A 58 -15.36 1.49 -1.23
CA LEU A 58 -15.71 2.90 -1.32
C LEU A 58 -15.53 3.40 -2.74
N LEU A 59 -14.38 3.11 -3.33
CA LEU A 59 -14.11 3.54 -4.70
C LEU A 59 -15.03 2.85 -5.70
N ASN A 60 -15.10 1.51 -5.61
CA ASN A 60 -15.93 0.74 -6.52
C ASN A 60 -17.37 1.21 -6.47
N ALA A 61 -17.85 1.44 -5.25
CA ALA A 61 -19.21 1.91 -5.04
C ALA A 61 -19.37 3.32 -5.59
N HIS A 62 -18.33 4.11 -5.44
CA HIS A 62 -18.31 5.49 -5.90
C HIS A 62 -18.53 5.57 -7.41
N LYS A 63 -17.76 4.77 -8.15
CA LYS A 63 -17.88 4.76 -9.61
C LYS A 63 -19.27 4.35 -10.06
N ARG A 64 -19.90 3.46 -9.31
CA ARG A 64 -21.24 3.00 -9.65
C ARG A 64 -22.19 4.20 -9.67
N MET A 65 -21.92 5.14 -8.78
CA MET A 65 -22.72 6.36 -8.68
C MET A 65 -22.53 7.25 -9.90
N HIS A 66 -21.36 7.19 -10.51
CA HIS A 66 -21.06 8.03 -11.68
C HIS A 66 -21.91 7.64 -12.88
N THR A 67 -22.12 6.35 -13.09
CA THR A 67 -22.92 5.89 -14.23
C THR A 67 -24.35 5.56 -13.81
N ASP A 68 -25.29 5.84 -14.70
CA ASP A 68 -26.70 5.57 -14.44
C ASP A 68 -27.26 4.53 -15.41
N GLY A 69 -26.38 3.63 -15.85
CA GLY A 69 -26.80 2.59 -16.78
C GLY A 69 -28.06 1.87 -16.35
N GLU A 70 -29.17 2.13 -17.05
CA GLU A 70 -30.44 1.51 -16.74
C GLU A 70 -31.30 1.39 -17.99
ZN ZN B . -15.33 9.54 -8.77
#